data_3NFG
#
_entry.id   3NFG
#
_cell.length_a   69.426
_cell.length_b   132.920
_cell.length_c   118.286
_cell.angle_alpha   90.00
_cell.angle_beta   102.84
_cell.angle_gamma   90.00
#
_symmetry.space_group_name_H-M   'P 1 21 1'
#
loop_
_entity.id
_entity.type
_entity.pdbx_description
1 polymer 'DNA-directed RNA polymerase I subunit RPA49'
2 polymer 'DNA-directed RNA polymerase I subunit RPA34'
3 water water
#
loop_
_entity_poly.entity_id
_entity_poly.type
_entity_poly.pdbx_seq_one_letter_code
_entity_poly.pdbx_strand_id
1 'polypeptide(L)'
;GSHMGEKRSIAIDSYQEDPSVVVSNFFKGVRVPKDTEFQLYKKRKQDQFVLHGENERLEYDGETDELTTKTNQY(MSE)V
GLYDKQSGKINLYRAPVVTSKIVSKF
;
A,C,E,G,I,K,M,O
2 'polypeptide(L)'
;(MSE)GMGYQPPSDYKQCKHLKSFPVSELKGDNKELWL(MSE)KVPANIDISQLKSLPLDTDATVSTVELGSKNFNVLQN
TSTQEGSDNTNLSLLIPSEKKKETLKVATSKDNKSVYFDRVFTISETARIP
;
B,D,F,H,J,L,N,P
#
# COMPACT_ATOMS: atom_id res chain seq x y z
N ARG A 8 14.21 -41.85 14.70
CA ARG A 8 14.04 -40.90 15.82
C ARG A 8 15.07 -39.73 15.73
N SER A 9 14.58 -38.57 15.26
CA SER A 9 15.32 -37.34 14.96
C SER A 9 14.39 -36.14 15.10
N ILE A 10 14.73 -35.16 15.97
CA ILE A 10 13.93 -33.96 16.19
C ILE A 10 14.15 -32.96 15.04
N ALA A 11 13.08 -32.52 14.36
CA ALA A 11 13.15 -31.54 13.29
C ALA A 11 13.28 -30.10 13.81
N ILE A 12 14.23 -29.33 13.24
CA ILE A 12 14.45 -27.93 13.62
C ILE A 12 13.54 -27.09 12.73
N ASP A 13 12.48 -26.55 13.32
CA ASP A 13 11.49 -25.71 12.64
C ASP A 13 12.01 -24.28 12.42
N SER A 14 12.80 -23.75 13.38
CA SER A 14 13.38 -22.42 13.35
C SER A 14 14.59 -22.32 14.30
N TYR A 15 15.59 -21.47 13.98
CA TYR A 15 16.74 -21.24 14.84
C TYR A 15 16.95 -19.73 14.94
N GLN A 16 16.91 -19.17 16.19
CA GLN A 16 17.14 -17.74 16.40
C GLN A 16 18.52 -17.52 17.02
N GLU A 17 19.43 -16.87 16.28
CA GLU A 17 20.80 -16.60 16.74
C GLU A 17 20.94 -15.35 17.59
N ASP A 18 20.10 -14.31 17.32
CA ASP A 18 20.12 -13.03 18.01
C ASP A 18 19.51 -13.10 19.43
N PRO A 19 19.86 -12.20 20.39
CA PRO A 19 19.25 -12.29 21.74
C PRO A 19 17.74 -12.13 21.75
N SER A 20 17.10 -12.94 22.57
CA SER A 20 15.65 -12.93 22.75
C SER A 20 15.38 -13.18 24.23
N VAL A 21 15.64 -14.40 24.71
CA VAL A 21 15.45 -14.79 26.11
C VAL A 21 16.77 -14.84 26.88
N VAL A 22 16.68 -14.83 28.21
CA VAL A 22 17.83 -14.90 29.12
C VAL A 22 17.64 -16.06 30.10
N VAL A 23 18.67 -16.88 30.31
CA VAL A 23 18.59 -17.93 31.31
C VAL A 23 19.41 -17.39 32.49
N SER A 24 18.74 -17.10 33.58
CA SER A 24 19.39 -16.62 34.79
C SER A 24 19.56 -17.79 35.72
N ASN A 25 20.68 -17.83 36.42
CA ASN A 25 21.01 -18.88 37.37
C ASN A 25 21.24 -18.25 38.74
N PHE A 26 20.32 -18.50 39.68
CA PHE A 26 20.47 -18.01 41.05
C PHE A 26 20.85 -19.18 41.93
N PHE A 27 19.93 -19.62 42.78
CA PHE A 27 20.10 -20.74 43.69
C PHE A 27 18.82 -21.55 43.65
N LYS A 28 18.87 -22.82 44.10
CA LYS A 28 17.69 -23.70 44.07
C LYS A 28 16.62 -23.16 45.01
N GLY A 29 15.42 -23.01 44.47
CA GLY A 29 14.26 -22.50 45.20
C GLY A 29 14.06 -21.00 45.16
N VAL A 30 14.79 -20.30 44.28
CA VAL A 30 14.71 -18.84 44.13
C VAL A 30 13.27 -18.39 43.81
N ARG A 31 12.85 -17.29 44.44
CA ARG A 31 11.55 -16.69 44.18
C ARG A 31 11.76 -15.26 43.74
N VAL A 32 11.45 -14.97 42.46
CA VAL A 32 11.62 -13.62 41.91
C VAL A 32 10.21 -13.03 41.71
N PRO A 33 9.86 -11.90 42.38
CA PRO A 33 8.51 -11.33 42.20
C PRO A 33 8.21 -11.01 40.73
N LYS A 34 7.01 -11.35 40.21
CA LYS A 34 6.70 -11.12 38.77
C LYS A 34 6.83 -9.69 38.28
N ASP A 35 6.70 -8.72 39.20
CA ASP A 35 6.84 -7.27 38.95
C ASP A 35 8.32 -6.80 38.76
N THR A 36 9.33 -7.59 39.24
CA THR A 36 10.76 -7.29 39.09
C THR A 36 11.12 -7.04 37.62
N GLU A 37 11.73 -5.88 37.36
CA GLU A 37 12.15 -5.43 36.04
C GLU A 37 13.67 -5.59 35.86
N PHE A 38 14.08 -6.18 34.73
CA PHE A 38 15.49 -6.42 34.41
C PHE A 38 15.86 -5.76 33.09
N GLN A 39 17.16 -5.47 32.90
CA GLN A 39 17.77 -4.95 31.68
C GLN A 39 18.95 -5.83 31.35
N LEU A 40 19.19 -6.07 30.05
CA LEU A 40 20.30 -6.90 29.58
C LEU A 40 21.32 -6.01 28.87
N TYR A 41 22.61 -6.24 29.14
CA TYR A 41 23.74 -5.48 28.60
C TYR A 41 24.74 -6.43 27.97
N LYS A 42 25.27 -6.05 26.81
CA LYS A 42 26.19 -6.83 25.95
C LYS A 42 27.56 -6.16 25.92
N LYS A 43 28.63 -6.98 25.93
CA LYS A 43 29.99 -6.41 25.85
C LYS A 43 30.23 -5.93 24.40
N ARG A 44 30.78 -4.70 24.28
CA ARG A 44 31.06 -4.09 23.01
C ARG A 44 32.20 -4.84 22.36
N LYS A 45 31.91 -5.50 21.24
CA LYS A 45 32.89 -6.21 20.45
C LYS A 45 33.03 -5.54 19.06
N GLN A 46 34.03 -5.98 18.32
CA GLN A 46 34.30 -5.61 16.96
C GLN A 46 34.51 -6.95 16.32
N ASP A 47 33.84 -7.18 15.18
CA ASP A 47 33.98 -8.47 14.53
C ASP A 47 35.22 -8.55 13.66
N GLN A 48 35.66 -9.77 13.34
CA GLN A 48 36.79 -10.06 12.47
C GLN A 48 36.21 -10.67 11.19
N PHE A 49 36.70 -10.24 10.02
CA PHE A 49 36.18 -10.72 8.75
C PHE A 49 37.22 -11.21 7.79
N VAL A 50 36.74 -12.02 6.83
CA VAL A 50 37.45 -12.54 5.68
C VAL A 50 36.61 -12.18 4.45
N LEU A 51 37.28 -11.66 3.41
CA LEU A 51 36.65 -11.28 2.14
C LEU A 51 37.20 -12.16 1.01
N HIS A 52 36.31 -12.80 0.25
CA HIS A 52 36.68 -13.59 -0.93
C HIS A 52 35.88 -13.15 -2.14
N GLY A 53 36.61 -12.94 -3.24
CA GLY A 53 36.08 -12.55 -4.54
C GLY A 53 36.57 -13.47 -5.65
N GLU A 54 35.91 -13.41 -6.82
CA GLU A 54 36.24 -14.23 -7.99
C GLU A 54 35.62 -13.66 -9.29
N ASN A 55 36.06 -14.25 -10.42
CA ASN A 55 35.68 -14.10 -11.85
C ASN A 55 36.53 -15.16 -12.58
N GLU A 56 36.39 -15.29 -13.91
CA GLU A 56 37.17 -16.31 -14.62
C GLU A 56 38.62 -15.93 -14.98
N ARG A 57 39.14 -14.82 -14.41
CA ARG A 57 40.49 -14.35 -14.67
C ARG A 57 41.33 -14.11 -13.40
N LEU A 58 40.69 -13.66 -12.30
CA LEU A 58 41.39 -13.37 -11.04
C LEU A 58 40.64 -13.87 -9.78
N GLU A 59 41.37 -13.98 -8.64
CA GLU A 59 40.85 -14.34 -7.33
C GLU A 59 41.23 -13.22 -6.35
N TYR A 60 40.26 -12.78 -5.51
CA TYR A 60 40.43 -11.69 -4.56
C TYR A 60 40.30 -12.24 -3.14
N ASP A 61 41.31 -12.01 -2.29
CA ASP A 61 41.32 -12.52 -0.92
C ASP A 61 41.88 -11.51 0.09
N GLY A 62 41.10 -11.21 1.12
CA GLY A 62 41.49 -10.27 2.18
C GLY A 62 40.91 -10.53 3.56
N GLU A 63 41.53 -9.90 4.59
CA GLU A 63 41.13 -10.05 5.98
C GLU A 63 41.29 -8.75 6.79
N THR A 64 40.60 -8.67 7.94
CA THR A 64 40.72 -7.54 8.86
C THR A 64 42.03 -7.73 9.66
N ASP A 65 42.56 -6.66 10.26
CA ASP A 65 43.73 -6.73 11.14
C ASP A 65 43.21 -6.90 12.59
N GLU A 66 43.62 -7.98 13.26
CA GLU A 66 43.19 -8.32 14.62
C GLU A 66 43.33 -7.16 15.63
N LEU A 67 44.48 -6.46 15.64
CA LEU A 67 44.72 -5.34 16.55
C LEU A 67 43.84 -4.11 16.24
N THR A 68 43.68 -3.73 14.93
CA THR A 68 42.85 -2.61 14.52
CA THR A 68 42.84 -2.57 14.62
C THR A 68 41.41 -2.82 15.03
N THR A 69 40.91 -4.07 14.90
CA THR A 69 39.59 -4.51 15.32
C THR A 69 39.38 -4.14 16.82
N LYS A 70 40.44 -4.30 17.65
CA LYS A 70 40.42 -4.05 19.08
C LYS A 70 40.49 -2.59 19.44
N THR A 71 41.23 -1.77 18.66
CA THR A 71 41.48 -0.35 18.90
C THR A 71 40.50 0.60 18.24
N ASN A 72 40.15 0.34 16.97
CA ASN A 72 39.33 1.27 16.21
C ASN A 72 38.14 0.71 15.49
N GLN A 73 37.18 1.59 15.20
CA GLN A 73 36.02 1.29 14.37
C GLN A 73 36.00 2.21 13.17
N TYR A 74 35.58 1.68 12.03
CA TYR A 74 35.49 2.49 10.83
C TYR A 74 34.03 2.69 10.44
N MSE A 75 33.72 3.89 9.89
CA MSE A 75 32.36 4.23 9.45
C MSE A 75 32.37 4.72 8.05
O MSE A 75 33.19 5.58 7.70
CB MSE A 75 31.78 5.39 10.27
CG MSE A 75 32.27 5.46 11.68
SE MSE A 75 30.77 5.17 12.80
CE MSE A 75 30.90 3.15 12.95
N VAL A 76 31.40 4.25 7.24
CA VAL A 76 31.18 4.83 5.90
C VAL A 76 29.96 5.74 6.08
N GLY A 77 30.10 6.98 5.66
CA GLY A 77 29.04 7.96 5.83
C GLY A 77 28.59 8.64 4.55
N LEU A 78 27.26 8.89 4.46
CA LEU A 78 26.64 9.62 3.36
C LEU A 78 26.15 10.92 3.95
N TYR A 79 26.88 11.99 3.64
CA TYR A 79 26.62 13.33 4.17
C TYR A 79 25.86 14.20 3.18
N ASP A 80 24.90 14.96 3.70
CA ASP A 80 24.10 15.89 2.92
C ASP A 80 24.52 17.33 3.25
N LYS A 81 25.30 17.98 2.33
CA LYS A 81 25.81 19.35 2.44
C LYS A 81 24.71 20.33 2.86
N GLN A 82 23.54 20.23 2.18
CA GLN A 82 22.38 21.06 2.41
C GLN A 82 21.72 20.85 3.77
N SER A 83 21.24 19.62 4.07
CA SER A 83 20.53 19.32 5.31
C SER A 83 21.40 19.24 6.56
N GLY A 84 22.68 19.01 6.38
CA GLY A 84 23.64 18.84 7.48
C GLY A 84 23.39 17.55 8.24
N LYS A 85 22.99 16.50 7.50
CA LYS A 85 22.65 15.21 8.05
C LYS A 85 23.56 14.14 7.46
N ILE A 86 23.92 13.15 8.28
CA ILE A 86 24.76 12.03 7.90
C ILE A 86 24.05 10.68 8.16
N ASN A 87 24.32 9.70 7.31
CA ASN A 87 23.83 8.33 7.44
C ASN A 87 25.08 7.47 7.62
N LEU A 88 25.24 6.88 8.82
CA LEU A 88 26.43 6.10 9.18
C LEU A 88 26.24 4.62 9.02
N TYR A 89 27.31 3.96 8.56
CA TYR A 89 27.36 2.52 8.33
C TYR A 89 28.69 1.99 8.85
N ARG A 90 28.62 1.12 9.85
CA ARG A 90 29.80 0.48 10.41
C ARG A 90 30.40 -0.45 9.34
N ALA A 91 31.71 -0.38 9.16
CA ALA A 91 32.35 -1.18 8.15
C ALA A 91 33.68 -1.82 8.56
N PRO A 92 33.92 -3.09 8.18
CA PRO A 92 35.28 -3.63 8.37
C PRO A 92 36.22 -3.05 7.28
N VAL A 93 37.50 -2.93 7.62
CA VAL A 93 38.53 -2.54 6.69
C VAL A 93 39.39 -3.76 6.48
N VAL A 94 39.35 -4.29 5.27
CA VAL A 94 40.01 -5.51 4.89
C VAL A 94 41.22 -5.20 3.98
N THR A 95 42.41 -5.74 4.28
CA THR A 95 43.54 -5.53 3.37
C THR A 95 43.59 -6.76 2.46
N SER A 96 43.44 -6.56 1.13
CA SER A 96 43.29 -7.64 0.18
C SER A 96 44.42 -7.84 -0.81
N LYS A 97 44.47 -9.04 -1.41
CA LYS A 97 45.44 -9.43 -2.42
C LYS A 97 44.72 -9.94 -3.67
N ILE A 98 45.31 -9.69 -4.85
CA ILE A 98 44.79 -10.19 -6.12
C ILE A 98 45.78 -11.24 -6.65
N VAL A 99 45.25 -12.41 -7.02
CA VAL A 99 46.02 -13.55 -7.52
C VAL A 99 45.39 -14.07 -8.81
N SER A 100 46.22 -14.26 -9.85
CA SER A 100 45.79 -14.74 -11.16
C SER A 100 45.34 -16.20 -11.07
N LYS A 101 44.24 -16.49 -11.76
CA LYS A 101 43.54 -17.77 -11.83
C LYS A 101 43.96 -18.52 -13.10
N GLY B 4 21.59 6.31 39.70
CA GLY B 4 21.06 5.01 39.29
C GLY B 4 22.09 3.98 38.87
N TYR B 5 21.63 2.79 38.45
CA TYR B 5 22.51 1.70 37.98
C TYR B 5 23.24 2.09 36.70
N GLN B 6 24.50 1.71 36.61
CA GLN B 6 25.30 1.92 35.42
C GLN B 6 26.09 0.66 35.16
N PRO B 7 26.02 0.15 33.94
CA PRO B 7 26.74 -1.06 33.57
C PRO B 7 28.18 -0.74 33.24
N PRO B 8 29.06 -1.72 33.34
CA PRO B 8 30.46 -1.53 33.00
C PRO B 8 30.60 -0.56 31.84
N SER B 9 31.76 0.08 31.76
CA SER B 9 32.02 1.12 30.77
C SER B 9 31.99 0.65 29.32
N ASP B 10 32.24 -0.64 29.11
CA ASP B 10 32.29 -1.19 27.76
C ASP B 10 31.11 -2.12 27.41
N TYR B 11 29.99 -2.00 28.14
CA TYR B 11 28.76 -2.78 27.94
C TYR B 11 27.65 -1.86 27.47
N LYS B 12 26.88 -2.33 26.49
CA LYS B 12 25.79 -1.58 25.88
C LYS B 12 24.49 -2.36 26.12
N GLN B 13 23.38 -1.64 26.39
CA GLN B 13 22.05 -2.24 26.62
C GLN B 13 21.51 -2.94 25.40
N CYS B 14 20.83 -4.08 25.61
CA CYS B 14 20.20 -4.87 24.58
C CYS B 14 18.83 -4.36 24.34
N LYS B 15 18.74 -3.78 23.18
CA LYS B 15 17.52 -3.21 22.67
C LYS B 15 17.15 -4.11 21.51
N HIS B 16 15.88 -4.10 21.16
CA HIS B 16 15.35 -4.88 20.04
C HIS B 16 15.46 -6.39 20.23
N LEU B 17 15.04 -6.89 21.42
CA LEU B 17 15.05 -8.32 21.74
C LEU B 17 14.10 -9.04 20.79
N LYS B 18 14.56 -10.16 20.21
CA LYS B 18 13.79 -10.93 19.25
C LYS B 18 12.62 -11.69 19.92
N SER B 19 11.70 -12.13 19.10
CA SER B 19 10.54 -12.90 19.48
C SER B 19 10.84 -14.30 19.99
N PHE B 20 10.08 -14.71 21.00
CA PHE B 20 10.04 -16.03 21.60
C PHE B 20 8.56 -16.21 21.91
N PRO B 21 7.91 -17.29 21.48
CA PRO B 21 6.47 -17.43 21.75
C PRO B 21 6.09 -17.82 23.19
N VAL B 22 5.97 -16.79 24.04
CA VAL B 22 5.64 -16.90 25.47
C VAL B 22 4.36 -17.69 25.68
N SER B 23 3.32 -17.39 24.86
CA SER B 23 2.00 -18.01 24.88
C SER B 23 2.03 -19.55 24.77
N GLU B 24 2.94 -20.10 23.97
CA GLU B 24 3.10 -21.55 23.78
C GLU B 24 3.60 -22.29 25.05
N LEU B 25 4.09 -21.55 26.08
CA LEU B 25 4.68 -22.13 27.29
C LEU B 25 3.94 -23.20 28.06
N LYS B 26 2.76 -22.89 28.67
CA LYS B 26 1.98 -23.90 29.44
C LYS B 26 0.94 -24.66 28.58
N GLY B 27 1.26 -24.77 27.29
CA GLY B 27 0.47 -25.51 26.32
C GLY B 27 0.79 -26.98 26.46
N ASP B 28 -0.26 -27.80 26.69
CA ASP B 28 -0.16 -29.26 26.91
C ASP B 28 0.99 -29.91 26.10
N ASN B 29 0.88 -29.87 24.76
CA ASN B 29 1.82 -30.52 23.86
C ASN B 29 3.22 -29.89 23.69
N LYS B 30 3.59 -28.90 24.52
CA LYS B 30 4.89 -28.22 24.47
C LYS B 30 5.78 -28.47 25.68
N GLU B 31 7.08 -28.63 25.45
CA GLU B 31 8.04 -28.81 26.53
C GLU B 31 9.06 -27.71 26.38
N LEU B 32 9.71 -27.29 27.48
CA LEU B 32 10.76 -26.25 27.42
C LEU B 32 12.11 -26.89 27.72
N TRP B 33 13.07 -26.78 26.81
CA TRP B 33 14.37 -27.42 26.99
C TRP B 33 15.53 -26.46 27.09
N LEU B 34 16.59 -26.90 27.77
CA LEU B 34 17.88 -26.23 27.78
C LEU B 34 18.90 -27.21 27.22
N MSE B 35 19.64 -26.83 26.21
CA MSE B 35 20.75 -27.63 25.70
C MSE B 35 22.01 -26.82 25.81
O MSE B 35 21.99 -25.64 25.46
CB MSE B 35 20.60 -27.98 24.23
CG MSE B 35 19.62 -29.06 23.99
SE MSE B 35 18.70 -28.58 22.34
CE MSE B 35 17.44 -27.13 23.06
N LYS B 36 23.11 -27.47 26.25
CA LYS B 36 24.47 -26.95 26.29
C LYS B 36 25.20 -27.71 25.15
N VAL B 37 25.75 -26.98 24.18
CA VAL B 37 26.35 -27.60 22.98
C VAL B 37 27.75 -26.98 22.76
N PRO B 38 28.69 -27.65 22.03
CA PRO B 38 30.01 -27.01 21.78
C PRO B 38 29.83 -25.76 20.91
N ALA B 39 30.62 -24.70 21.16
CA ALA B 39 30.54 -23.44 20.40
C ALA B 39 30.91 -23.58 18.92
N ASN B 40 31.71 -24.59 18.58
CA ASN B 40 32.14 -24.82 17.21
C ASN B 40 31.08 -25.42 16.29
N ILE B 41 29.89 -25.84 16.81
CA ILE B 41 28.85 -26.42 15.96
C ILE B 41 27.97 -25.30 15.40
N ASP B 42 27.75 -25.29 14.08
CA ASP B 42 26.88 -24.30 13.47
C ASP B 42 25.46 -24.86 13.38
N ILE B 43 24.64 -24.55 14.39
CA ILE B 43 23.24 -24.99 14.51
C ILE B 43 22.34 -24.56 13.31
N SER B 44 22.62 -23.38 12.72
CA SER B 44 21.87 -22.85 11.58
C SER B 44 21.94 -23.74 10.33
N GLN B 45 23.03 -24.53 10.21
CA GLN B 45 23.26 -25.46 9.09
C GLN B 45 22.55 -26.80 9.28
N LEU B 46 22.13 -27.08 10.52
CA LEU B 46 21.42 -28.29 10.89
C LEU B 46 19.93 -28.18 10.55
N LYS B 47 19.36 -29.30 10.08
CA LYS B 47 17.95 -29.44 9.73
C LYS B 47 17.21 -30.24 10.82
N SER B 48 17.95 -31.09 11.53
CA SER B 48 17.45 -31.93 12.61
C SER B 48 18.51 -32.17 13.71
N LEU B 49 18.07 -32.40 14.94
CA LEU B 49 18.91 -32.78 16.08
C LEU B 49 18.50 -34.22 16.40
N PRO B 50 19.31 -35.25 16.07
CA PRO B 50 18.89 -36.63 16.36
C PRO B 50 19.00 -37.07 17.83
N LEU B 51 18.57 -36.20 18.78
CA LEU B 51 18.49 -36.50 20.21
C LEU B 51 17.37 -37.54 20.48
N ASP B 52 17.65 -38.57 21.28
CA ASP B 52 16.60 -39.52 21.65
C ASP B 52 16.10 -39.04 23.01
N THR B 53 14.87 -38.55 23.06
CA THR B 53 14.26 -38.01 24.28
C THR B 53 13.99 -39.08 25.33
N ASP B 54 14.22 -40.33 24.95
CA ASP B 54 14.02 -41.54 25.71
C ASP B 54 15.32 -42.03 26.33
N ALA B 55 16.45 -41.67 25.74
CA ALA B 55 17.79 -42.05 26.23
C ALA B 55 18.32 -41.05 27.29
N THR B 56 19.16 -41.51 28.23
CA THR B 56 19.83 -40.71 29.26
C THR B 56 21.23 -40.36 28.71
N VAL B 57 21.84 -41.33 28.03
CA VAL B 57 23.16 -41.23 27.43
C VAL B 57 23.07 -41.79 26.02
N SER B 58 23.80 -41.18 25.05
CA SER B 58 23.83 -41.56 23.63
C SER B 58 24.95 -40.86 22.84
N THR B 59 25.26 -41.34 21.60
CA THR B 59 26.23 -40.72 20.68
C THR B 59 25.59 -40.31 19.36
N VAL B 60 25.23 -39.01 19.24
CA VAL B 60 24.68 -38.34 18.07
C VAL B 60 25.81 -38.17 17.01
N GLU B 61 25.45 -37.85 15.76
CA GLU B 61 26.41 -37.59 14.70
C GLU B 61 25.92 -36.38 13.89
N LEU B 62 26.48 -35.16 14.16
CA LEU B 62 26.13 -33.90 13.49
C LEU B 62 27.25 -33.54 12.48
N GLY B 63 26.91 -33.52 11.18
CA GLY B 63 27.88 -33.27 10.13
C GLY B 63 28.85 -34.45 10.05
N SER B 64 30.16 -34.16 10.07
CA SER B 64 31.23 -35.17 9.97
C SER B 64 31.68 -35.74 11.32
N LYS B 65 31.31 -35.08 12.44
CA LYS B 65 31.73 -35.50 13.79
C LYS B 65 30.69 -36.29 14.61
N ASN B 66 31.24 -37.00 15.61
CA ASN B 66 30.58 -37.80 16.64
C ASN B 66 30.65 -37.03 17.97
N PHE B 67 29.56 -37.07 18.77
CA PHE B 67 29.42 -36.38 20.05
C PHE B 67 28.67 -37.26 21.04
N ASN B 68 28.84 -37.03 22.32
CA ASN B 68 28.17 -37.72 23.38
C ASN B 68 27.03 -36.86 23.82
N VAL B 69 25.92 -37.49 24.19
CA VAL B 69 24.72 -36.76 24.63
C VAL B 69 24.32 -37.22 26.01
N LEU B 70 24.09 -36.30 26.93
CA LEU B 70 23.66 -36.66 28.30
C LEU B 70 22.33 -35.96 28.66
N GLN B 71 21.23 -36.71 28.90
CA GLN B 71 19.96 -36.08 29.33
C GLN B 71 20.18 -35.78 30.82
N ASN B 72 20.73 -34.61 31.10
CA ASN B 72 21.13 -34.11 32.40
C ASN B 72 20.01 -34.16 33.43
N THR B 73 18.73 -34.05 32.99
CA THR B 73 17.54 -34.10 33.86
C THR B 73 17.19 -35.54 34.20
N SER B 74 17.91 -36.49 33.58
CA SER B 74 17.72 -37.89 33.87
C SER B 74 18.75 -38.36 34.90
N THR B 75 19.51 -37.42 35.49
CA THR B 75 20.48 -37.72 36.56
C THR B 75 19.98 -37.15 37.89
N GLN B 76 20.53 -37.64 39.03
CA GLN B 76 20.22 -37.10 40.35
C GLN B 76 20.72 -35.66 40.54
N GLU B 77 21.84 -35.31 39.85
CA GLU B 77 22.51 -34.01 39.85
C GLU B 77 21.62 -32.97 39.18
N GLY B 78 20.98 -33.38 38.09
CA GLY B 78 20.11 -32.52 37.31
C GLY B 78 18.64 -32.72 37.61
N SER B 79 18.30 -33.44 38.68
CA SER B 79 16.91 -33.65 39.11
C SER B 79 16.23 -32.31 39.41
N ASP B 80 16.98 -31.40 40.05
CA ASP B 80 16.49 -30.09 40.47
C ASP B 80 17.15 -28.98 39.65
N ASN B 81 16.35 -28.23 38.88
CA ASN B 81 16.83 -27.10 38.07
C ASN B 81 16.07 -25.80 38.39
N THR B 82 15.52 -25.71 39.62
CA THR B 82 14.76 -24.58 40.13
C THR B 82 15.62 -23.36 40.39
N ASN B 83 16.93 -23.48 40.17
CA ASN B 83 17.90 -22.39 40.25
C ASN B 83 17.93 -21.61 38.91
N LEU B 84 17.38 -22.22 37.82
CA LEU B 84 17.32 -21.67 36.48
C LEU B 84 15.98 -21.03 36.16
N SER B 85 15.97 -19.70 35.98
CA SER B 85 14.74 -19.00 35.59
C SER B 85 14.88 -18.38 34.22
N LEU B 86 13.82 -18.45 33.40
CA LEU B 86 13.77 -17.88 32.05
C LEU B 86 13.24 -16.44 32.11
N LEU B 87 14.03 -15.47 31.67
CA LEU B 87 13.59 -14.06 31.62
C LEU B 87 13.21 -13.74 30.16
N ILE B 88 12.00 -13.18 29.98
CA ILE B 88 11.40 -12.90 28.68
C ILE B 88 11.09 -11.38 28.52
N PRO B 89 10.90 -10.87 27.30
CA PRO B 89 10.56 -9.44 27.18
C PRO B 89 9.22 -8.99 27.79
N SER B 90 9.06 -7.65 28.00
CA SER B 90 7.85 -6.98 28.57
C SER B 90 7.18 -5.99 27.59
N GLU B 91 5.86 -5.95 27.55
CA GLU B 91 5.09 -5.04 26.69
C GLU B 91 4.74 -3.75 27.40
N LYS B 92 5.24 -3.60 28.62
CA LYS B 92 4.96 -2.45 29.48
C LYS B 92 6.14 -1.48 29.64
N LYS B 93 7.33 -1.99 30.00
CA LYS B 93 8.54 -1.16 30.08
C LYS B 93 9.41 -1.49 28.89
N LYS B 94 9.72 -0.49 28.09
CA LYS B 94 10.51 -0.63 26.88
C LYS B 94 11.91 -1.19 27.19
N GLU B 95 12.33 -2.19 26.40
CA GLU B 95 13.63 -2.87 26.47
C GLU B 95 14.00 -3.57 27.79
N THR B 96 12.95 -3.92 28.56
CA THR B 96 12.96 -4.58 29.86
C THR B 96 12.58 -6.10 29.81
N LEU B 97 13.15 -6.91 30.74
CA LEU B 97 12.85 -8.36 30.88
C LEU B 97 12.21 -8.65 32.24
N LYS B 98 11.36 -9.66 32.28
CA LYS B 98 10.63 -10.08 33.47
C LYS B 98 10.70 -11.61 33.51
N VAL B 99 10.54 -12.24 34.69
CA VAL B 99 10.54 -13.70 34.82
C VAL B 99 9.27 -14.29 34.21
N ALA B 100 9.44 -15.32 33.37
CA ALA B 100 8.34 -16.05 32.74
C ALA B 100 7.56 -16.80 33.81
N THR B 101 6.24 -16.56 33.81
CA THR B 101 5.32 -17.18 34.76
C THR B 101 4.21 -17.91 34.06
N SER B 102 3.65 -18.90 34.77
CA SER B 102 2.55 -19.76 34.32
C SER B 102 1.24 -19.02 34.50
N LYS B 103 0.14 -19.64 34.07
CA LYS B 103 -1.22 -19.11 34.26
C LYS B 103 -1.54 -19.05 35.79
N ASP B 104 -0.90 -19.93 36.59
CA ASP B 104 -1.06 -20.09 38.05
C ASP B 104 -0.03 -19.26 38.88
N ASN B 105 0.71 -18.32 38.22
CA ASN B 105 1.75 -17.47 38.80
C ASN B 105 2.94 -18.24 39.40
N LYS B 106 3.11 -19.49 38.88
CA LYS B 106 4.16 -20.45 39.19
C LYS B 106 5.36 -20.12 38.28
N SER B 107 6.60 -20.25 38.81
CA SER B 107 7.84 -19.99 38.04
C SER B 107 8.00 -21.09 36.96
N VAL B 108 8.35 -20.70 35.73
CA VAL B 108 8.47 -21.65 34.60
C VAL B 108 9.80 -22.41 34.68
N TYR B 109 9.76 -23.76 34.69
CA TYR B 109 10.95 -24.59 34.76
C TYR B 109 11.20 -25.39 33.51
N PHE B 110 12.48 -25.71 33.23
CA PHE B 110 12.88 -26.55 32.11
C PHE B 110 12.38 -27.98 32.28
N ASP B 111 11.88 -28.60 31.20
CA ASP B 111 11.36 -29.98 31.25
C ASP B 111 12.52 -30.98 31.06
N ARG B 112 13.43 -30.66 30.15
CA ARG B 112 14.62 -31.44 29.90
C ARG B 112 15.79 -30.50 29.73
N VAL B 113 17.01 -31.02 30.00
CA VAL B 113 18.30 -30.36 29.85
C VAL B 113 19.28 -31.40 29.21
N PHE B 114 19.96 -31.03 28.11
CA PHE B 114 20.90 -31.92 27.42
C PHE B 114 22.29 -31.28 27.29
N THR B 115 23.36 -32.06 27.53
CA THR B 115 24.69 -31.59 27.20
C THR B 115 25.16 -32.39 25.97
N ILE B 116 25.54 -31.70 24.95
CA ILE B 116 26.17 -32.32 23.78
C ILE B 116 27.65 -31.99 23.93
N SER B 117 28.47 -33.02 23.99
CA SER B 117 29.93 -32.87 24.16
C SER B 117 30.71 -33.70 23.14
N GLU B 118 31.89 -33.23 22.76
CA GLU B 118 32.73 -33.94 21.80
C GLU B 118 33.24 -35.23 22.40
N THR B 119 33.52 -36.21 21.56
CA THR B 119 34.08 -37.49 22.01
C THR B 119 35.56 -37.28 22.33
N ALA B 120 36.15 -38.07 23.21
CA ALA B 120 37.55 -37.87 23.57
C ALA B 120 38.49 -37.90 22.38
N ARG B 121 39.32 -36.86 22.28
CA ARG B 121 40.34 -36.76 21.23
C ARG B 121 41.62 -36.06 21.74
N ILE B 122 42.76 -36.45 21.17
CA ILE B 122 44.04 -35.85 21.46
C ILE B 122 44.34 -34.95 20.27
N PRO B 123 44.11 -33.64 20.42
CA PRO B 123 44.20 -32.73 19.28
C PRO B 123 45.50 -32.66 18.53
N ARG C 8 10.77 -9.74 6.79
CA ARG C 8 9.73 -10.66 6.27
C ARG C 8 8.43 -9.92 5.78
N SER C 9 7.97 -10.24 4.54
CA SER C 9 6.75 -9.62 3.98
C SER C 9 5.57 -10.59 3.77
N ILE C 10 4.53 -10.48 4.63
CA ILE C 10 3.33 -11.32 4.56
C ILE C 10 2.44 -10.81 3.41
N ALA C 11 2.09 -11.65 2.45
CA ALA C 11 1.20 -11.23 1.36
C ALA C 11 -0.29 -11.34 1.74
N ILE C 12 -1.11 -10.31 1.42
CA ILE C 12 -2.54 -10.32 1.71
C ILE C 12 -3.26 -11.02 0.58
N ASP C 13 -3.69 -12.27 0.83
CA ASP C 13 -4.39 -13.14 -0.13
C ASP C 13 -5.85 -12.70 -0.31
N SER C 14 -6.52 -12.31 0.79
CA SER C 14 -7.91 -11.86 0.80
C SER C 14 -8.20 -10.95 2.00
N TYR C 15 -9.14 -10.00 1.85
CA TYR C 15 -9.57 -9.10 2.90
C TYR C 15 -11.09 -9.04 2.90
N GLN C 16 -11.72 -9.41 4.01
CA GLN C 16 -13.19 -9.40 4.16
C GLN C 16 -13.59 -8.25 5.06
N GLU C 17 -14.31 -7.27 4.51
CA GLU C 17 -14.73 -6.09 5.26
C GLU C 17 -16.07 -6.26 5.99
N ASP C 18 -16.95 -7.10 5.43
CA ASP C 18 -18.30 -7.36 5.97
C ASP C 18 -18.30 -8.30 7.19
N PRO C 19 -19.33 -8.24 8.10
CA PRO C 19 -19.35 -9.12 9.28
C PRO C 19 -19.28 -10.62 8.99
N SER C 20 -18.46 -11.33 9.76
CA SER C 20 -18.24 -12.76 9.66
C SER C 20 -18.00 -13.26 11.07
N VAL C 21 -16.84 -12.94 11.66
CA VAL C 21 -16.47 -13.36 13.01
C VAL C 21 -16.59 -12.22 14.02
N VAL C 22 -16.68 -12.59 15.32
CA VAL C 22 -16.76 -11.67 16.45
C VAL C 22 -15.75 -12.13 17.51
N VAL C 23 -14.98 -11.20 18.07
CA VAL C 23 -14.06 -11.50 19.13
C VAL C 23 -14.77 -11.01 20.40
N SER C 24 -15.19 -11.95 21.23
CA SER C 24 -15.85 -11.60 22.48
C SER C 24 -14.85 -11.58 23.60
N ASN C 25 -15.01 -10.64 24.54
CA ASN C 25 -14.10 -10.52 25.65
C ASN C 25 -14.88 -10.68 26.95
N PHE C 26 -14.66 -11.81 27.64
CA PHE C 26 -15.30 -12.10 28.91
C PHE C 26 -14.28 -11.89 30.04
N PHE C 27 -13.79 -13.00 30.61
CA PHE C 27 -12.79 -13.04 31.68
C PHE C 27 -11.83 -14.17 31.37
N LYS C 28 -10.63 -14.16 31.97
CA LYS C 28 -9.64 -15.21 31.72
C LYS C 28 -10.14 -16.57 32.19
N GLY C 29 -10.08 -17.54 31.27
CA GLY C 29 -10.49 -18.91 31.51
C GLY C 29 -11.95 -19.22 31.25
N VAL C 30 -12.61 -18.33 30.49
CA VAL C 30 -14.02 -18.47 30.15
C VAL C 30 -14.28 -19.78 29.40
N ARG C 31 -15.40 -20.43 29.71
CA ARG C 31 -15.83 -21.63 29.04
C ARG C 31 -17.26 -21.46 28.55
N VAL C 32 -17.40 -21.34 27.22
CA VAL C 32 -18.71 -21.19 26.60
C VAL C 32 -19.04 -22.53 25.90
N PRO C 33 -20.17 -23.19 26.24
CA PRO C 33 -20.50 -24.48 25.58
C PRO C 33 -20.58 -24.34 24.06
N LYS C 34 -19.97 -25.27 23.31
CA LYS C 34 -19.94 -25.22 21.83
C LYS C 34 -21.31 -25.14 21.15
N ASP C 35 -22.36 -25.65 21.83
CA ASP C 35 -23.75 -25.61 21.37
C ASP C 35 -24.47 -24.25 21.53
N THR C 36 -23.94 -23.34 22.39
CA THR C 36 -24.49 -21.98 22.64
C THR C 36 -24.58 -21.19 21.32
N GLU C 37 -25.77 -20.64 21.04
CA GLU C 37 -26.07 -19.87 19.83
C GLU C 37 -26.17 -18.37 20.15
N PHE C 38 -25.48 -17.54 19.33
CA PHE C 38 -25.41 -16.08 19.44
C PHE C 38 -25.99 -15.42 18.19
N GLN C 39 -26.41 -14.15 18.32
CA GLN C 39 -26.96 -13.30 17.23
C GLN C 39 -26.25 -11.98 17.32
N LEU C 40 -25.96 -11.38 16.15
CA LEU C 40 -25.23 -10.11 16.11
C LEU C 40 -26.16 -9.04 15.56
N TYR C 41 -26.14 -7.85 16.19
CA TYR C 41 -26.97 -6.72 15.80
C TYR C 41 -26.07 -5.52 15.62
N LYS C 42 -26.26 -4.80 14.50
CA LYS C 42 -25.48 -3.64 14.10
C LYS C 42 -26.35 -2.40 14.14
N LYS C 43 -25.79 -1.30 14.65
CA LYS C 43 -26.43 0.03 14.71
C LYS C 43 -26.53 0.55 13.29
N ARG C 44 -27.72 1.04 12.92
CA ARG C 44 -27.92 1.62 11.60
C ARG C 44 -27.29 3.01 11.62
N LYS C 45 -26.33 3.24 10.71
CA LYS C 45 -25.59 4.49 10.45
C LYS C 45 -25.57 4.70 8.93
N GLN C 46 -25.72 5.94 8.44
CA GLN C 46 -25.79 6.22 7.00
C GLN C 46 -24.44 6.64 6.45
N ASP C 47 -24.15 6.28 5.20
CA ASP C 47 -22.87 6.62 4.61
C ASP C 47 -22.74 8.02 4.08
N GLN C 48 -21.51 8.51 4.09
CA GLN C 48 -21.09 9.82 3.62
C GLN C 48 -20.21 9.57 2.39
N PHE C 49 -20.42 10.38 1.34
CA PHE C 49 -19.66 10.21 0.10
C PHE C 49 -19.02 11.46 -0.44
N VAL C 50 -18.01 11.25 -1.29
CA VAL C 50 -17.29 12.26 -2.04
C VAL C 50 -17.39 11.84 -3.51
N LEU C 51 -17.68 12.82 -4.37
CA LEU C 51 -17.79 12.60 -5.81
C LEU C 51 -16.75 13.44 -6.53
N HIS C 52 -15.93 12.80 -7.39
CA HIS C 52 -14.94 13.49 -8.22
C HIS C 52 -15.10 13.11 -9.67
N GLY C 53 -15.08 14.12 -10.52
CA GLY C 53 -15.17 13.96 -11.97
C GLY C 53 -14.15 14.85 -12.64
N GLU C 54 -13.78 14.54 -13.89
CA GLU C 54 -12.83 15.35 -14.65
C GLU C 54 -13.13 15.39 -16.12
N ASN C 55 -12.70 16.49 -16.75
CA ASN C 55 -12.74 16.77 -18.18
C ASN C 55 -11.30 16.99 -18.59
N GLU C 56 -11.09 17.56 -19.78
CA GLU C 56 -9.75 17.91 -20.20
C GLU C 56 -9.46 19.28 -19.57
N ARG C 57 -10.51 20.12 -19.44
CA ARG C 57 -10.38 21.47 -18.92
C ARG C 57 -11.15 21.75 -17.66
N LEU C 58 -12.00 20.81 -17.20
CA LEU C 58 -12.77 21.05 -15.98
C LEU C 58 -12.52 20.06 -14.87
N GLU C 59 -13.05 20.36 -13.68
CA GLU C 59 -13.00 19.52 -12.48
C GLU C 59 -14.36 19.60 -11.78
N TYR C 60 -14.91 18.44 -11.44
CA TYR C 60 -16.19 18.34 -10.76
C TYR C 60 -15.93 17.68 -9.39
N ASP C 61 -16.30 18.38 -8.31
CA ASP C 61 -16.05 17.93 -6.94
C ASP C 61 -17.25 18.19 -6.02
N GLY C 62 -17.71 17.15 -5.34
CA GLY C 62 -18.85 17.27 -4.45
C GLY C 62 -18.87 16.29 -3.29
N GLU C 63 -19.58 16.69 -2.21
CA GLU C 63 -19.74 15.87 -1.03
C GLU C 63 -21.19 15.83 -0.51
N THR C 64 -21.53 14.80 0.28
CA THR C 64 -22.83 14.66 0.95
C THR C 64 -22.78 15.63 2.13
N ASP C 65 -23.96 16.05 2.65
CA ASP C 65 -24.00 16.93 3.84
C ASP C 65 -24.03 16.02 5.05
N GLU C 66 -23.04 16.16 5.96
CA GLU C 66 -22.90 15.33 7.17
C GLU C 66 -24.20 15.22 7.96
N LEU C 67 -24.87 16.35 8.23
CA LEU C 67 -26.10 16.35 9.02
C LEU C 67 -27.28 15.70 8.32
N THR C 68 -27.45 15.96 7.00
CA THR C 68 -28.50 15.38 6.15
C THR C 68 -28.39 13.85 6.13
N THR C 69 -27.17 13.30 5.98
CA THR C 69 -26.96 11.85 6.05
C THR C 69 -27.43 11.27 7.39
N LYS C 70 -27.38 12.05 8.46
CA LYS C 70 -27.85 11.58 9.76
C LYS C 70 -29.37 11.64 9.94
N THR C 71 -30.01 12.61 9.32
CA THR C 71 -31.45 12.89 9.41
C THR C 71 -32.31 12.18 8.33
N ASN C 72 -31.84 12.19 7.08
CA ASN C 72 -32.62 11.66 5.97
C ASN C 72 -31.89 10.71 5.04
N GLN C 73 -32.65 9.87 4.36
CA GLN C 73 -32.17 8.97 3.30
C GLN C 73 -32.94 9.30 1.99
N TYR C 74 -32.26 9.19 0.85
CA TYR C 74 -32.85 9.45 -0.47
C TYR C 74 -32.95 8.17 -1.30
N MSE C 75 -34.01 8.09 -2.10
CA MSE C 75 -34.24 6.95 -2.96
C MSE C 75 -34.50 7.36 -4.36
O MSE C 75 -35.30 8.25 -4.60
CB MSE C 75 -35.47 6.21 -2.50
CG MSE C 75 -35.22 4.79 -2.25
SE MSE C 75 -35.62 4.48 -0.42
CE MSE C 75 -33.74 4.50 0.19
N VAL C 76 -33.89 6.65 -5.32
CA VAL C 76 -34.19 6.84 -6.73
C VAL C 76 -35.12 5.69 -7.07
N GLY C 77 -36.28 6.02 -7.64
CA GLY C 77 -37.28 5.04 -7.98
C GLY C 77 -37.63 4.99 -9.45
N LEU C 78 -37.79 3.77 -9.94
CA LEU C 78 -38.22 3.52 -11.31
C LEU C 78 -39.70 3.07 -11.26
N TYR C 79 -40.64 4.03 -11.43
CA TYR C 79 -42.08 3.73 -11.38
C TYR C 79 -42.63 3.27 -12.75
N ASP C 80 -43.43 2.18 -12.77
CA ASP C 80 -44.10 1.65 -13.97
C ASP C 80 -45.60 2.03 -13.94
N LYS C 81 -46.04 2.86 -14.92
CA LYS C 81 -47.42 3.39 -15.05
C LYS C 81 -48.48 2.30 -15.13
N GLN C 82 -48.28 1.35 -16.06
CA GLN C 82 -49.18 0.22 -16.30
C GLN C 82 -49.27 -0.78 -15.14
N SER C 83 -48.14 -1.36 -14.70
CA SER C 83 -48.11 -2.37 -13.62
C SER C 83 -48.31 -1.81 -12.20
N GLY C 84 -48.05 -0.51 -12.00
CA GLY C 84 -48.15 0.13 -10.70
C GLY C 84 -47.08 -0.38 -9.75
N LYS C 85 -45.88 -0.66 -10.29
CA LYS C 85 -44.75 -1.20 -9.55
C LYS C 85 -43.59 -0.24 -9.53
N ILE C 86 -42.84 -0.22 -8.41
CA ILE C 86 -41.64 0.62 -8.22
C ILE C 86 -40.42 -0.22 -7.86
N ASN C 87 -39.26 0.19 -8.37
CA ASN C 87 -37.97 -0.42 -8.05
C ASN C 87 -37.16 0.71 -7.37
N LEU C 88 -36.83 0.51 -6.08
CA LEU C 88 -36.12 1.49 -5.27
C LEU C 88 -34.62 1.25 -5.19
N TYR C 89 -33.86 2.35 -5.20
CA TYR C 89 -32.40 2.36 -5.15
C TYR C 89 -31.95 3.45 -4.19
N ARG C 90 -31.25 3.05 -3.12
CA ARG C 90 -30.73 4.00 -2.15
C ARG C 90 -29.63 4.82 -2.83
N ALA C 91 -29.68 6.15 -2.66
CA ALA C 91 -28.70 7.00 -3.31
C ALA C 91 -28.22 8.16 -2.48
N PRO C 92 -26.91 8.46 -2.52
CA PRO C 92 -26.43 9.68 -1.87
C PRO C 92 -26.82 10.90 -2.70
N VAL C 93 -27.07 12.03 -2.03
CA VAL C 93 -27.31 13.30 -2.71
C VAL C 93 -26.11 14.20 -2.42
N VAL C 94 -25.41 14.51 -3.49
CA VAL C 94 -24.20 15.26 -3.44
C VAL C 94 -24.35 16.64 -4.03
N THR C 95 -23.85 17.64 -3.28
CA THR C 95 -23.81 19.04 -3.74
C THR C 95 -22.42 19.25 -4.30
N SER C 96 -22.37 19.50 -5.61
CA SER C 96 -21.11 19.64 -6.34
C SER C 96 -20.74 21.04 -6.82
N LYS C 97 -19.43 21.24 -7.05
CA LYS C 97 -18.83 22.47 -7.54
C LYS C 97 -18.07 22.20 -8.84
N ILE C 98 -18.06 23.19 -9.74
CA ILE C 98 -17.27 23.10 -10.98
C ILE C 98 -16.13 24.13 -10.88
N VAL C 99 -14.91 23.67 -11.17
CA VAL C 99 -13.70 24.48 -11.11
C VAL C 99 -12.84 24.17 -12.34
N SER C 100 -12.33 25.21 -13.03
CA SER C 100 -11.47 24.99 -14.20
C SER C 100 -10.07 24.63 -13.74
N LYS C 101 -9.43 23.69 -14.44
CA LYS C 101 -8.06 23.24 -14.16
C LYS C 101 -7.10 23.93 -15.13
N PHE C 102 -7.59 24.21 -16.35
CA PHE C 102 -6.93 24.82 -17.52
C PHE C 102 -5.99 23.83 -18.23
N GLY D 4 -38.67 -12.56 26.04
CA GLY D 4 -37.74 -12.69 24.94
C GLY D 4 -36.86 -11.48 24.72
N TYR D 5 -35.60 -11.72 24.27
CA TYR D 5 -34.61 -10.67 24.01
C TYR D 5 -35.05 -9.69 22.93
N GLN D 6 -34.77 -8.39 23.15
CA GLN D 6 -35.04 -7.31 22.21
C GLN D 6 -33.78 -6.43 22.09
N PRO D 7 -33.19 -6.27 20.87
CA PRO D 7 -32.00 -5.41 20.75
C PRO D 7 -32.35 -3.92 20.88
N PRO D 8 -31.39 -3.01 21.00
CA PRO D 8 -31.78 -1.59 21.02
C PRO D 8 -32.62 -1.19 19.81
N SER D 9 -33.51 -0.23 20.02
CA SER D 9 -34.40 0.34 18.99
C SER D 9 -33.84 0.63 17.58
N ASP D 10 -32.55 0.94 17.49
CA ASP D 10 -31.87 1.30 16.24
C ASP D 10 -30.81 0.29 15.77
N TYR D 11 -30.90 -0.96 16.27
CA TYR D 11 -30.01 -2.05 15.91
C TYR D 11 -30.77 -3.10 15.11
N LYS D 12 -30.19 -3.50 13.98
CA LYS D 12 -30.74 -4.51 13.09
C LYS D 12 -29.78 -5.72 13.08
N GLN D 13 -30.36 -6.93 13.13
CA GLN D 13 -29.61 -8.19 13.14
C GLN D 13 -28.81 -8.40 11.87
N CYS D 14 -27.63 -9.00 12.01
CA CYS D 14 -26.74 -9.35 10.91
C CYS D 14 -27.20 -10.76 10.49
N LYS D 15 -27.92 -10.84 9.36
CA LYS D 15 -28.50 -12.11 8.90
C LYS D 15 -27.76 -12.78 7.74
N HIS D 16 -26.78 -12.07 7.14
CA HIS D 16 -26.03 -12.60 5.99
C HIS D 16 -24.52 -12.59 6.26
N LEU D 17 -24.11 -13.26 7.35
CA LEU D 17 -22.72 -13.35 7.77
C LEU D 17 -21.89 -14.05 6.74
N LYS D 18 -20.74 -13.46 6.41
CA LYS D 18 -19.79 -13.97 5.43
C LYS D 18 -19.06 -15.20 5.96
N SER D 19 -18.55 -16.02 5.06
CA SER D 19 -17.86 -17.26 5.40
C SER D 19 -16.47 -17.05 5.98
N PHE D 20 -16.12 -17.94 6.94
CA PHE D 20 -14.83 -18.02 7.62
C PHE D 20 -14.39 -19.48 7.60
N PRO D 21 -13.17 -19.79 7.08
CA PRO D 21 -12.76 -21.20 6.99
C PRO D 21 -12.32 -21.86 8.29
N VAL D 22 -13.32 -22.37 9.02
CA VAL D 22 -13.22 -23.08 10.30
C VAL D 22 -12.18 -24.22 10.19
N SER D 23 -12.30 -25.03 9.13
CA SER D 23 -11.49 -26.20 8.80
C SER D 23 -10.00 -25.91 8.75
N GLU D 24 -9.60 -24.75 8.18
CA GLU D 24 -8.18 -24.35 8.04
C GLU D 24 -7.41 -24.23 9.37
N LEU D 25 -8.12 -23.98 10.50
CA LEU D 25 -7.59 -23.88 11.87
C LEU D 25 -6.94 -25.16 12.33
N LYS D 26 -7.64 -26.33 12.13
CA LYS D 26 -7.21 -27.70 12.51
C LYS D 26 -5.96 -28.24 11.79
N GLY D 27 -5.24 -27.34 11.12
CA GLY D 27 -4.03 -27.60 10.37
C GLY D 27 -2.84 -26.90 10.99
N ASP D 28 -1.78 -27.67 11.23
CA ASP D 28 -0.52 -27.24 11.82
C ASP D 28 0.23 -26.23 10.95
N ASN D 29 -0.22 -26.06 9.70
CA ASN D 29 0.40 -25.11 8.78
C ASN D 29 -0.16 -23.70 8.96
N LYS D 30 -1.36 -23.60 9.60
CA LYS D 30 -2.02 -22.32 9.86
C LYS D 30 -1.99 -21.85 11.30
N GLU D 31 -1.88 -20.53 11.45
CA GLU D 31 -1.84 -19.79 12.71
C GLU D 31 -3.04 -18.83 12.74
N LEU D 32 -3.66 -18.68 13.91
CA LEU D 32 -4.79 -17.76 14.11
C LEU D 32 -4.29 -16.47 14.74
N TRP D 33 -4.45 -15.34 14.05
CA TRP D 33 -3.97 -14.05 14.49
C TRP D 33 -5.07 -13.06 14.84
N LEU D 34 -4.71 -12.05 15.63
CA LEU D 34 -5.54 -10.92 15.98
C LEU D 34 -4.68 -9.65 15.78
N MSE D 35 -5.22 -8.66 15.13
CA MSE D 35 -4.52 -7.43 14.87
C MSE D 35 -5.32 -6.24 15.27
O MSE D 35 -6.45 -6.13 14.82
CB MSE D 35 -4.16 -7.33 13.40
CG MSE D 35 -2.88 -8.08 13.06
SE MSE D 35 -2.85 -8.76 11.24
CE MSE D 35 -4.19 -10.16 11.45
N LYS D 36 -4.76 -5.39 16.13
CA LYS D 36 -5.32 -4.09 16.49
C LYS D 36 -4.52 -3.11 15.62
N VAL D 37 -5.19 -2.43 14.70
CA VAL D 37 -4.56 -1.51 13.73
C VAL D 37 -5.29 -0.18 13.75
N PRO D 38 -4.62 0.98 13.50
CA PRO D 38 -5.34 2.27 13.46
C PRO D 38 -6.47 2.26 12.43
N ALA D 39 -7.62 2.88 12.77
CA ALA D 39 -8.80 2.89 11.89
C ALA D 39 -8.55 3.64 10.56
N ASN D 40 -7.60 4.57 10.54
CA ASN D 40 -7.28 5.32 9.34
C ASN D 40 -6.51 4.58 8.24
N ILE D 41 -6.05 3.34 8.50
CA ILE D 41 -5.33 2.58 7.49
C ILE D 41 -6.33 1.82 6.64
N ASP D 42 -6.27 2.01 5.30
CA ASP D 42 -7.16 1.29 4.39
C ASP D 42 -6.50 -0.01 3.99
N ILE D 43 -6.82 -1.10 4.72
CA ILE D 43 -6.30 -2.45 4.50
C ILE D 43 -6.59 -2.99 3.08
N SER D 44 -7.76 -2.64 2.51
CA SER D 44 -8.15 -3.07 1.16
C SER D 44 -7.16 -2.63 0.06
N GLN D 45 -6.44 -1.52 0.29
CA GLN D 45 -5.45 -0.97 -0.66
C GLN D 45 -4.09 -1.64 -0.51
N LEU D 46 -3.89 -2.40 0.58
CA LEU D 46 -2.63 -3.08 0.83
C LEU D 46 -2.60 -4.43 0.15
N LYS D 47 -1.42 -4.79 -0.33
CA LYS D 47 -1.16 -6.04 -1.02
C LYS D 47 -0.37 -6.99 -0.10
N SER D 48 0.34 -6.42 0.90
CA SER D 48 1.16 -7.14 1.86
C SER D 48 1.21 -6.46 3.23
N LEU D 49 1.47 -7.23 4.31
CA LEU D 49 1.67 -6.70 5.64
C LEU D 49 3.12 -6.97 6.01
N PRO D 50 4.06 -5.99 6.00
CA PRO D 50 5.46 -6.31 6.31
C PRO D 50 5.78 -6.45 7.81
N LEU D 51 4.93 -7.18 8.56
CA LEU D 51 5.10 -7.54 9.97
C LEU D 51 6.28 -8.52 10.13
N ASP D 52 7.18 -8.28 11.12
CA ASP D 52 8.26 -9.24 11.36
C ASP D 52 7.90 -10.14 12.51
N THR D 53 7.51 -11.33 12.15
CA THR D 53 7.12 -12.39 13.09
C THR D 53 8.23 -12.68 14.14
N ASP D 54 9.48 -12.37 13.80
CA ASP D 54 10.67 -12.60 14.60
C ASP D 54 11.03 -11.45 15.54
N ALA D 55 10.32 -10.32 15.45
CA ALA D 55 10.56 -9.13 16.25
C ALA D 55 9.49 -8.96 17.35
N THR D 56 9.88 -8.44 18.53
CA THR D 56 8.96 -8.15 19.63
C THR D 56 8.41 -6.76 19.29
N VAL D 57 9.34 -5.85 19.04
CA VAL D 57 9.11 -4.46 18.70
C VAL D 57 9.80 -4.14 17.39
N SER D 58 9.07 -3.62 16.44
CA SER D 58 9.58 -3.26 15.12
C SER D 58 8.87 -2.03 14.58
N THR D 59 9.03 -1.73 13.27
CA THR D 59 8.36 -0.69 12.47
C THR D 59 7.83 -1.32 11.16
N VAL D 60 6.75 -0.83 10.67
CA VAL D 60 6.20 -1.35 9.43
C VAL D 60 5.94 -0.09 8.66
N GLU D 61 6.71 0.12 7.57
CA GLU D 61 6.49 1.23 6.67
C GLU D 61 5.35 0.75 5.72
N LEU D 62 4.11 1.26 5.94
CA LEU D 62 2.96 0.93 5.08
C LEU D 62 2.23 2.18 4.49
N GLY D 63 2.50 2.46 3.22
CA GLY D 63 1.98 3.63 2.52
C GLY D 63 3.02 4.74 2.56
N SER D 64 2.65 5.91 3.06
CA SER D 64 3.63 7.02 3.18
C SER D 64 4.04 7.18 4.64
N LYS D 65 3.23 6.61 5.56
CA LYS D 65 3.42 6.69 7.02
C LYS D 65 4.13 5.46 7.60
N ASN D 66 4.89 5.70 8.70
CA ASN D 66 5.63 4.70 9.50
C ASN D 66 4.87 4.37 10.78
N PHE D 67 4.90 3.10 11.16
CA PHE D 67 4.19 2.64 12.33
C PHE D 67 5.05 1.82 13.28
N ASN D 68 4.61 1.73 14.53
CA ASN D 68 5.26 0.88 15.50
C ASN D 68 4.49 -0.41 15.55
N VAL D 69 5.24 -1.50 15.70
CA VAL D 69 4.62 -2.81 15.77
C VAL D 69 5.05 -3.51 17.05
N LEU D 70 4.07 -3.91 17.88
CA LEU D 70 4.27 -4.71 19.09
C LEU D 70 3.64 -6.11 18.89
N GLN D 71 4.46 -7.17 19.10
CA GLN D 71 3.99 -8.56 19.09
C GLN D 71 3.65 -8.90 20.55
N ASN D 72 2.43 -8.51 20.94
CA ASN D 72 1.88 -8.65 22.29
C ASN D 72 2.10 -9.98 22.97
N THR D 73 2.05 -11.09 22.20
CA THR D 73 2.16 -12.47 22.66
C THR D 73 3.61 -12.95 22.88
N SER D 74 4.58 -12.05 22.63
CA SER D 74 6.00 -12.34 22.78
C SER D 74 6.54 -11.66 24.03
N THR D 75 5.60 -11.25 24.88
CA THR D 75 5.82 -10.54 26.13
C THR D 75 5.11 -11.29 27.28
N GLN D 76 5.52 -11.04 28.54
CA GLN D 76 4.90 -11.62 29.73
C GLN D 76 3.39 -11.24 29.90
N GLU D 77 3.03 -9.99 29.64
CA GLU D 77 1.70 -9.44 29.92
C GLU D 77 0.68 -9.65 28.83
N GLY D 78 1.17 -9.82 27.61
CA GLY D 78 0.28 -10.10 26.49
C GLY D 78 0.15 -11.54 26.04
N SER D 79 0.83 -12.46 26.71
CA SER D 79 0.75 -13.85 26.27
C SER D 79 -0.61 -14.55 26.58
N ASP D 80 -1.21 -14.30 27.80
CA ASP D 80 -2.50 -14.89 28.17
C ASP D 80 -3.66 -14.13 27.54
N ASN D 81 -4.36 -14.74 26.57
CA ASN D 81 -5.50 -14.11 25.89
C ASN D 81 -6.76 -15.01 25.93
N THR D 82 -6.83 -15.86 26.98
CA THR D 82 -7.91 -16.82 27.27
C THR D 82 -9.21 -16.13 27.65
N ASN D 83 -9.19 -14.81 27.73
CA ASN D 83 -10.37 -13.99 28.00
C ASN D 83 -11.13 -13.70 26.69
N LEU D 84 -10.44 -13.92 25.54
CA LEU D 84 -10.97 -13.68 24.21
C LEU D 84 -11.47 -14.94 23.53
N SER D 85 -12.76 -14.97 23.21
CA SER D 85 -13.38 -16.07 22.49
C SER D 85 -13.80 -15.66 21.08
N LEU D 86 -13.43 -16.46 20.06
CA LEU D 86 -13.76 -16.23 18.66
C LEU D 86 -15.08 -16.91 18.35
N LEU D 87 -16.10 -16.12 17.93
CA LEU D 87 -17.41 -16.64 17.53
C LEU D 87 -17.46 -16.63 16.02
N ILE D 88 -17.83 -17.76 15.43
CA ILE D 88 -17.89 -17.96 13.98
C ILE D 88 -19.29 -18.32 13.48
N PRO D 89 -19.65 -17.92 12.24
CA PRO D 89 -20.98 -18.29 11.74
C PRO D 89 -21.02 -19.76 11.37
N SER D 90 -22.17 -20.41 11.64
CA SER D 90 -22.42 -21.83 11.42
C SER D 90 -22.93 -22.18 10.02
N GLU D 91 -23.08 -23.50 9.74
CA GLU D 91 -23.62 -24.02 8.49
C GLU D 91 -25.05 -24.61 8.66
N LYS D 92 -25.70 -24.19 9.78
CA LYS D 92 -27.09 -24.46 10.17
C LYS D 92 -27.91 -23.25 9.68
N LYS D 93 -27.24 -22.05 9.70
CA LYS D 93 -27.70 -20.72 9.26
C LYS D 93 -26.56 -19.66 9.28
N LYS D 94 -26.67 -18.65 8.40
CA LYS D 94 -25.74 -17.53 8.30
C LYS D 94 -26.20 -16.38 9.22
N GLU D 95 -27.14 -16.67 10.14
CA GLU D 95 -27.66 -15.66 11.08
C GLU D 95 -27.20 -15.86 12.51
N THR D 96 -26.78 -17.10 12.87
CA THR D 96 -26.32 -17.43 14.21
C THR D 96 -24.82 -17.76 14.26
N LEU D 97 -24.18 -17.43 15.39
CA LEU D 97 -22.75 -17.69 15.64
C LEU D 97 -22.58 -18.66 16.83
N LYS D 98 -21.45 -19.40 16.85
CA LYS D 98 -21.11 -20.34 17.91
C LYS D 98 -19.63 -20.14 18.20
N VAL D 99 -19.15 -20.51 19.40
CA VAL D 99 -17.73 -20.41 19.81
C VAL D 99 -16.91 -21.44 19.03
N ALA D 100 -15.82 -20.96 18.41
CA ALA D 100 -14.90 -21.82 17.65
C ALA D 100 -14.23 -22.81 18.60
N THR D 101 -14.33 -24.10 18.28
CA THR D 101 -13.75 -25.19 19.08
C THR D 101 -12.84 -26.07 18.20
N SER D 102 -11.74 -26.58 18.79
CA SER D 102 -10.84 -27.48 18.07
C SER D 102 -11.43 -28.90 18.14
N LYS D 103 -10.77 -29.86 17.47
CA LYS D 103 -11.09 -31.30 17.42
C LYS D 103 -11.21 -31.94 18.81
N ASP D 104 -10.37 -31.46 19.77
CA ASP D 104 -10.26 -31.90 21.17
C ASP D 104 -11.37 -31.34 22.10
N ASN D 105 -12.22 -30.42 21.57
CA ASN D 105 -13.31 -29.73 22.27
C ASN D 105 -12.84 -28.51 23.09
N LYS D 106 -11.51 -28.26 23.13
CA LYS D 106 -10.90 -27.10 23.81
C LYS D 106 -11.23 -25.81 23.03
N SER D 107 -11.31 -24.69 23.75
CA SER D 107 -11.61 -23.36 23.21
C SER D 107 -10.41 -22.87 22.33
N VAL D 108 -10.70 -22.28 21.16
CA VAL D 108 -9.66 -21.80 20.23
C VAL D 108 -9.13 -20.42 20.67
N TYR D 109 -7.79 -20.31 20.80
CA TYR D 109 -7.09 -19.12 21.22
C TYR D 109 -6.19 -18.60 20.12
N PHE D 110 -5.90 -17.30 20.17
CA PHE D 110 -5.06 -16.65 19.18
C PHE D 110 -3.62 -17.04 19.39
N ASP D 111 -2.97 -17.45 18.31
CA ASP D 111 -1.58 -17.87 18.31
C ASP D 111 -0.68 -16.67 18.46
N ARG D 112 -0.99 -15.60 17.73
CA ARG D 112 -0.25 -14.34 17.75
C ARG D 112 -1.23 -13.19 17.82
N VAL D 113 -0.87 -12.13 18.57
CA VAL D 113 -1.63 -10.89 18.71
C VAL D 113 -0.63 -9.81 18.35
N PHE D 114 -0.94 -8.95 17.35
CA PHE D 114 -0.08 -7.83 16.93
C PHE D 114 -0.78 -6.52 17.14
N THR D 115 -0.11 -5.52 17.77
CA THR D 115 -0.68 -4.15 17.81
C THR D 115 0.10 -3.21 16.88
N ILE D 116 -0.56 -2.58 15.90
CA ILE D 116 0.06 -1.61 14.97
C ILE D 116 -0.38 -0.23 15.40
N SER D 117 0.54 0.65 15.79
CA SER D 117 0.21 2.01 16.24
C SER D 117 0.99 3.07 15.45
N GLU D 118 0.48 4.30 15.41
CA GLU D 118 1.15 5.40 14.71
C GLU D 118 2.40 5.84 15.46
N THR D 119 3.36 6.36 14.72
CA THR D 119 4.59 6.90 15.29
C THR D 119 4.27 8.29 15.83
N ALA D 120 5.06 8.78 16.81
CA ALA D 120 4.84 10.11 17.37
C ALA D 120 4.99 11.18 16.30
N ARG D 121 4.04 12.08 16.30
CA ARG D 121 3.96 13.16 15.34
C ARG D 121 3.51 14.41 16.06
N ILE D 122 4.03 15.60 15.66
CA ILE D 122 3.55 16.81 16.30
C ILE D 122 2.71 17.63 15.34
N PRO D 123 1.40 17.25 15.24
CA PRO D 123 0.50 17.92 14.29
C PRO D 123 0.37 19.42 14.43
N LYS E 7 10.04 10.30 41.78
CA LYS E 7 10.67 11.24 42.72
C LYS E 7 10.76 12.67 42.14
N ARG E 8 10.84 12.76 40.80
CA ARG E 8 10.86 14.04 40.09
C ARG E 8 9.37 14.48 39.95
N SER E 9 8.96 15.54 40.71
CA SER E 9 7.57 15.99 40.66
C SER E 9 7.34 17.47 40.29
N ILE E 10 6.88 17.72 39.05
CA ILE E 10 6.58 19.07 38.58
C ILE E 10 5.18 19.47 39.14
N ALA E 11 5.08 20.60 39.85
CA ALA E 11 3.78 21.02 40.35
C ALA E 11 3.03 21.89 39.31
N ILE E 12 1.72 21.65 39.15
CA ILE E 12 0.89 22.42 38.24
C ILE E 12 0.40 23.63 39.03
N ASP E 13 0.98 24.81 38.70
CA ASP E 13 0.68 26.10 39.31
C ASP E 13 -0.68 26.64 38.90
N SER E 14 -1.02 26.52 37.59
CA SER E 14 -2.28 26.96 37.03
C SER E 14 -2.63 26.20 35.74
N TYR E 15 -3.93 26.11 35.45
CA TYR E 15 -4.43 25.47 34.24
C TYR E 15 -5.50 26.38 33.62
N GLN E 16 -5.32 26.76 32.34
CA GLN E 16 -6.29 27.61 31.64
C GLN E 16 -7.00 26.78 30.57
N GLU E 17 -8.29 26.64 30.69
CA GLU E 17 -9.08 25.82 29.77
C GLU E 17 -9.62 26.61 28.61
N ASP E 18 -9.92 27.91 28.83
CA ASP E 18 -10.47 28.83 27.83
C ASP E 18 -9.40 29.35 26.83
N PRO E 19 -9.77 29.72 25.57
CA PRO E 19 -8.77 30.17 24.60
C PRO E 19 -7.92 31.33 25.02
N SER E 20 -6.61 31.23 24.75
CA SER E 20 -5.61 32.23 25.04
C SER E 20 -4.61 32.22 23.89
N VAL E 21 -3.79 31.15 23.78
CA VAL E 21 -2.79 30.98 22.75
C VAL E 21 -3.24 30.05 21.64
N VAL E 22 -2.62 30.13 20.48
CA VAL E 22 -2.92 29.29 19.33
C VAL E 22 -1.58 28.77 18.80
N VAL E 23 -1.50 27.47 18.54
CA VAL E 23 -0.29 26.91 17.96
C VAL E 23 -0.61 26.75 16.47
N SER E 24 0.06 27.56 15.64
CA SER E 24 -0.18 27.51 14.19
C SER E 24 0.93 26.67 13.57
N ASN E 25 0.53 25.86 12.62
CA ASN E 25 1.42 24.97 11.91
C ASN E 25 1.46 25.36 10.43
N PHE E 26 2.58 25.90 10.01
CA PHE E 26 2.78 26.28 8.61
C PHE E 26 3.74 25.25 8.00
N PHE E 27 4.98 25.68 7.73
CA PHE E 27 6.03 24.88 7.13
C PHE E 27 7.34 25.24 7.83
N LYS E 28 8.36 24.38 7.70
CA LYS E 28 9.66 24.59 8.33
C LYS E 28 10.33 25.80 7.72
N GLY E 29 10.72 26.73 8.59
CA GLY E 29 11.38 27.97 8.18
C GLY E 29 10.45 29.16 7.94
N VAL E 30 9.17 29.05 8.32
CA VAL E 30 8.17 30.10 8.15
C VAL E 30 8.60 31.38 8.88
N ARG E 31 8.41 32.52 8.22
CA ARG E 31 8.68 33.82 8.82
C ARG E 31 7.40 34.65 8.71
N VAL E 32 6.84 35.00 9.85
CA VAL E 32 5.64 35.81 9.91
C VAL E 32 6.06 37.23 10.38
N PRO E 33 5.78 38.31 9.58
CA PRO E 33 6.13 39.67 10.01
C PRO E 33 5.55 40.01 11.38
N LYS E 34 6.35 40.64 12.28
CA LYS E 34 5.92 40.93 13.66
C LYS E 34 4.62 41.72 13.81
N ASP E 35 4.32 42.55 12.79
CA ASP E 35 3.13 43.38 12.67
C ASP E 35 1.83 42.59 12.37
N THR E 36 1.92 41.41 11.72
CA THR E 36 0.77 40.57 11.34
C THR E 36 -0.18 40.31 12.50
N GLU E 37 -1.46 40.66 12.29
CA GLU E 37 -2.57 40.52 13.24
C GLU E 37 -3.50 39.40 12.80
N PHE E 38 -3.86 38.54 13.76
CA PHE E 38 -4.70 37.35 13.59
C PHE E 38 -5.94 37.42 14.44
N GLN E 39 -7.01 36.71 13.99
CA GLN E 39 -8.26 36.56 14.73
C GLN E 39 -8.59 35.08 14.85
N LEU E 40 -9.21 34.68 15.96
CA LEU E 40 -9.61 33.30 16.20
C LEU E 40 -11.13 33.20 16.16
N TYR E 41 -11.64 32.16 15.49
CA TYR E 41 -13.09 31.93 15.37
C TYR E 41 -13.37 30.51 15.79
N LYS E 42 -14.41 30.32 16.63
CA LYS E 42 -14.82 29.02 17.16
C LYS E 42 -16.16 28.63 16.58
N LYS E 43 -16.29 27.34 16.20
CA LYS E 43 -17.53 26.81 15.62
C LYS E 43 -18.58 26.74 16.69
N ARG E 44 -19.80 27.18 16.35
CA ARG E 44 -20.95 27.15 17.23
C ARG E 44 -21.32 25.71 17.53
N LYS E 45 -21.29 25.36 18.83
CA LYS E 45 -21.58 24.03 19.32
C LYS E 45 -22.70 24.05 20.36
N GLN E 46 -23.51 22.99 20.34
CA GLN E 46 -24.55 22.76 21.31
C GLN E 46 -23.96 21.63 22.21
N ASP E 47 -24.09 21.79 23.53
CA ASP E 47 -23.53 20.79 24.45
C ASP E 47 -24.45 19.59 24.64
N GLN E 48 -23.86 18.51 25.17
CA GLN E 48 -24.56 17.29 25.50
C GLN E 48 -24.64 17.18 27.02
N PHE E 49 -25.82 16.82 27.57
CA PHE E 49 -25.99 16.71 29.01
C PHE E 49 -26.54 15.43 29.50
N VAL E 50 -26.24 15.14 30.77
CA VAL E 50 -26.77 14.03 31.54
C VAL E 50 -27.41 14.66 32.78
N LEU E 51 -28.64 14.17 33.09
CA LEU E 51 -29.40 14.62 34.25
C LEU E 51 -29.61 13.45 35.23
N HIS E 52 -29.24 13.65 36.49
CA HIS E 52 -29.49 12.64 37.53
C HIS E 52 -30.23 13.29 38.70
N GLY E 53 -31.28 12.61 39.16
CA GLY E 53 -32.09 13.02 40.29
C GLY E 53 -32.38 11.87 41.23
N GLU E 54 -32.56 12.15 42.51
CA GLU E 54 -32.85 11.13 43.49
C GLU E 54 -33.87 11.60 44.44
N ASN E 55 -34.75 10.65 44.81
CA ASN E 55 -35.81 10.76 45.80
C ASN E 55 -35.44 9.80 46.89
N GLU E 56 -36.35 9.63 47.86
CA GLU E 56 -36.20 8.73 48.98
C GLU E 56 -36.44 7.28 48.49
N ARG E 57 -37.24 7.15 47.43
CA ARG E 57 -37.75 5.95 46.81
C ARG E 57 -37.42 5.85 45.31
N LEU E 58 -37.24 6.98 44.59
CA LEU E 58 -37.00 6.93 43.13
C LEU E 58 -35.66 7.45 42.69
N GLU E 59 -35.20 7.03 41.48
CA GLU E 59 -34.00 7.52 40.81
C GLU E 59 -34.46 8.03 39.47
N TYR E 60 -34.05 9.23 39.12
CA TYR E 60 -34.38 9.88 37.86
C TYR E 60 -33.07 9.99 37.05
N ASP E 61 -33.09 9.48 35.82
CA ASP E 61 -31.93 9.50 34.92
C ASP E 61 -32.31 9.84 33.50
N GLY E 62 -31.69 10.86 32.95
CA GLY E 62 -31.97 11.31 31.59
C GLY E 62 -30.78 11.91 30.86
N GLU E 63 -30.91 11.97 29.54
CA GLU E 63 -29.88 12.54 28.67
C GLU E 63 -30.48 13.32 27.51
N THR E 64 -29.64 14.16 26.88
CA THR E 64 -30.00 14.90 25.68
C THR E 64 -29.85 13.89 24.52
N ASP E 65 -30.50 14.14 23.36
CA ASP E 65 -30.33 13.26 22.20
C ASP E 65 -29.21 13.86 21.34
N GLU E 66 -28.16 13.08 21.05
CA GLU E 66 -26.98 13.51 20.26
C GLU E 66 -27.35 14.22 18.96
N LEU E 67 -28.26 13.64 18.15
CA LEU E 67 -28.69 14.21 16.87
C LEU E 67 -29.49 15.50 17.05
N THR E 68 -30.40 15.57 18.05
CA THR E 68 -31.20 16.77 18.35
C THR E 68 -30.29 17.95 18.68
N THR E 69 -29.26 17.67 19.48
CA THR E 69 -28.19 18.57 19.89
C THR E 69 -27.53 19.23 18.62
N LYS E 70 -27.42 18.46 17.53
CA LYS E 70 -26.82 18.93 16.28
C LYS E 70 -27.78 19.71 15.36
N THR E 71 -29.09 19.38 15.43
CA THR E 71 -30.14 19.95 14.58
C THR E 71 -30.85 21.14 15.19
N ASN E 72 -31.17 21.08 16.49
CA ASN E 72 -31.97 22.12 17.12
C ASN E 72 -31.44 22.62 18.44
N GLN E 73 -31.84 23.85 18.79
CA GLN E 73 -31.60 24.45 20.10
C GLN E 73 -32.96 24.80 20.73
N TYR E 74 -33.09 24.65 22.06
CA TYR E 74 -34.31 24.97 22.78
C TYR E 74 -34.15 26.17 23.67
N MSE E 75 -35.20 26.99 23.75
CA MSE E 75 -35.20 28.20 24.55
C MSE E 75 -36.37 28.22 25.49
O MSE E 75 -37.50 27.95 25.06
CB MSE E 75 -35.35 29.46 23.69
CG MSE E 75 -34.72 29.37 22.31
SE MSE E 75 -33.18 30.54 22.24
CE MSE E 75 -31.78 29.35 22.82
N VAL E 76 -36.12 28.61 26.75
CA VAL E 76 -37.19 28.84 27.69
C VAL E 76 -37.33 30.36 27.74
N GLY E 77 -38.55 30.83 27.56
CA GLY E 77 -38.83 32.25 27.52
C GLY E 77 -39.86 32.74 28.51
N LEU E 78 -39.61 33.93 29.06
CA LEU E 78 -40.51 34.63 29.97
C LEU E 78 -40.98 35.84 29.20
N TYR E 79 -42.24 35.78 28.73
CA TYR E 79 -42.86 36.81 27.92
C TYR E 79 -43.77 37.70 28.77
N ASP E 80 -43.69 39.02 28.53
CA ASP E 80 -44.54 39.99 29.21
C ASP E 80 -45.61 40.45 28.22
N LYS E 81 -46.87 40.04 28.47
CA LYS E 81 -48.08 40.39 27.68
C LYS E 81 -48.20 41.90 27.51
N GLN E 82 -48.00 42.66 28.61
CA GLN E 82 -48.07 44.12 28.66
C GLN E 82 -47.03 44.85 27.80
N SER E 83 -45.71 44.62 28.04
CA SER E 83 -44.64 45.32 27.32
C SER E 83 -44.29 44.79 25.92
N GLY E 84 -44.48 43.48 25.73
CA GLY E 84 -44.13 42.78 24.49
C GLY E 84 -42.65 42.46 24.47
N LYS E 85 -42.09 42.20 25.67
CA LYS E 85 -40.68 41.87 25.90
C LYS E 85 -40.56 40.39 26.32
N ILE E 86 -39.50 39.73 25.83
CA ILE E 86 -39.18 38.34 26.16
C ILE E 86 -37.76 38.23 26.73
N ASN E 87 -37.58 37.32 27.70
CA ASN E 87 -36.29 37.01 28.31
C ASN E 87 -36.01 35.55 27.94
N LEU E 88 -34.98 35.33 27.11
CA LEU E 88 -34.63 34.00 26.61
C LEU E 88 -33.51 33.33 27.39
N TYR E 89 -33.65 32.01 27.57
CA TYR E 89 -32.71 31.16 28.30
C TYR E 89 -32.50 29.88 27.54
N ARG E 90 -31.25 29.61 27.15
CA ARG E 90 -30.92 28.38 26.44
C ARG E 90 -31.07 27.21 27.43
N ALA E 91 -31.75 26.14 27.00
CA ALA E 91 -31.97 25.00 27.88
C ALA E 91 -31.85 23.67 27.20
N PRO E 92 -31.18 22.69 27.83
CA PRO E 92 -31.17 21.36 27.24
C PRO E 92 -32.52 20.68 27.50
N VAL E 93 -32.93 19.81 26.56
CA VAL E 93 -34.15 19.03 26.71
C VAL E 93 -33.69 17.59 26.88
N VAL E 94 -33.94 17.08 28.07
CA VAL E 94 -33.48 15.77 28.48
C VAL E 94 -34.69 14.80 28.56
N THR E 95 -34.58 13.61 27.92
CA THR E 95 -35.63 12.60 28.04
C THR E 95 -35.23 11.68 29.19
N SER E 96 -36.05 11.69 30.25
CA SER E 96 -35.75 10.99 31.49
C SER E 96 -36.58 9.76 31.79
N LYS E 97 -35.97 8.84 32.56
CA LYS E 97 -36.54 7.58 33.01
C LYS E 97 -36.62 7.57 34.51
N ILE E 98 -37.70 6.96 35.04
CA ILE E 98 -37.86 6.86 36.50
C ILE E 98 -37.62 5.43 36.90
N VAL E 99 -36.79 5.24 37.91
CA VAL E 99 -36.48 3.92 38.44
C VAL E 99 -36.77 3.84 39.97
N SER E 100 -37.30 2.72 40.44
CA SER E 100 -37.64 2.54 41.84
C SER E 100 -36.45 1.96 42.60
N LYS E 101 -35.98 2.66 43.64
CA LYS E 101 -34.86 2.22 44.49
C LYS E 101 -35.35 1.07 45.36
N PHE E 102 -36.43 1.34 46.17
CA PHE E 102 -37.09 0.50 47.18
C PHE E 102 -36.55 0.77 48.62
N GLY F 4 -13.75 42.90 3.28
CA GLY F 4 -13.17 42.26 4.44
C GLY F 4 -13.47 40.77 4.55
N TYR F 5 -12.60 40.06 5.30
CA TYR F 5 -12.71 38.62 5.58
C TYR F 5 -13.99 38.30 6.35
N GLN F 6 -14.61 37.17 6.01
CA GLN F 6 -15.79 36.67 6.68
C GLN F 6 -15.59 35.18 7.05
N PRO F 7 -15.70 34.80 8.35
CA PRO F 7 -15.49 33.40 8.72
C PRO F 7 -16.59 32.47 8.23
N PRO F 8 -16.42 31.16 8.24
CA PRO F 8 -17.52 30.29 7.80
C PRO F 8 -18.84 30.63 8.52
N SER F 9 -19.95 30.36 7.85
CA SER F 9 -21.32 30.64 8.31
C SER F 9 -21.69 30.25 9.77
N ASP F 10 -21.01 29.24 10.33
CA ASP F 10 -21.31 28.73 11.66
C ASP F 10 -20.18 28.96 12.70
N TYR F 11 -19.29 29.91 12.42
CA TYR F 11 -18.17 30.26 13.29
C TYR F 11 -18.35 31.66 13.83
N LYS F 12 -18.05 31.85 15.12
CA LYS F 12 -18.15 33.15 15.77
C LYS F 12 -16.79 33.52 16.32
N GLN F 13 -16.41 34.79 16.20
CA GLN F 13 -15.11 35.31 16.66
C GLN F 13 -14.91 35.18 18.17
N CYS F 14 -13.67 34.83 18.56
CA CYS F 14 -13.21 34.75 19.94
C CYS F 14 -12.77 36.15 20.30
N LYS F 15 -13.61 36.85 21.08
CA LYS F 15 -13.39 38.25 21.49
C LYS F 15 -12.91 38.40 22.95
N HIS F 16 -12.84 37.30 23.71
CA HIS F 16 -12.45 37.31 25.11
C HIS F 16 -11.29 36.34 25.40
N LEU F 17 -10.17 36.53 24.68
CA LEU F 17 -8.97 35.71 24.86
C LEU F 17 -8.34 35.96 26.23
N LYS F 18 -8.02 34.89 26.95
CA LYS F 18 -7.39 35.00 28.27
C LYS F 18 -5.90 35.33 28.12
N SER F 19 -5.30 35.87 29.17
CA SER F 19 -3.90 36.28 29.17
C SER F 19 -2.91 35.12 29.25
N PHE F 20 -1.75 35.33 28.61
CA PHE F 20 -0.59 34.44 28.61
C PHE F 20 0.65 35.31 28.94
N PRO F 21 1.46 34.95 29.98
CA PRO F 21 2.63 35.77 30.34
C PRO F 21 3.80 35.72 29.37
N VAL F 22 3.71 36.58 28.33
CA VAL F 22 4.66 36.77 27.22
C VAL F 22 6.08 36.94 27.76
N SER F 23 6.22 37.85 28.73
CA SER F 23 7.48 38.24 29.38
C SER F 23 8.27 37.08 29.97
N GLU F 24 7.57 36.07 30.59
CA GLU F 24 8.17 34.89 31.23
C GLU F 24 9.00 34.06 30.26
N LEU F 25 8.65 34.15 28.95
CA LEU F 25 9.28 33.44 27.84
C LEU F 25 10.77 33.66 27.66
N LYS F 26 11.30 34.88 27.98
CA LYS F 26 12.74 35.20 27.85
C LYS F 26 13.57 35.08 29.12
N GLY F 27 12.95 34.57 30.19
CA GLY F 27 13.58 34.35 31.47
C GLY F 27 14.69 33.31 31.47
N ASP F 28 15.58 33.42 32.45
CA ASP F 28 16.76 32.57 32.61
C ASP F 28 16.40 31.12 32.95
N ASN F 29 15.64 30.89 34.04
CA ASN F 29 15.26 29.53 34.46
C ASN F 29 13.95 29.00 33.77
N LYS F 30 13.36 29.78 32.84
CA LYS F 30 12.11 29.40 32.16
C LYS F 30 12.23 28.61 30.84
N GLU F 31 11.33 27.65 30.64
CA GLU F 31 11.24 26.78 29.45
C GLU F 31 9.82 26.81 28.84
N LEU F 32 9.71 26.82 27.50
CA LEU F 32 8.44 26.79 26.77
C LEU F 32 8.22 25.37 26.29
N TRP F 33 7.13 24.75 26.75
CA TRP F 33 6.76 23.36 26.44
C TRP F 33 5.51 23.21 25.59
N LEU F 34 5.43 22.07 24.89
CA LEU F 34 4.29 21.60 24.10
C LEU F 34 4.02 20.14 24.52
N MSE F 35 2.78 19.87 24.92
CA MSE F 35 2.31 18.57 25.35
C MSE F 35 1.11 18.14 24.61
O MSE F 35 0.10 18.84 24.63
CB MSE F 35 2.05 18.53 26.85
CG MSE F 35 3.33 18.33 27.68
SE MSE F 35 3.16 19.01 29.53
CE MSE F 35 3.08 21.01 28.94
N LYS F 36 1.20 17.01 23.96
CA LYS F 36 0.13 16.27 23.30
C LYS F 36 -0.26 15.18 24.32
N VAL F 37 -1.51 15.24 24.81
CA VAL F 37 -2.00 14.35 25.85
C VAL F 37 -3.33 13.72 25.42
N PRO F 38 -3.69 12.48 25.89
CA PRO F 38 -5.01 11.91 25.53
C PRO F 38 -6.16 12.83 25.96
N ALA F 39 -7.19 12.95 25.13
CA ALA F 39 -8.33 13.84 25.37
C ALA F 39 -9.12 13.47 26.62
N ASN F 40 -9.10 12.17 27.01
CA ASN F 40 -9.80 11.63 28.17
C ASN F 40 -9.22 12.06 29.53
N ILE F 41 -8.02 12.67 29.58
CA ILE F 41 -7.41 13.10 30.85
C ILE F 41 -7.94 14.48 31.25
N ASP F 42 -8.50 14.61 32.46
CA ASP F 42 -8.93 15.91 32.96
C ASP F 42 -7.75 16.57 33.73
N ILE F 43 -7.01 17.45 33.03
CA ILE F 43 -5.86 18.18 33.55
C ILE F 43 -6.18 19.03 34.81
N SER F 44 -7.40 19.61 34.88
CA SER F 44 -7.85 20.45 36.01
C SER F 44 -7.84 19.70 37.37
N GLN F 45 -7.96 18.36 37.32
CA GLN F 45 -7.97 17.49 38.48
C GLN F 45 -6.55 17.13 38.93
N LEU F 46 -5.54 17.40 38.08
CA LEU F 46 -4.16 17.11 38.40
C LEU F 46 -3.53 18.22 39.23
N LYS F 47 -2.71 17.82 40.23
CA LYS F 47 -1.97 18.73 41.10
C LYS F 47 -0.49 18.72 40.75
N SER F 48 0.00 17.62 40.15
CA SER F 48 1.40 17.47 39.75
C SER F 48 1.57 16.61 38.47
N LEU F 49 2.70 16.82 37.76
CA LEU F 49 3.13 16.09 36.58
C LEU F 49 4.42 15.37 36.93
N PRO F 50 4.42 14.07 37.27
CA PRO F 50 5.69 13.40 37.60
C PRO F 50 6.54 13.00 36.38
N LEU F 51 6.72 13.93 35.41
CA LEU F 51 7.52 13.73 34.19
C LEU F 51 9.01 13.68 34.50
N ASP F 52 9.74 12.78 33.83
CA ASP F 52 11.19 12.71 33.93
C ASP F 52 11.72 13.51 32.74
N THR F 53 12.29 14.68 33.04
CA THR F 53 12.81 15.62 32.05
C THR F 53 14.08 15.14 31.30
N ASP F 54 14.83 14.20 31.90
CA ASP F 54 16.08 13.69 31.32
C ASP F 54 15.86 12.50 30.36
N ALA F 55 14.85 11.67 30.61
CA ALA F 55 14.54 10.52 29.77
C ALA F 55 13.87 10.89 28.44
N THR F 56 14.19 10.13 27.39
CA THR F 56 13.57 10.29 26.07
C THR F 56 12.26 9.51 26.09
N VAL F 57 12.29 8.32 26.70
CA VAL F 57 11.14 7.44 26.86
C VAL F 57 11.01 7.17 28.36
N SER F 58 9.80 7.39 28.93
CA SER F 58 9.48 7.14 30.34
C SER F 58 7.99 6.83 30.45
N THR F 59 7.53 6.50 31.67
CA THR F 59 6.12 6.33 31.99
C THR F 59 5.79 7.44 32.97
N VAL F 60 4.48 7.72 33.21
CA VAL F 60 3.99 8.74 34.13
C VAL F 60 2.67 8.28 34.72
N GLU F 61 2.62 8.14 36.04
CA GLU F 61 1.43 7.70 36.73
C GLU F 61 0.62 8.93 37.17
N LEU F 62 0.07 9.64 36.17
CA LEU F 62 -0.78 10.80 36.42
C LEU F 62 -2.20 10.32 36.67
N GLY F 63 -2.83 10.83 37.73
CA GLY F 63 -4.16 10.41 38.15
C GLY F 63 -4.05 9.01 38.72
N SER F 64 -5.02 8.14 38.38
CA SER F 64 -5.03 6.75 38.84
C SER F 64 -4.23 5.85 37.89
N LYS F 65 -4.37 6.11 36.56
CA LYS F 65 -3.77 5.39 35.43
C LYS F 65 -2.29 5.72 35.13
N ASN F 66 -1.64 4.85 34.32
CA ASN F 66 -0.24 4.96 33.91
C ASN F 66 -0.15 5.06 32.40
N PHE F 67 0.63 6.02 31.93
CA PHE F 67 0.77 6.39 30.54
C PHE F 67 2.20 6.32 30.07
N ASN F 68 2.42 6.22 28.77
CA ASN F 68 3.78 6.25 28.24
C ASN F 68 4.11 7.69 27.89
N VAL F 69 5.42 8.06 27.90
CA VAL F 69 5.89 9.43 27.70
C VAL F 69 7.05 9.45 26.73
N LEU F 70 6.94 10.29 25.69
CA LEU F 70 8.04 10.42 24.74
C LEU F 70 8.43 11.89 24.65
N GLN F 71 9.68 12.22 25.05
CA GLN F 71 10.20 13.57 24.93
C GLN F 71 10.69 13.72 23.49
N ASN F 72 9.77 14.18 22.63
CA ASN F 72 9.86 14.35 21.16
C ASN F 72 11.10 15.15 20.75
N THR F 73 11.42 16.21 21.51
CA THR F 73 12.56 17.12 21.31
C THR F 73 13.91 16.48 21.62
N SER F 74 13.91 15.24 22.17
CA SER F 74 15.08 14.40 22.50
C SER F 74 15.33 13.36 21.40
N THR F 75 14.37 13.22 20.46
CA THR F 75 14.44 12.32 19.32
C THR F 75 14.88 13.10 18.06
N GLN F 76 15.69 12.49 17.18
CA GLN F 76 16.17 13.11 15.94
C GLN F 76 15.00 13.61 15.06
N GLU F 77 13.98 12.77 14.88
CA GLU F 77 12.74 13.04 14.13
C GLU F 77 11.85 14.20 14.69
N GLY F 78 12.00 14.51 15.99
CA GLY F 78 11.21 15.57 16.63
C GLY F 78 12.00 16.72 17.23
N SER F 79 13.23 16.95 16.75
CA SER F 79 14.11 18.01 17.22
C SER F 79 13.74 19.39 16.63
N ASP F 80 13.30 19.39 15.35
CA ASP F 80 12.95 20.58 14.56
C ASP F 80 11.44 20.80 14.56
N ASN F 81 11.00 21.90 15.17
CA ASN F 81 9.60 22.27 15.26
C ASN F 81 9.41 23.70 14.82
N THR F 82 10.29 24.17 13.88
CA THR F 82 10.32 25.53 13.30
C THR F 82 9.14 25.82 12.40
N ASN F 83 8.30 24.83 12.21
CA ASN F 83 7.09 24.95 11.43
C ASN F 83 5.93 25.46 12.32
N LEU F 84 6.15 25.40 13.65
CA LEU F 84 5.17 25.75 14.69
C LEU F 84 5.41 27.13 15.24
N SER F 85 4.43 28.00 15.00
CA SER F 85 4.44 29.35 15.54
C SER F 85 3.37 29.52 16.61
N LEU F 86 3.79 30.05 17.79
CA LEU F 86 2.94 30.37 18.92
C LEU F 86 2.38 31.77 18.73
N LEU F 87 1.05 31.89 18.63
CA LEU F 87 0.39 33.19 18.50
C LEU F 87 -0.19 33.53 19.87
N ILE F 88 0.13 34.72 20.34
CA ILE F 88 -0.29 35.18 21.67
C ILE F 88 -1.23 36.40 21.57
N PRO F 89 -2.22 36.52 22.50
CA PRO F 89 -3.09 37.70 22.45
C PRO F 89 -2.35 38.95 22.92
N SER F 90 -2.45 40.06 22.15
CA SER F 90 -1.78 41.33 22.46
C SER F 90 -2.34 42.01 23.71
N GLU F 91 -1.47 42.78 24.38
CA GLU F 91 -1.77 43.55 25.58
C GLU F 91 -3.10 44.35 25.42
N LYS F 92 -3.12 45.34 24.50
CA LYS F 92 -4.31 46.18 24.26
C LYS F 92 -5.48 45.47 23.56
N LYS F 93 -5.29 44.96 22.32
CA LYS F 93 -6.35 44.27 21.55
C LYS F 93 -6.52 42.81 21.99
N LYS F 94 -7.46 42.55 22.92
CA LYS F 94 -7.74 41.20 23.43
C LYS F 94 -8.77 40.40 22.58
N GLU F 95 -8.66 40.55 21.25
CA GLU F 95 -9.45 39.87 20.22
C GLU F 95 -8.53 39.54 19.04
N THR F 96 -7.32 40.13 19.04
CA THR F 96 -6.31 39.90 18.02
C THR F 96 -5.05 39.24 18.58
N LEU F 97 -4.42 38.37 17.77
CA LEU F 97 -3.21 37.64 18.13
C LEU F 97 -2.06 38.04 17.21
N LYS F 98 -0.83 37.94 17.73
CA LYS F 98 0.41 38.23 17.00
C LYS F 98 1.38 37.10 17.31
N VAL F 99 2.39 36.86 16.44
CA VAL F 99 3.40 35.82 16.62
C VAL F 99 4.35 36.19 17.74
N ALA F 100 4.59 35.23 18.67
CA ALA F 100 5.50 35.42 19.79
C ALA F 100 6.93 35.56 19.26
N THR F 101 7.59 36.66 19.65
CA THR F 101 8.97 36.98 19.27
C THR F 101 9.86 37.27 20.48
N SER F 102 11.19 37.08 20.28
CA SER F 102 12.27 37.30 21.26
C SER F 102 12.88 38.70 21.13
N LYS F 103 13.72 39.12 22.12
CA LYS F 103 14.41 40.44 22.17
C LYS F 103 15.36 40.72 20.97
N ASP F 104 15.61 39.71 20.11
CA ASP F 104 16.47 39.78 18.93
C ASP F 104 15.72 39.44 17.60
N ASN F 105 14.43 39.86 17.50
CA ASN F 105 13.55 39.66 16.34
C ASN F 105 13.48 38.22 15.76
N LYS F 106 13.69 37.22 16.65
CA LYS F 106 13.66 35.79 16.34
C LYS F 106 12.31 35.19 16.75
N SER F 107 11.85 34.18 15.97
CA SER F 107 10.62 33.43 16.20
C SER F 107 10.82 32.51 17.43
N VAL F 108 9.83 32.46 18.36
CA VAL F 108 9.93 31.66 19.61
C VAL F 108 9.61 30.21 19.33
N TYR F 109 10.51 29.29 19.72
CA TYR F 109 10.32 27.85 19.51
C TYR F 109 10.19 27.10 20.80
N PHE F 110 9.54 25.94 20.76
CA PHE F 110 9.39 25.08 21.91
C PHE F 110 10.70 24.48 22.35
N ASP F 111 11.02 24.62 23.64
CA ASP F 111 12.24 24.08 24.23
C ASP F 111 12.13 22.56 24.38
N ARG F 112 10.97 22.08 24.86
CA ARG F 112 10.66 20.67 25.01
C ARG F 112 9.29 20.37 24.46
N VAL F 113 9.12 19.18 23.84
CA VAL F 113 7.83 18.72 23.34
C VAL F 113 7.65 17.32 23.99
N PHE F 114 6.51 17.08 24.65
CA PHE F 114 6.20 15.77 25.26
C PHE F 114 4.92 15.14 24.71
N THR F 115 4.94 13.84 24.45
CA THR F 115 3.71 13.15 24.04
C THR F 115 3.38 12.15 25.11
N ILE F 116 2.17 12.28 25.68
CA ILE F 116 1.67 11.37 26.70
C ILE F 116 0.66 10.46 25.99
N SER F 117 0.93 9.15 25.95
CA SER F 117 0.08 8.15 25.28
C SER F 117 -0.35 7.00 26.19
N GLU F 118 -1.45 6.32 25.83
CA GLU F 118 -1.93 5.18 26.61
C GLU F 118 -1.03 3.98 26.47
N THR F 119 -0.97 3.16 27.52
CA THR F 119 -0.12 1.99 27.53
C THR F 119 -0.74 0.89 26.69
N ALA F 120 0.10 0.00 26.15
CA ALA F 120 -0.30 -1.16 25.33
C ALA F 120 -1.34 -2.01 26.04
N ARG F 121 -2.44 -2.32 25.33
CA ARG F 121 -3.60 -3.03 25.85
C ARG F 121 -4.28 -3.82 24.74
N ILE F 122 -4.76 -5.02 25.07
CA ILE F 122 -5.51 -5.84 24.14
C ILE F 122 -6.96 -5.99 24.64
N PRO F 123 -7.80 -4.96 24.28
CA PRO F 123 -9.17 -4.90 24.79
C PRO F 123 -10.04 -6.11 24.57
N ARG G 8 -46.92 43.59 17.73
CA ARG G 8 -46.78 42.33 17.00
C ARG G 8 -45.37 41.77 17.06
N SER G 9 -44.33 42.65 17.13
CA SER G 9 -42.92 42.25 17.21
C SER G 9 -42.43 42.08 18.66
N ILE G 10 -42.05 40.83 19.03
CA ILE G 10 -41.56 40.51 20.38
C ILE G 10 -40.09 40.96 20.51
N ALA G 11 -39.78 41.84 21.48
CA ALA G 11 -38.43 42.31 21.69
C ALA G 11 -37.63 41.37 22.58
N ILE G 12 -36.37 41.07 22.20
CA ILE G 12 -35.51 40.20 23.01
C ILE G 12 -34.79 41.10 24.01
N ASP G 13 -35.23 41.03 25.27
CA ASP G 13 -34.69 41.82 26.38
C ASP G 13 -33.32 41.29 26.85
N SER G 14 -33.18 39.96 26.91
CA SER G 14 -31.96 39.28 27.33
C SER G 14 -31.87 37.86 26.77
N TYR G 15 -30.64 37.39 26.52
CA TYR G 15 -30.37 36.04 26.04
C TYR G 15 -29.25 35.43 26.88
N GLN G 16 -29.52 34.28 27.52
CA GLN G 16 -28.55 33.57 28.35
C GLN G 16 -28.09 32.32 27.64
N GLU G 17 -26.80 32.27 27.26
CA GLU G 17 -26.20 31.15 26.55
C GLU G 17 -25.70 30.03 27.46
N ASP G 18 -25.24 30.39 28.67
CA ASP G 18 -24.71 29.45 29.66
C ASP G 18 -25.80 28.64 30.37
N PRO G 19 -25.52 27.40 30.89
CA PRO G 19 -26.59 26.61 31.55
C PRO G 19 -27.21 27.29 32.76
N SER G 20 -28.54 27.17 32.87
CA SER G 20 -29.33 27.74 33.94
C SER G 20 -30.43 26.74 34.29
N VAL G 21 -31.42 26.60 33.40
CA VAL G 21 -32.56 25.71 33.58
C VAL G 21 -32.44 24.45 32.70
N VAL G 22 -33.23 23.42 33.04
CA VAL G 22 -33.30 22.16 32.29
C VAL G 22 -34.77 21.83 32.02
N VAL G 23 -35.08 21.42 30.79
CA VAL G 23 -36.43 21.01 30.44
C VAL G 23 -36.43 19.48 30.44
N SER G 24 -37.10 18.88 31.42
CA SER G 24 -37.17 17.42 31.46
C SER G 24 -38.46 16.93 30.83
N ASN G 25 -38.38 15.80 30.15
CA ASN G 25 -39.52 15.21 29.47
C ASN G 25 -39.76 13.82 30.02
N PHE G 26 -40.88 13.66 30.75
CA PHE G 26 -41.27 12.37 31.31
C PHE G 26 -42.42 11.75 30.49
N PHE G 27 -43.59 11.55 31.16
CA PHE G 27 -44.86 11.00 30.64
C PHE G 27 -46.02 11.93 31.10
N LYS G 28 -47.09 12.05 30.29
CA LYS G 28 -48.21 12.95 30.59
C LYS G 28 -48.90 12.63 31.92
N GLY G 29 -48.89 13.61 32.82
CA GLY G 29 -49.45 13.49 34.15
C GLY G 29 -48.40 13.25 35.22
N VAL G 30 -47.09 13.29 34.84
CA VAL G 30 -45.97 13.12 35.77
C VAL G 30 -45.97 14.21 36.83
N ARG G 31 -45.61 13.84 38.05
CA ARG G 31 -45.51 14.75 39.17
C ARG G 31 -44.24 14.41 39.93
N VAL G 32 -43.38 15.42 40.13
CA VAL G 32 -42.09 15.22 40.77
C VAL G 32 -42.14 15.78 42.20
N PRO G 33 -41.86 14.93 43.23
CA PRO G 33 -41.90 15.42 44.64
C PRO G 33 -41.01 16.64 44.86
N LYS G 34 -41.52 17.66 45.59
CA LYS G 34 -40.80 18.93 45.87
C LYS G 34 -39.39 18.77 46.43
N ASP G 35 -39.17 17.70 47.21
CA ASP G 35 -37.89 17.33 47.85
C ASP G 35 -36.82 16.79 46.89
N THR G 36 -37.22 16.22 45.72
CA THR G 36 -36.30 15.67 44.70
C THR G 36 -35.25 16.69 44.25
N GLU G 37 -33.98 16.32 44.44
CA GLU G 37 -32.82 17.11 44.04
C GLU G 37 -32.14 16.48 42.82
N PHE G 38 -31.81 17.32 41.82
CA PHE G 38 -31.17 16.91 40.57
C PHE G 38 -29.82 17.59 40.41
N GLN G 39 -28.95 16.97 39.61
CA GLN G 39 -27.62 17.47 39.27
C GLN G 39 -27.48 17.43 37.76
N LEU G 40 -26.79 18.42 37.20
CA LEU G 40 -26.54 18.52 35.76
C LEU G 40 -25.09 18.21 35.45
N TYR G 41 -24.88 17.37 34.43
CA TYR G 41 -23.56 16.96 33.98
C TYR G 41 -23.45 17.26 32.51
N LYS G 42 -22.31 17.85 32.11
CA LYS G 42 -22.03 18.23 30.73
C LYS G 42 -20.87 17.41 30.23
N LYS G 43 -20.99 16.90 29.00
CA LYS G 43 -19.97 16.13 28.32
C LYS G 43 -18.82 17.05 27.98
N ARG G 44 -17.60 16.58 28.27
CA ARG G 44 -16.38 17.28 27.94
C ARG G 44 -16.22 17.24 26.39
N LYS G 45 -16.22 18.41 25.72
CA LYS G 45 -16.02 18.46 24.26
C LYS G 45 -14.96 19.48 23.88
N GLN G 46 -13.96 19.06 23.09
CA GLN G 46 -12.93 20.00 22.60
C GLN G 46 -13.53 20.81 21.42
N ASP G 47 -13.17 22.10 21.35
CA ASP G 47 -13.70 22.98 20.32
C ASP G 47 -12.96 22.90 19.00
N GLN G 48 -13.61 23.36 17.94
CA GLN G 48 -13.05 23.42 16.59
C GLN G 48 -12.85 24.88 16.23
N PHE G 49 -11.69 25.23 15.66
CA PHE G 49 -11.40 26.63 15.34
C PHE G 49 -10.92 26.86 13.93
N VAL G 50 -11.07 28.12 13.49
CA VAL G 50 -10.52 28.68 12.28
C VAL G 50 -9.65 29.88 12.65
N LEU G 51 -8.46 29.98 12.03
CA LEU G 51 -7.53 31.07 12.26
C LEU G 51 -7.35 31.91 10.99
N HIS G 52 -7.51 33.23 11.10
CA HIS G 52 -7.29 34.16 9.99
C HIS G 52 -6.35 35.28 10.41
N GLY G 53 -5.40 35.60 9.54
CA GLY G 53 -4.44 36.69 9.70
C GLY G 53 -4.22 37.42 8.40
N GLU G 54 -3.84 38.70 8.49
CA GLU G 54 -3.61 39.53 7.29
C GLU G 54 -2.40 40.44 7.40
N ASN G 55 -1.82 40.79 6.24
CA ASN G 55 -0.68 41.73 6.07
C ASN G 55 -1.04 42.77 5.02
N GLU G 56 0.00 43.39 4.47
CA GLU G 56 -0.09 44.34 3.38
C GLU G 56 -0.05 43.49 2.11
N ARG G 57 0.81 42.46 2.14
CA ARG G 57 1.13 41.52 1.09
C ARG G 57 0.44 40.14 1.24
N LEU G 58 0.45 39.53 2.45
CA LEU G 58 -0.07 38.15 2.65
C LEU G 58 -1.34 37.93 3.48
N GLU G 59 -2.03 36.82 3.20
CA GLU G 59 -3.21 36.36 3.92
C GLU G 59 -2.86 35.02 4.53
N TYR G 60 -3.21 34.81 5.80
CA TYR G 60 -2.92 33.60 6.58
C TYR G 60 -4.26 32.95 6.96
N ASP G 61 -4.44 31.68 6.60
CA ASP G 61 -5.69 30.96 6.85
C ASP G 61 -5.44 29.54 7.26
N GLY G 62 -6.02 29.18 8.41
CA GLY G 62 -5.93 27.84 9.00
C GLY G 62 -7.09 27.34 9.82
N GLU G 63 -7.09 26.04 10.11
CA GLU G 63 -8.17 25.42 10.89
C GLU G 63 -7.67 24.23 11.66
N THR G 64 -8.46 23.79 12.66
CA THR G 64 -8.17 22.62 13.51
C THR G 64 -8.53 21.33 12.74
N ASP G 65 -7.91 20.16 13.09
CA ASP G 65 -8.23 18.84 12.53
C ASP G 65 -9.32 18.21 13.39
N GLU G 66 -10.52 17.97 12.80
CA GLU G 66 -11.71 17.40 13.46
C GLU G 66 -11.41 16.15 14.31
N LEU G 67 -10.65 15.18 13.74
CA LEU G 67 -10.31 13.94 14.42
C LEU G 67 -9.39 14.13 15.61
N THR G 68 -8.34 14.96 15.44
CA THR G 68 -7.36 15.30 16.47
C THR G 68 -8.05 15.90 17.69
N THR G 69 -9.00 16.82 17.48
CA THR G 69 -9.87 17.48 18.47
C THR G 69 -10.58 16.43 19.36
N LYS G 70 -10.96 15.28 18.75
CA LYS G 70 -11.65 14.19 19.43
C LYS G 70 -10.70 13.25 20.20
N THR G 71 -9.48 13.03 19.69
CA THR G 71 -8.49 12.10 20.25
C THR G 71 -7.51 12.73 21.23
N ASN G 72 -7.02 13.93 20.92
CA ASN G 72 -5.97 14.57 21.73
C ASN G 72 -6.22 16.00 22.12
N GLN G 73 -5.61 16.42 23.22
CA GLN G 73 -5.61 17.80 23.66
C GLN G 73 -4.16 18.30 23.73
N TYR G 74 -3.94 19.58 23.38
CA TYR G 74 -2.60 20.20 23.42
C TYR G 74 -2.47 21.21 24.55
N MSE G 75 -1.31 21.27 25.16
CA MSE G 75 -1.05 22.22 26.23
C MSE G 75 0.20 22.99 25.96
O MSE G 75 1.21 22.39 25.59
CB MSE G 75 -0.78 21.52 27.57
CG MSE G 75 -1.47 20.21 27.78
SE MSE G 75 -2.57 20.61 29.25
CE MSE G 75 -4.31 21.12 28.16
N VAL G 76 0.17 24.29 26.19
CA VAL G 76 1.36 25.13 26.13
C VAL G 76 1.73 25.34 27.59
N GLY G 77 2.97 25.03 27.92
CA GLY G 77 3.46 25.13 29.30
C GLY G 77 4.67 26.01 29.49
N LEU G 78 4.68 26.78 30.61
CA LEU G 78 5.78 27.62 31.04
C LEU G 78 6.35 26.98 32.26
N TYR G 79 7.49 26.29 32.10
CA TYR G 79 8.17 25.54 33.17
C TYR G 79 9.31 26.32 33.74
N ASP G 80 9.40 26.31 35.08
CA ASP G 80 10.43 26.99 35.82
C ASP G 80 11.42 25.93 36.39
N LYS G 81 12.62 25.79 35.76
CA LYS G 81 13.69 24.85 36.15
C LYS G 81 13.96 24.95 37.67
N GLN G 82 14.08 26.19 38.16
CA GLN G 82 14.37 26.55 39.53
C GLN G 82 13.27 26.17 40.54
N SER G 83 12.04 26.67 40.35
CA SER G 83 10.93 26.41 41.27
C SER G 83 10.27 25.04 41.12
N GLY G 84 10.47 24.40 39.97
CA GLY G 84 9.87 23.11 39.65
C GLY G 84 8.37 23.22 39.51
N LYS G 85 7.91 24.32 38.96
CA LYS G 85 6.51 24.64 38.75
C LYS G 85 6.23 24.84 37.26
N ILE G 86 5.02 24.46 36.84
CA ILE G 86 4.57 24.63 35.45
C ILE G 86 3.23 25.39 35.42
N ASN G 87 3.02 26.21 34.38
CA ASN G 87 1.79 26.94 34.16
C ASN G 87 1.27 26.42 32.83
N LEU G 88 0.11 25.71 32.87
CA LEU G 88 -0.49 25.09 31.71
C LEU G 88 -1.59 25.90 31.07
N TYR G 89 -1.63 25.87 29.73
CA TYR G 89 -2.60 26.61 28.92
C TYR G 89 -3.08 25.73 27.80
N ARG G 90 -4.37 25.46 27.76
CA ARG G 90 -4.95 24.65 26.71
C ARG G 90 -4.88 25.44 25.40
N ALA G 91 -4.43 24.81 24.32
CA ALA G 91 -4.32 25.51 23.07
C ALA G 91 -4.76 24.70 21.88
N PRO G 92 -5.54 25.32 20.94
CA PRO G 92 -5.83 24.62 19.69
C PRO G 92 -4.58 24.61 18.80
N VAL G 93 -4.38 23.53 18.07
CA VAL G 93 -3.37 23.42 17.05
C VAL G 93 -4.08 23.56 15.66
N VAL G 94 -3.82 24.66 14.96
CA VAL G 94 -4.41 24.85 13.61
C VAL G 94 -3.33 24.62 12.59
N THR G 95 -3.72 24.13 11.40
CA THR G 95 -2.80 23.99 10.26
C THR G 95 -3.23 25.13 9.36
N SER G 96 -2.24 25.88 8.84
CA SER G 96 -2.44 27.09 8.06
C SER G 96 -1.68 27.14 6.76
N LYS G 97 -2.21 27.96 5.85
CA LYS G 97 -1.71 28.24 4.51
C LYS G 97 -1.46 29.73 4.32
N ILE G 98 -0.41 30.04 3.53
CA ILE G 98 -0.06 31.44 3.24
C ILE G 98 -0.34 31.70 1.77
N VAL G 99 -1.09 32.76 1.49
CA VAL G 99 -1.52 33.14 0.13
C VAL G 99 -1.29 34.63 -0.06
N SER G 100 -0.66 35.03 -1.18
CA SER G 100 -0.48 36.45 -1.42
C SER G 100 -1.80 37.06 -1.86
N LYS G 101 -2.08 38.28 -1.38
CA LYS G 101 -3.26 39.07 -1.75
C LYS G 101 -3.02 39.49 -3.19
N PHE G 102 -1.75 39.45 -3.62
CA PHE G 102 -1.18 39.82 -4.92
C PHE G 102 -1.27 41.34 -5.15
N GLY H 4 -23.19 5.55 46.08
CA GLY H 4 -23.22 6.90 45.54
C GLY H 4 -23.13 6.97 44.02
N TYR H 5 -24.00 7.80 43.39
CA TYR H 5 -24.07 8.00 41.95
C TYR H 5 -22.77 8.57 41.39
N GLN H 6 -22.37 8.05 40.22
CA GLN H 6 -21.19 8.48 39.48
C GLN H 6 -21.59 8.71 38.01
N PRO H 7 -21.32 9.91 37.48
CA PRO H 7 -21.66 10.23 36.09
C PRO H 7 -20.69 9.60 35.11
N PRO H 8 -21.03 9.62 33.83
CA PRO H 8 -20.18 9.04 32.78
C PRO H 8 -18.71 9.41 32.92
N SER H 9 -17.83 8.52 32.44
CA SER H 9 -16.39 8.76 32.50
C SER H 9 -15.90 10.03 31.82
N ASP H 10 -16.77 10.65 31.04
CA ASP H 10 -16.43 11.89 30.32
C ASP H 10 -17.39 13.06 30.56
N TYR H 11 -18.17 12.99 31.63
CA TYR H 11 -19.13 14.01 32.03
C TYR H 11 -18.64 14.69 33.33
N LYS H 12 -18.77 15.99 33.37
CA LYS H 12 -18.37 16.78 34.52
C LYS H 12 -19.59 17.58 34.93
N GLN H 13 -19.83 17.66 36.25
CA GLN H 13 -20.97 18.38 36.85
C GLN H 13 -20.93 19.88 36.57
N CYS H 14 -22.10 20.47 36.32
CA CYS H 14 -22.32 21.88 36.12
C CYS H 14 -22.51 22.47 37.52
N LYS H 15 -21.45 23.18 38.02
CA LYS H 15 -21.38 23.72 39.37
C LYS H 15 -21.66 25.23 39.52
N HIS H 16 -21.77 25.95 38.40
CA HIS H 16 -22.03 27.39 38.41
C HIS H 16 -23.21 27.74 37.51
N LEU H 17 -24.39 27.18 37.85
CA LEU H 17 -25.63 27.40 37.10
C LEU H 17 -26.07 28.85 37.19
N LYS H 18 -26.40 29.44 36.04
CA LYS H 18 -26.82 30.83 35.95
C LYS H 18 -28.21 31.03 36.52
N SER H 19 -28.49 32.28 36.94
CA SER H 19 -29.75 32.70 37.54
C SER H 19 -30.92 32.70 36.58
N PHE H 20 -32.10 32.34 37.11
CA PHE H 20 -33.39 32.33 36.43
C PHE H 20 -34.40 33.02 37.38
N PRO H 21 -35.12 34.07 36.93
CA PRO H 21 -36.05 34.77 37.85
C PRO H 21 -37.33 34.00 38.18
N VAL H 22 -37.21 33.16 39.22
CA VAL H 22 -38.26 32.29 39.77
C VAL H 22 -39.54 33.09 40.06
N SER H 23 -39.37 34.26 40.70
CA SER H 23 -40.45 35.17 41.10
C SER H 23 -41.35 35.64 39.95
N GLU H 24 -40.77 35.89 38.75
CA GLU H 24 -41.50 36.35 37.57
C GLU H 24 -42.49 35.33 37.02
N LEU H 25 -42.15 34.03 37.17
CA LEU H 25 -42.90 32.86 36.73
C LEU H 25 -44.32 32.87 37.30
N LYS H 26 -44.46 33.29 38.57
CA LYS H 26 -45.73 33.36 39.29
C LYS H 26 -46.30 34.80 39.27
N GLY H 27 -46.82 35.17 38.09
CA GLY H 27 -47.42 36.47 37.84
C GLY H 27 -48.44 36.47 36.72
N ASP H 28 -49.43 37.39 36.84
CA ASP H 28 -50.54 37.60 35.88
C ASP H 28 -49.98 38.04 34.52
N ASN H 29 -49.03 39.01 34.53
CA ASN H 29 -48.38 39.59 33.35
C ASN H 29 -47.52 38.61 32.52
N LYS H 30 -46.67 37.78 33.19
CA LYS H 30 -45.76 36.85 32.51
C LYS H 30 -46.38 35.64 31.80
N GLU H 31 -45.68 35.14 30.76
CA GLU H 31 -46.04 33.99 29.93
C GLU H 31 -44.81 33.06 29.75
N LEU H 32 -44.93 31.78 30.17
CA LEU H 32 -43.82 30.85 30.08
C LEU H 32 -43.87 30.12 28.74
N TRP H 33 -42.80 30.29 27.94
CA TRP H 33 -42.70 29.69 26.61
C TRP H 33 -41.60 28.67 26.46
N LEU H 34 -41.76 27.81 25.44
CA LEU H 34 -40.78 26.85 25.00
C LEU H 34 -40.68 26.96 23.48
N MSE H 35 -39.44 27.10 23.00
CA MSE H 35 -39.16 27.22 21.58
C MSE H 35 -38.15 26.24 21.10
O MSE H 35 -37.04 26.21 21.61
CB MSE H 35 -38.66 28.63 21.26
CG MSE H 35 -39.74 29.65 21.15
SE MSE H 35 -38.96 31.36 21.65
CE MSE H 35 -38.98 31.11 23.63
N LYS H 36 -38.54 25.44 20.09
CA LYS H 36 -37.68 24.52 19.37
C LYS H 36 -37.33 25.29 18.08
N VAL H 37 -36.06 25.62 17.93
CA VAL H 37 -35.56 26.45 16.83
C VAL H 37 -34.37 25.76 16.17
N PRO H 38 -34.14 25.92 14.84
CA PRO H 38 -32.97 25.27 14.22
C PRO H 38 -31.67 25.69 14.88
N ALA H 39 -30.71 24.75 15.03
CA ALA H 39 -29.41 25.02 15.66
C ALA H 39 -28.56 26.02 14.89
N ASN H 40 -28.77 26.17 13.58
CA ASN H 40 -28.03 27.12 12.77
C ASN H 40 -28.38 28.61 12.98
N ILE H 41 -29.44 28.92 13.74
CA ILE H 41 -29.83 30.31 14.00
C ILE H 41 -29.05 30.85 15.20
N ASP H 42 -28.37 31.99 15.03
CA ASP H 42 -27.68 32.64 16.14
C ASP H 42 -28.64 33.64 16.81
N ILE H 43 -29.30 33.18 17.90
CA ILE H 43 -30.28 33.94 18.69
C ILE H 43 -29.67 35.23 19.28
N SER H 44 -28.38 35.22 19.67
CA SER H 44 -27.69 36.37 20.25
C SER H 44 -27.65 37.59 19.32
N GLN H 45 -27.70 37.36 17.99
CA GLN H 45 -27.68 38.40 16.96
C GLN H 45 -29.08 38.99 16.71
N LEU H 46 -30.13 38.31 17.21
CA LEU H 46 -31.51 38.76 17.04
C LEU H 46 -31.88 39.78 18.11
N LYS H 47 -32.64 40.79 17.70
CA LYS H 47 -33.12 41.85 18.60
C LYS H 47 -34.61 41.68 18.81
N SER H 48 -35.31 41.05 17.84
CA SER H 48 -36.75 40.82 17.88
C SER H 48 -37.17 39.48 17.25
N LEU H 49 -38.31 38.93 17.72
CA LEU H 49 -38.93 37.72 17.20
C LEU H 49 -40.28 38.12 16.63
N PRO H 50 -40.43 38.30 15.29
CA PRO H 50 -41.74 38.74 14.77
C PRO H 50 -42.82 37.65 14.69
N LEU H 51 -42.92 36.80 15.75
CA LEU H 51 -43.87 35.67 15.84
C LEU H 51 -45.30 36.17 15.98
N ASP H 52 -46.23 35.48 15.30
CA ASP H 52 -47.64 35.78 15.44
C ASP H 52 -48.18 34.89 16.54
N THR H 53 -48.49 35.50 17.70
CA THR H 53 -48.99 34.81 18.88
C THR H 53 -50.37 34.18 18.73
N ASP H 54 -51.20 34.67 17.80
CA ASP H 54 -52.56 34.18 17.61
C ASP H 54 -52.63 32.96 16.68
N ALA H 55 -51.74 32.92 15.65
CA ALA H 55 -51.69 31.85 14.66
C ALA H 55 -51.11 30.52 15.17
N THR H 56 -51.71 29.43 14.66
CA THR H 56 -51.31 28.06 14.94
C THR H 56 -50.23 27.73 13.93
N VAL H 57 -50.40 28.15 12.67
CA VAL H 57 -49.45 27.96 11.59
C VAL H 57 -49.17 29.35 11.02
N SER H 58 -47.89 29.74 10.91
CA SER H 58 -47.49 31.03 10.37
C SER H 58 -46.11 30.93 9.69
N THR H 59 -45.50 32.09 9.36
CA THR H 59 -44.16 32.24 8.80
C THR H 59 -43.46 33.35 9.58
N VAL H 60 -42.14 33.28 9.73
CA VAL H 60 -41.39 34.32 10.43
C VAL H 60 -40.11 34.62 9.65
N GLU H 61 -39.89 35.89 9.29
CA GLU H 61 -38.73 36.31 8.49
C GLU H 61 -37.53 36.78 9.36
N LEU H 62 -37.16 35.94 10.38
CA LEU H 62 -36.10 36.26 11.34
C LEU H 62 -34.69 36.38 10.76
N GLY H 63 -33.97 37.41 11.19
CA GLY H 63 -32.64 37.77 10.72
C GLY H 63 -33.10 38.19 9.34
N SER H 64 -32.65 37.44 8.32
CA SER H 64 -32.99 37.65 6.92
C SER H 64 -33.85 36.56 6.26
N LYS H 65 -33.59 35.30 6.67
CA LYS H 65 -34.20 34.07 6.16
C LYS H 65 -35.61 33.75 6.69
N ASN H 66 -36.42 33.08 5.83
CA ASN H 66 -37.81 32.69 6.08
C ASN H 66 -37.99 31.26 6.65
N PHE H 67 -38.84 31.12 7.71
CA PHE H 67 -39.09 29.85 8.41
C PHE H 67 -40.56 29.62 8.71
N ASN H 68 -40.97 28.35 8.82
CA ASN H 68 -42.34 28.02 9.18
C ASN H 68 -42.46 28.05 10.70
N VAL H 69 -43.63 28.43 11.21
CA VAL H 69 -43.87 28.48 12.67
C VAL H 69 -45.15 27.70 13.00
N LEU H 70 -45.09 26.80 14.03
CA LEU H 70 -46.24 26.01 14.50
C LEU H 70 -46.30 26.07 16.00
N GLN H 71 -47.39 26.65 16.52
CA GLN H 71 -47.64 26.73 17.94
C GLN H 71 -48.37 25.44 18.30
N ASN H 72 -47.65 24.49 18.93
CA ASN H 72 -48.14 23.17 19.36
C ASN H 72 -49.36 23.31 20.26
N THR H 73 -49.28 24.24 21.23
CA THR H 73 -50.30 24.55 22.23
C THR H 73 -51.70 24.90 21.64
N SER H 74 -51.72 25.47 20.42
CA SER H 74 -52.95 25.84 19.68
C SER H 74 -53.66 24.61 19.07
N THR H 75 -52.92 23.76 18.31
CA THR H 75 -53.43 22.51 17.70
C THR H 75 -53.91 21.53 18.80
N GLN H 76 -54.79 20.58 18.44
CA GLN H 76 -55.27 19.59 19.43
C GLN H 76 -54.23 18.51 19.76
N GLU H 77 -53.09 18.49 19.01
CA GLU H 77 -51.95 17.58 19.19
C GLU H 77 -51.11 17.99 20.42
N GLY H 78 -50.57 19.21 20.40
CA GLY H 78 -49.75 19.74 21.49
C GLY H 78 -50.49 20.48 22.57
N SER H 79 -51.82 20.18 22.76
CA SER H 79 -52.66 20.79 23.80
C SER H 79 -52.22 20.32 25.19
N ASP H 80 -51.64 19.10 25.28
CA ASP H 80 -51.11 18.49 26.51
C ASP H 80 -49.57 18.50 26.52
N ASN H 81 -49.00 19.26 27.49
CA ASN H 81 -47.56 19.44 27.74
C ASN H 81 -47.23 19.25 29.25
N THR H 82 -47.97 18.32 29.91
CA THR H 82 -47.82 17.94 31.33
C THR H 82 -46.70 16.91 31.54
N ASN H 83 -46.09 16.45 30.44
CA ASN H 83 -44.96 15.52 30.43
C ASN H 83 -43.64 16.33 30.58
N LEU H 84 -43.72 17.67 30.36
CA LEU H 84 -42.60 18.58 30.45
C LEU H 84 -42.56 19.36 31.76
N SER H 85 -41.53 19.15 32.56
CA SER H 85 -41.36 19.88 33.82
C SER H 85 -40.10 20.74 33.76
N LEU H 86 -40.21 21.99 34.22
CA LEU H 86 -39.10 22.95 34.25
C LEU H 86 -38.31 22.83 35.58
N LEU H 87 -37.00 22.57 35.46
CA LEU H 87 -36.04 22.37 36.55
C LEU H 87 -35.22 23.65 36.68
N ILE H 88 -35.26 24.28 37.86
CA ILE H 88 -34.58 25.55 38.12
C ILE H 88 -33.49 25.41 39.19
N PRO H 89 -32.38 26.20 39.15
CA PRO H 89 -31.36 26.05 40.21
C PRO H 89 -31.83 26.68 41.53
N SER H 90 -31.76 25.91 42.63
CA SER H 90 -32.14 26.40 43.97
C SER H 90 -30.96 27.26 44.49
N GLU H 91 -31.23 28.43 45.10
CA GLU H 91 -30.17 29.33 45.54
C GLU H 91 -29.26 28.82 46.67
N LYS H 92 -29.75 27.81 47.46
CA LYS H 92 -29.01 27.16 48.56
C LYS H 92 -27.75 26.48 47.98
N LYS H 93 -27.96 25.55 47.01
CA LYS H 93 -26.91 24.84 46.28
C LYS H 93 -27.14 25.13 44.80
N LYS H 94 -26.40 26.11 44.24
CA LYS H 94 -26.50 26.51 42.82
C LYS H 94 -25.86 25.46 41.86
N GLU H 95 -25.67 24.22 42.40
CA GLU H 95 -25.13 23.02 41.74
C GLU H 95 -26.22 21.92 41.64
N THR H 96 -27.37 22.16 42.31
CA THR H 96 -28.53 21.26 42.29
C THR H 96 -29.77 21.98 41.76
N LEU H 97 -30.62 21.23 41.03
CA LEU H 97 -31.86 21.75 40.47
C LEU H 97 -33.11 21.09 41.12
N LYS H 98 -34.24 21.82 41.17
CA LYS H 98 -35.54 21.35 41.67
C LYS H 98 -36.67 21.82 40.73
N VAL H 99 -37.82 21.17 40.78
CA VAL H 99 -38.92 21.49 39.87
C VAL H 99 -39.71 22.71 40.31
N ALA H 100 -39.96 23.62 39.33
CA ALA H 100 -40.71 24.87 39.47
C ALA H 100 -42.02 24.45 40.12
N THR H 101 -42.15 24.82 41.41
CA THR H 101 -43.30 24.52 42.28
C THR H 101 -43.75 25.83 42.93
N SER H 102 -45.02 25.88 43.36
CA SER H 102 -45.62 27.03 44.04
C SER H 102 -46.04 26.66 45.48
N LYS H 103 -46.55 27.65 46.25
CA LYS H 103 -46.98 27.58 47.66
C LYS H 103 -47.67 26.29 48.10
N ASP H 104 -48.35 25.60 47.17
CA ASP H 104 -49.03 24.32 47.42
C ASP H 104 -48.75 23.30 46.29
N ASN H 105 -47.48 23.25 45.84
CA ASN H 105 -46.95 22.36 44.80
C ASN H 105 -47.62 22.45 43.42
N LYS H 106 -47.87 23.70 42.96
CA LYS H 106 -48.45 23.94 41.63
C LYS H 106 -47.32 23.74 40.59
N SER H 107 -47.30 22.56 39.94
CA SER H 107 -46.25 22.23 38.95
C SER H 107 -46.45 22.92 37.61
N VAL H 108 -45.70 24.03 37.44
CA VAL H 108 -45.68 25.01 36.36
C VAL H 108 -45.52 24.36 34.97
N TYR H 109 -46.43 24.71 34.06
CA TYR H 109 -46.45 24.21 32.68
C TYR H 109 -46.23 25.33 31.70
N PHE H 110 -45.76 25.00 30.49
CA PHE H 110 -45.56 25.99 29.44
C PHE H 110 -46.90 26.48 28.92
N ASP H 111 -47.04 27.81 28.86
CA ASP H 111 -48.24 28.48 28.37
C ASP H 111 -48.32 28.34 26.86
N ARG H 112 -47.19 28.55 26.17
CA ARG H 112 -47.10 28.42 24.72
C ARG H 112 -45.87 27.60 24.35
N VAL H 113 -45.99 26.78 23.30
CA VAL H 113 -44.89 25.96 22.76
C VAL H 113 -44.75 26.30 21.27
N PHE H 114 -43.55 26.74 20.83
CA PHE H 114 -43.34 27.14 19.44
C PHE H 114 -42.27 26.31 18.72
N THR H 115 -42.56 25.86 17.50
CA THR H 115 -41.57 25.12 16.70
C THR H 115 -41.24 25.90 15.41
N ILE H 116 -40.04 26.54 15.39
CA ILE H 116 -39.54 27.28 14.22
C ILE H 116 -38.77 26.24 13.40
N SER H 117 -39.24 25.99 12.19
CA SER H 117 -38.65 24.99 11.32
C SER H 117 -38.28 25.54 9.97
N GLU H 118 -37.28 24.94 9.33
CA GLU H 118 -36.86 25.37 8.00
C GLU H 118 -37.92 25.00 6.96
N THR H 119 -37.95 25.75 5.89
CA THR H 119 -38.88 25.48 4.80
C THR H 119 -38.36 24.26 4.03
N ALA H 120 -39.28 23.46 3.46
CA ALA H 120 -38.94 22.27 2.69
C ALA H 120 -37.96 22.59 1.58
N ARG H 121 -36.82 21.92 1.59
CA ARG H 121 -35.74 22.10 0.61
C ARG H 121 -35.27 20.73 0.18
N ILE H 122 -34.99 20.59 -1.12
CA ILE H 122 -34.46 19.42 -1.80
C ILE H 122 -32.96 19.69 -2.02
N PRO H 123 -32.16 19.23 -1.04
CA PRO H 123 -30.71 19.48 -1.09
C PRO H 123 -29.99 18.96 -2.33
N ARG I 8 -55.44 1.44 -3.94
CA ARG I 8 -54.44 2.41 -4.38
C ARG I 8 -53.17 2.35 -3.50
N SER I 9 -52.13 1.56 -3.92
CA SER I 9 -50.86 1.32 -3.19
C SER I 9 -49.73 0.80 -4.13
N ILE I 10 -48.58 1.52 -4.16
CA ILE I 10 -47.44 1.15 -5.02
C ILE I 10 -46.65 0.01 -4.40
N ALA I 11 -46.45 -1.08 -5.15
CA ALA I 11 -45.68 -2.23 -4.66
C ALA I 11 -44.17 -2.05 -4.83
N ILE I 12 -43.39 -2.35 -3.78
CA ILE I 12 -41.92 -2.27 -3.86
C ILE I 12 -41.41 -3.61 -4.37
N ASP I 13 -41.02 -3.64 -5.64
CA ASP I 13 -40.54 -4.82 -6.36
C ASP I 13 -39.12 -5.17 -5.95
N SER I 14 -38.26 -4.16 -5.80
CA SER I 14 -36.86 -4.34 -5.41
C SER I 14 -36.33 -3.12 -4.67
N TYR I 15 -35.45 -3.37 -3.69
CA TYR I 15 -34.79 -2.33 -2.93
C TYR I 15 -33.30 -2.62 -2.89
N GLN I 16 -32.49 -1.71 -3.41
CA GLN I 16 -31.04 -1.87 -3.44
C GLN I 16 -30.43 -0.92 -2.40
N GLU I 17 -29.80 -1.52 -1.37
CA GLU I 17 -29.19 -0.76 -0.27
C GLU I 17 -27.79 -0.29 -0.57
N ASP I 18 -27.02 -1.08 -1.36
CA ASP I 18 -25.62 -0.81 -1.73
C ASP I 18 -25.50 0.30 -2.80
N PRO I 19 -24.39 1.09 -2.85
CA PRO I 19 -24.31 2.17 -3.85
C PRO I 19 -24.40 1.70 -5.29
N SER I 20 -25.21 2.44 -6.08
CA SER I 20 -25.44 2.18 -7.50
C SER I 20 -25.43 3.52 -8.21
N VAL I 21 -26.48 4.35 -7.99
CA VAL I 21 -26.61 5.69 -8.58
C VAL I 21 -26.25 6.81 -7.62
N VAL I 22 -25.98 8.01 -8.16
CA VAL I 22 -25.67 9.22 -7.39
C VAL I 22 -26.48 10.37 -7.95
N VAL I 23 -27.09 11.15 -7.06
CA VAL I 23 -27.84 12.34 -7.45
C VAL I 23 -26.91 13.52 -7.16
N SER I 24 -26.45 14.18 -8.24
CA SER I 24 -25.58 15.34 -8.05
C SER I 24 -26.37 16.63 -8.12
N ASN I 25 -25.98 17.61 -7.33
CA ASN I 25 -26.61 18.91 -7.30
C ASN I 25 -25.57 19.99 -7.64
N PHE I 26 -25.70 20.61 -8.81
CA PHE I 26 -24.80 21.69 -9.25
C PHE I 26 -25.48 23.03 -9.10
N PHE I 27 -25.86 23.65 -10.20
CA PHE I 27 -26.55 24.93 -10.30
C PHE I 27 -27.61 24.80 -11.40
N LYS I 28 -28.61 25.70 -11.41
CA LYS I 28 -29.67 25.68 -12.42
C LYS I 28 -29.10 25.94 -13.82
N GLY I 29 -29.38 25.03 -14.75
CA GLY I 29 -28.93 25.08 -16.13
C GLY I 29 -27.62 24.38 -16.42
N VAL I 30 -27.12 23.58 -15.47
CA VAL I 30 -25.86 22.83 -15.61
C VAL I 30 -25.90 21.87 -16.79
N ARG I 31 -24.80 21.82 -17.54
CA ARG I 31 -24.64 20.89 -18.66
C ARG I 31 -23.32 20.16 -18.50
N VAL I 32 -23.39 18.84 -18.34
CA VAL I 32 -22.19 18.03 -18.15
C VAL I 32 -21.93 17.23 -19.43
N PRO I 33 -20.73 17.39 -20.06
CA PRO I 33 -20.46 16.64 -21.31
C PRO I 33 -20.53 15.13 -21.10
N LYS I 34 -21.18 14.40 -22.05
CA LYS I 34 -21.38 12.95 -22.05
C LYS I 34 -20.11 12.14 -21.73
N ASP I 35 -18.92 12.65 -22.19
CA ASP I 35 -17.58 12.07 -22.01
C ASP I 35 -16.90 12.36 -20.63
N THR I 36 -17.67 12.82 -19.64
CA THR I 36 -17.13 13.07 -18.31
C THR I 36 -17.33 11.80 -17.53
N GLU I 37 -16.23 11.29 -16.96
CA GLU I 37 -16.20 10.11 -16.11
C GLU I 37 -16.03 10.53 -14.65
N PHE I 38 -16.83 9.93 -13.76
CA PHE I 38 -16.85 10.22 -12.33
C PHE I 38 -16.48 8.98 -11.52
N GLN I 39 -15.96 9.20 -10.30
CA GLN I 39 -15.65 8.15 -9.34
C GLN I 39 -16.36 8.48 -8.04
N LEU I 40 -16.80 7.44 -7.32
CA LEU I 40 -17.47 7.57 -6.03
C LEU I 40 -16.56 7.02 -4.94
N TYR I 41 -16.49 7.75 -3.83
CA TYR I 41 -15.67 7.42 -2.67
C TYR I 41 -16.57 7.51 -1.45
N LYS I 42 -16.50 6.51 -0.58
CA LYS I 42 -17.31 6.45 0.64
C LYS I 42 -16.39 6.62 1.84
N LYS I 43 -16.81 7.37 2.86
CA LYS I 43 -16.01 7.61 4.05
C LYS I 43 -15.96 6.31 4.82
N ARG I 44 -14.73 5.91 5.23
CA ARG I 44 -14.48 4.70 5.98
C ARG I 44 -15.12 4.84 7.33
N LYS I 45 -16.11 3.99 7.56
CA LYS I 45 -16.87 3.96 8.79
C LYS I 45 -16.56 2.65 9.52
N GLN I 46 -16.72 2.74 10.83
CA GLN I 46 -16.51 1.67 11.75
C GLN I 46 -17.83 1.54 12.48
N ASP I 47 -18.43 0.34 12.40
CA ASP I 47 -19.74 0.06 12.97
C ASP I 47 -19.76 -0.27 14.46
N GLN I 48 -20.92 -0.09 15.09
CA GLN I 48 -21.16 -0.40 16.49
C GLN I 48 -22.11 -1.58 16.53
N PHE I 49 -21.85 -2.54 17.42
CA PHE I 49 -22.65 -3.77 17.51
C PHE I 49 -23.09 -4.12 18.91
N VAL I 50 -24.13 -4.96 18.97
CA VAL I 50 -24.65 -5.58 20.18
C VAL I 50 -24.68 -7.10 19.95
N LEU I 51 -24.21 -7.86 20.93
CA LEU I 51 -24.17 -9.31 20.88
C LEU I 51 -25.02 -9.93 21.98
N HIS I 52 -25.90 -10.86 21.60
CA HIS I 52 -26.74 -11.60 22.54
C HIS I 52 -26.66 -13.09 22.26
N GLY I 53 -26.52 -13.86 23.33
CA GLY I 53 -26.46 -15.32 23.28
C GLY I 53 -27.27 -15.94 24.39
N GLU I 54 -27.79 -17.14 24.16
CA GLU I 54 -28.61 -17.80 25.18
C GLU I 54 -28.28 -19.26 25.30
N ASN I 55 -28.36 -19.75 26.54
CA ASN I 55 -28.04 -21.12 26.91
C ASN I 55 -29.17 -21.69 27.75
N GLU I 56 -29.19 -23.02 27.84
CA GLU I 56 -30.13 -23.78 28.67
C GLU I 56 -30.11 -23.22 30.12
N ARG I 57 -28.90 -22.85 30.60
CA ARG I 57 -28.64 -22.30 31.92
C ARG I 57 -28.33 -20.80 31.94
N LEU I 58 -27.53 -20.30 30.97
CA LEU I 58 -27.08 -18.89 30.96
C LEU I 58 -27.56 -17.94 29.84
N GLU I 59 -27.32 -16.63 30.04
CA GLU I 59 -27.55 -15.54 29.09
C GLU I 59 -26.19 -14.81 28.86
N TYR I 60 -25.92 -14.44 27.61
CA TYR I 60 -24.69 -13.75 27.23
C TYR I 60 -25.06 -12.42 26.57
N ASP I 61 -24.50 -11.29 27.08
CA ASP I 61 -24.77 -9.95 26.54
C ASP I 61 -23.53 -9.06 26.50
N GLY I 62 -23.25 -8.52 25.31
CA GLY I 62 -22.10 -7.64 25.07
C GLY I 62 -22.27 -6.57 23.99
N GLU I 63 -21.40 -5.56 24.03
CA GLU I 63 -21.40 -4.43 23.09
C GLU I 63 -19.98 -3.94 22.75
N THR I 64 -19.88 -3.09 21.73
CA THR I 64 -18.62 -2.48 21.29
C THR I 64 -18.30 -1.31 22.24
N ASP I 65 -17.05 -0.83 22.22
CA ASP I 65 -16.60 0.34 22.97
C ASP I 65 -16.65 1.54 22.00
N GLU I 66 -17.60 2.51 22.16
CA GLU I 66 -17.78 3.72 21.32
C GLU I 66 -16.46 4.33 20.84
N LEU I 67 -15.51 4.56 21.79
CA LEU I 67 -14.22 5.17 21.52
C LEU I 67 -13.30 4.30 20.66
N THR I 68 -13.21 2.98 20.98
CA THR I 68 -12.37 2.02 20.25
C THR I 68 -12.78 1.96 18.78
N THR I 69 -14.10 1.94 18.49
CA THR I 69 -14.72 1.96 17.16
C THR I 69 -14.13 3.16 16.36
N LYS I 70 -13.98 4.28 17.04
CA LYS I 70 -13.52 5.52 16.43
C LYS I 70 -12.02 5.58 16.19
N THR I 71 -11.23 4.92 17.04
CA THR I 71 -9.77 4.94 16.99
C THR I 71 -9.16 3.78 16.20
N ASN I 72 -9.69 2.56 16.42
CA ASN I 72 -9.09 1.33 15.89
C ASN I 72 -10.00 0.38 15.16
N GLN I 73 -9.38 -0.49 14.35
CA GLN I 73 -10.01 -1.59 13.68
C GLN I 73 -9.30 -2.89 14.06
N TYR I 74 -10.06 -3.98 14.25
CA TYR I 74 -9.48 -5.29 14.56
C TYR I 74 -9.58 -6.26 13.40
N MSE I 75 -8.57 -7.11 13.23
CA MSE I 75 -8.55 -8.10 12.16
C MSE I 75 -8.29 -9.45 12.69
O MSE I 75 -7.35 -9.65 13.47
CB MSE I 75 -7.40 -7.85 11.17
CG MSE I 75 -6.97 -6.41 11.01
SE MSE I 75 -7.29 -5.98 9.19
CE MSE I 75 -9.28 -5.34 9.44
N VAL I 76 -9.06 -10.43 12.21
CA VAL I 76 -8.76 -11.82 12.53
C VAL I 76 -8.06 -12.35 11.26
N GLY I 77 -6.92 -12.97 11.44
CA GLY I 77 -6.14 -13.48 10.31
C GLY I 77 -5.82 -14.96 10.38
N LEU I 78 -5.78 -15.61 9.19
CA LEU I 78 -5.38 -16.98 9.03
C LEU I 78 -4.10 -16.91 8.26
N TYR I 79 -2.99 -17.15 8.96
CA TYR I 79 -1.62 -17.08 8.43
C TYR I 79 -1.10 -18.44 8.11
N ASP I 80 -0.43 -18.54 6.97
CA ASP I 80 0.20 -19.76 6.50
C ASP I 80 1.74 -19.62 6.64
N LYS I 81 2.32 -20.27 7.69
CA LYS I 81 3.77 -20.27 7.98
C LYS I 81 4.58 -20.55 6.72
N GLN I 82 4.18 -21.61 5.98
CA GLN I 82 4.83 -22.09 4.78
C GLN I 82 4.76 -21.13 3.62
N SER I 83 3.55 -20.76 3.15
CA SER I 83 3.41 -19.88 1.98
C SER I 83 3.69 -18.39 2.25
N GLY I 84 3.61 -17.99 3.51
CA GLY I 84 3.80 -16.59 3.90
C GLY I 84 2.65 -15.74 3.41
N LYS I 85 1.44 -16.31 3.48
CA LYS I 85 0.21 -15.67 3.05
C LYS I 85 -0.76 -15.56 4.23
N ILE I 86 -1.51 -14.45 4.28
CA ILE I 86 -2.54 -14.20 5.29
C ILE I 86 -3.90 -13.94 4.63
N ASN I 87 -4.99 -14.35 5.29
CA ASN I 87 -6.38 -14.10 4.91
C ASN I 87 -6.96 -13.26 6.04
N LEU I 88 -7.32 -12.01 5.75
CA LEU I 88 -7.83 -11.06 6.74
C LEU I 88 -9.33 -10.94 6.79
N TYR I 89 -9.87 -10.79 7.99
CA TYR I 89 -11.30 -10.67 8.28
C TYR I 89 -11.49 -9.56 9.32
N ARG I 90 -12.19 -8.49 8.93
CA ARG I 90 -12.51 -7.42 9.86
C ARG I 90 -13.48 -7.96 10.92
N ALA I 91 -13.22 -7.65 12.19
CA ALA I 91 -14.08 -8.13 13.24
C ALA I 91 -14.37 -7.12 14.34
N PRO I 92 -15.63 -7.03 14.84
CA PRO I 92 -15.86 -6.18 16.01
C PRO I 92 -15.33 -6.88 17.27
N VAL I 93 -14.88 -6.07 18.24
CA VAL I 93 -14.46 -6.55 19.55
C VAL I 93 -15.52 -6.11 20.56
N VAL I 94 -16.30 -7.06 21.02
CA VAL I 94 -17.43 -6.87 21.93
C VAL I 94 -17.01 -7.34 23.33
N THR I 95 -17.22 -6.51 24.36
CA THR I 95 -16.90 -6.95 25.75
C THR I 95 -18.22 -7.41 26.33
N SER I 96 -18.26 -8.69 26.74
CA SER I 96 -19.47 -9.38 27.16
C SER I 96 -19.53 -9.79 28.61
N LYS I 97 -20.78 -9.97 29.11
CA LYS I 97 -21.13 -10.39 30.47
C LYS I 97 -22.00 -11.64 30.46
N ILE I 98 -21.85 -12.49 31.50
CA ILE I 98 -22.66 -13.70 31.64
C ILE I 98 -23.60 -13.52 32.84
N VAL I 99 -24.88 -13.84 32.62
CA VAL I 99 -25.96 -13.72 33.60
C VAL I 99 -26.76 -15.06 33.67
N SER I 100 -26.96 -15.60 34.88
CA SER I 100 -27.72 -16.84 35.08
C SER I 100 -29.22 -16.60 34.87
N LYS I 101 -29.98 -17.67 34.55
CA LYS I 101 -31.43 -17.62 34.31
C LYS I 101 -32.24 -17.76 35.61
N GLY J 4 -2.22 12.49 -10.04
CA GLY J 4 -3.62 12.82 -10.23
C GLY J 4 -4.41 13.11 -8.96
N TYR J 5 -5.75 13.01 -9.06
CA TYR J 5 -6.68 13.25 -7.95
C TYR J 5 -6.46 12.24 -6.81
N GLN J 6 -6.54 12.75 -5.57
CA GLN J 6 -6.42 11.93 -4.37
C GLN J 6 -7.61 12.24 -3.43
N PRO J 7 -8.43 11.23 -3.05
CA PRO J 7 -9.57 11.52 -2.16
C PRO J 7 -9.11 11.83 -0.72
N PRO J 8 -9.95 12.38 0.13
CA PRO J 8 -9.53 12.58 1.51
C PRO J 8 -8.95 11.29 2.13
N SER J 9 -8.01 11.46 3.05
CA SER J 9 -7.32 10.35 3.77
C SER J 9 -8.17 9.17 4.29
N ASP J 10 -9.45 9.41 4.59
CA ASP J 10 -10.36 8.43 5.19
C ASP J 10 -11.52 8.02 4.28
N TYR J 11 -11.36 8.24 2.97
CA TYR J 11 -12.36 7.89 1.94
C TYR J 11 -11.82 6.77 1.05
N LYS J 12 -12.68 5.79 0.78
CA LYS J 12 -12.36 4.62 -0.02
C LYS J 12 -13.26 4.65 -1.27
N GLN J 13 -12.69 4.33 -2.45
CA GLN J 13 -13.44 4.29 -3.71
C GLN J 13 -14.46 3.15 -3.72
N CYS J 14 -15.63 3.42 -4.31
CA CYS J 14 -16.67 2.42 -4.47
C CYS J 14 -16.34 1.72 -5.81
N LYS J 15 -15.82 0.48 -5.70
CA LYS J 15 -15.38 -0.32 -6.84
C LYS J 15 -16.35 -1.45 -7.23
N HIS J 16 -17.46 -1.63 -6.47
CA HIS J 16 -18.44 -2.69 -6.71
C HIS J 16 -19.87 -2.11 -6.84
N LEU J 17 -20.03 -1.15 -7.75
CA LEU J 17 -21.32 -0.48 -7.98
C LEU J 17 -22.33 -1.43 -8.53
N LYS J 18 -23.53 -1.48 -7.91
CA LYS J 18 -24.62 -2.35 -8.36
C LYS J 18 -25.27 -1.80 -9.62
N SER J 19 -25.88 -2.69 -10.43
CA SER J 19 -26.53 -2.31 -11.69
C SER J 19 -27.82 -1.52 -11.52
N PHE J 20 -28.08 -0.61 -12.46
CA PHE J 20 -29.28 0.23 -12.53
C PHE J 20 -29.82 0.14 -13.96
N PRO J 21 -31.12 -0.22 -14.15
CA PRO J 21 -31.64 -0.38 -15.52
C PRO J 21 -31.87 0.92 -16.29
N VAL J 22 -30.79 1.37 -16.95
CA VAL J 22 -30.68 2.56 -17.79
C VAL J 22 -31.81 2.61 -18.83
N SER J 23 -32.04 1.46 -19.51
CA SER J 23 -33.04 1.24 -20.54
C SER J 23 -34.48 1.58 -20.13
N GLU J 24 -34.86 1.25 -18.87
CA GLU J 24 -36.20 1.51 -18.33
C GLU J 24 -36.60 2.99 -18.28
N LEU J 25 -35.60 3.90 -18.25
CA LEU J 25 -35.82 5.35 -18.22
C LEU J 25 -36.37 5.89 -19.55
N LYS J 26 -35.81 5.40 -20.69
CA LYS J 26 -36.16 5.80 -22.07
C LYS J 26 -37.56 5.38 -22.58
N GLY J 27 -38.29 4.62 -21.77
CA GLY J 27 -39.66 4.19 -22.09
C GLY J 27 -40.68 5.21 -21.63
N ASP J 28 -41.70 5.47 -22.47
CA ASP J 28 -42.78 6.44 -22.18
C ASP J 28 -43.66 6.01 -20.99
N ASN J 29 -43.93 4.70 -20.88
CA ASN J 29 -44.76 4.07 -19.85
C ASN J 29 -44.06 3.99 -18.46
N LYS J 30 -42.94 4.71 -18.27
CA LYS J 30 -42.21 4.71 -17.01
C LYS J 30 -41.90 6.10 -16.45
N GLU J 31 -41.71 6.18 -15.10
CA GLU J 31 -41.44 7.42 -14.36
C GLU J 31 -40.21 7.33 -13.47
N LEU J 32 -39.38 8.39 -13.47
CA LEU J 32 -38.18 8.49 -12.62
C LEU J 32 -38.50 9.37 -11.40
N TRP J 33 -38.36 8.79 -10.21
CA TRP J 33 -38.66 9.45 -8.94
C TRP J 33 -37.46 9.73 -8.03
N LEU J 34 -37.63 10.73 -7.14
CA LEU J 34 -36.69 11.09 -6.08
C LEU J 34 -37.44 11.17 -4.74
N MSE J 35 -36.97 10.45 -3.73
CA MSE J 35 -37.60 10.41 -2.42
C MSE J 35 -36.69 10.75 -1.27
O MSE J 35 -35.77 9.99 -1.00
CB MSE J 35 -38.15 9.02 -2.15
CG MSE J 35 -39.54 8.81 -2.64
SE MSE J 35 -39.73 6.93 -3.13
CE MSE J 35 -38.48 6.90 -4.74
N LYS J 36 -37.01 11.83 -0.53
CA LYS J 36 -36.34 12.23 0.69
C LYS J 36 -37.25 11.67 1.75
N VAL J 37 -36.69 10.77 2.58
CA VAL J 37 -37.39 9.96 3.58
C VAL J 37 -36.57 9.99 4.91
N PRO J 38 -37.19 9.94 6.14
CA PRO J 38 -36.39 9.93 7.38
C PRO J 38 -35.47 8.71 7.49
N ALA J 39 -34.28 8.89 8.09
CA ALA J 39 -33.25 7.87 8.19
C ALA J 39 -33.62 6.66 9.07
N ASN J 40 -34.49 6.89 10.05
CA ASN J 40 -34.94 5.85 10.97
C ASN J 40 -35.95 4.84 10.39
N ILE J 41 -36.44 5.07 9.15
CA ILE J 41 -37.38 4.13 8.53
C ILE J 41 -36.60 3.03 7.82
N ASP J 42 -36.91 1.77 8.11
CA ASP J 42 -36.25 0.66 7.42
C ASP J 42 -37.06 0.29 6.18
N ILE J 43 -36.64 0.84 5.03
CA ILE J 43 -37.25 0.63 3.71
C ILE J 43 -37.29 -0.85 3.29
N SER J 44 -36.26 -1.64 3.66
CA SER J 44 -36.17 -3.07 3.34
C SER J 44 -37.34 -3.90 3.88
N GLN J 45 -37.94 -3.43 4.99
CA GLN J 45 -39.08 -4.09 5.66
C GLN J 45 -40.41 -3.72 5.02
N LEU J 46 -40.43 -2.67 4.19
CA LEU J 46 -41.64 -2.21 3.51
C LEU J 46 -41.90 -3.00 2.23
N LYS J 47 -43.17 -3.35 2.00
CA LYS J 47 -43.63 -4.08 0.83
C LYS J 47 -44.41 -3.13 -0.07
N SER J 48 -44.98 -2.05 0.51
CA SER J 48 -45.74 -1.08 -0.26
C SER J 48 -45.57 0.36 0.23
N LEU J 49 -45.73 1.34 -0.69
CA LEU J 49 -45.74 2.77 -0.43
C LEU J 49 -47.15 3.28 -0.76
N PRO J 50 -48.06 3.47 0.23
CA PRO J 50 -49.42 3.95 -0.10
C PRO J 50 -49.51 5.47 -0.41
N LEU J 51 -48.55 6.00 -1.22
CA LEU J 51 -48.49 7.43 -1.61
C LEU J 51 -49.65 7.81 -2.51
N ASP J 52 -50.22 9.00 -2.31
CA ASP J 52 -51.25 9.51 -3.22
C ASP J 52 -50.51 10.35 -4.27
N THR J 53 -50.45 9.82 -5.50
CA THR J 53 -49.74 10.43 -6.62
C THR J 53 -50.35 11.74 -7.14
N ASP J 54 -51.64 11.98 -6.86
CA ASP J 54 -52.34 13.17 -7.32
C ASP J 54 -52.19 14.36 -6.37
N ALA J 55 -52.17 14.10 -5.03
CA ALA J 55 -52.07 15.12 -3.99
C ALA J 55 -50.71 15.80 -3.89
N THR J 56 -50.72 17.10 -3.57
CA THR J 56 -49.53 17.91 -3.36
C THR J 56 -49.10 17.71 -1.91
N VAL J 57 -50.09 17.74 -1.00
CA VAL J 57 -49.90 17.52 0.43
C VAL J 57 -50.79 16.34 0.82
N SER J 58 -50.23 15.35 1.52
CA SER J 58 -50.97 14.18 1.96
C SER J 58 -50.36 13.61 3.27
N THR J 59 -50.79 12.39 3.66
CA THR J 59 -50.29 11.60 4.79
C THR J 59 -50.07 10.18 4.29
N VAL J 60 -49.07 9.48 4.82
CA VAL J 60 -48.80 8.10 4.43
C VAL J 60 -48.57 7.23 5.67
N GLU J 61 -49.15 6.02 5.67
CA GLU J 61 -48.97 5.10 6.79
C GLU J 61 -48.02 3.97 6.41
N LEU J 62 -46.80 4.02 6.96
CA LEU J 62 -45.80 2.96 6.77
C LEU J 62 -45.33 2.44 8.12
N GLY J 63 -45.28 1.11 8.23
CA GLY J 63 -44.98 0.41 9.48
C GLY J 63 -46.24 0.49 10.32
N SER J 64 -46.13 1.09 11.52
CA SER J 64 -47.28 1.31 12.39
C SER J 64 -47.54 2.82 12.63
N LYS J 65 -46.73 3.69 11.96
CA LYS J 65 -46.76 5.15 12.09
C LYS J 65 -47.11 5.91 10.81
N ASN J 66 -47.64 7.14 10.99
CA ASN J 66 -48.05 8.09 9.94
C ASN J 66 -47.03 9.24 9.82
N PHE J 67 -46.83 9.68 8.57
CA PHE J 67 -45.89 10.72 8.18
C PHE J 67 -46.55 11.71 7.21
N ASN J 68 -46.02 12.95 7.16
CA ASN J 68 -46.53 13.95 6.22
C ASN J 68 -45.87 13.73 4.87
N VAL J 69 -46.61 13.97 3.78
CA VAL J 69 -46.05 13.82 2.42
C VAL J 69 -46.21 15.10 1.64
N LEU J 70 -45.10 15.54 1.02
CA LEU J 70 -45.08 16.70 0.14
C LEU J 70 -44.45 16.33 -1.19
N GLN J 71 -45.26 16.46 -2.25
CA GLN J 71 -44.89 16.25 -3.65
C GLN J 71 -44.40 17.60 -4.15
N ASN J 72 -43.08 17.84 -3.97
CA ASN J 72 -42.35 19.05 -4.34
C ASN J 72 -42.55 19.45 -5.83
N THR J 73 -42.61 18.45 -6.74
CA THR J 73 -42.84 18.67 -8.18
C THR J 73 -44.23 19.26 -8.51
N SER J 74 -45.07 19.48 -7.47
CA SER J 74 -46.42 20.07 -7.58
C SER J 74 -46.49 21.49 -6.96
N THR J 75 -45.45 21.92 -6.22
CA THR J 75 -45.36 23.27 -5.62
C THR J 75 -44.67 24.21 -6.62
N GLN J 76 -44.99 25.53 -6.62
CA GLN J 76 -44.36 26.48 -7.56
C GLN J 76 -42.84 26.69 -7.37
N GLU J 77 -42.36 26.72 -6.10
CA GLU J 77 -40.94 26.85 -5.73
C GLU J 77 -39.98 25.65 -5.89
N GLY J 78 -40.58 24.49 -6.17
CA GLY J 78 -39.90 23.22 -6.37
C GLY J 78 -40.11 22.45 -7.67
N SER J 79 -40.70 23.13 -8.68
CA SER J 79 -41.01 22.57 -10.01
C SER J 79 -39.75 22.35 -10.86
N ASP J 80 -38.80 23.29 -10.76
CA ASP J 80 -37.55 23.23 -11.50
C ASP J 80 -36.52 22.44 -10.71
N ASN J 81 -36.11 21.27 -11.24
CA ASN J 81 -35.10 20.41 -10.61
C ASN J 81 -33.95 20.09 -11.56
N THR J 82 -33.72 20.99 -12.56
CA THR J 82 -32.67 20.91 -13.57
C THR J 82 -31.25 21.09 -13.01
N ASN J 83 -31.17 21.35 -11.70
CA ASN J 83 -29.92 21.48 -10.97
C ASN J 83 -29.44 20.07 -10.51
N LEU J 84 -30.37 19.08 -10.55
CA LEU J 84 -30.14 17.70 -10.15
C LEU J 84 -29.87 16.75 -11.32
N SER J 85 -28.67 16.19 -11.37
CA SER J 85 -28.29 15.23 -12.41
C SER J 85 -28.08 13.83 -11.82
N LEU J 86 -28.65 12.81 -12.48
CA LEU J 86 -28.53 11.41 -12.09
C LEU J 86 -27.29 10.77 -12.72
N LEU J 87 -26.40 10.23 -11.88
CA LEU J 87 -25.21 9.56 -12.36
C LEU J 87 -25.46 8.06 -12.28
N ILE J 88 -25.06 7.33 -13.30
CA ILE J 88 -25.28 5.87 -13.37
C ILE J 88 -23.99 5.09 -13.67
N PRO J 89 -23.81 3.87 -13.12
CA PRO J 89 -22.58 3.10 -13.44
C PRO J 89 -22.65 2.48 -14.84
N SER J 90 -21.50 2.43 -15.54
CA SER J 90 -21.47 1.89 -16.90
C SER J 90 -21.32 0.37 -17.03
N GLU J 91 -21.84 -0.19 -18.15
CA GLU J 91 -21.71 -1.60 -18.54
C GLU J 91 -20.22 -1.78 -18.94
N LYS J 92 -19.64 -0.70 -19.54
CA LYS J 92 -18.24 -0.56 -19.95
C LYS J 92 -17.34 -0.80 -18.70
N LYS J 93 -17.37 0.13 -17.69
CA LYS J 93 -16.61 0.06 -16.43
C LYS J 93 -17.56 0.15 -15.21
N LYS J 94 -17.56 -0.88 -14.32
CA LYS J 94 -18.39 -0.92 -13.09
C LYS J 94 -17.65 -0.30 -11.90
N GLU J 95 -16.70 0.57 -12.24
CA GLU J 95 -15.83 1.29 -11.34
C GLU J 95 -16.14 2.80 -11.47
N THR J 96 -16.61 3.25 -12.66
CA THR J 96 -16.88 4.64 -13.02
C THR J 96 -18.34 4.94 -13.37
N LEU J 97 -18.76 6.21 -13.15
CA LEU J 97 -20.13 6.68 -13.41
C LEU J 97 -20.16 7.73 -14.53
N LYS J 98 -21.30 7.82 -15.23
CA LYS J 98 -21.53 8.80 -16.30
C LYS J 98 -22.92 9.40 -16.06
N VAL J 99 -23.18 10.60 -16.61
CA VAL J 99 -24.48 11.28 -16.44
C VAL J 99 -25.53 10.59 -17.28
N ALA J 100 -26.67 10.26 -16.67
CA ALA J 100 -27.80 9.63 -17.34
C ALA J 100 -28.33 10.66 -18.35
N THR J 101 -28.30 10.28 -19.63
CA THR J 101 -28.71 11.07 -20.79
C THR J 101 -29.34 10.12 -21.82
N SER J 102 -30.40 10.58 -22.51
CA SER J 102 -31.13 9.79 -23.49
C SER J 102 -30.76 10.03 -24.97
N LYS J 103 -31.53 9.38 -25.89
CA LYS J 103 -31.41 9.39 -27.35
C LYS J 103 -31.39 10.79 -27.97
N ASP J 104 -32.13 11.75 -27.37
CA ASP J 104 -32.25 13.14 -27.83
C ASP J 104 -31.09 14.06 -27.42
N ASN J 105 -30.11 13.52 -26.64
CA ASN J 105 -28.94 14.22 -26.07
C ASN J 105 -29.40 15.28 -25.05
N LYS J 106 -30.55 15.03 -24.39
CA LYS J 106 -31.11 15.90 -23.36
C LYS J 106 -31.09 15.18 -22.01
N SER J 107 -30.46 15.84 -21.01
CA SER J 107 -30.26 15.35 -19.64
C SER J 107 -31.54 14.79 -19.03
N VAL J 108 -31.45 13.66 -18.31
CA VAL J 108 -32.60 13.00 -17.68
C VAL J 108 -32.96 13.74 -16.36
N TYR J 109 -34.25 14.12 -16.22
CA TYR J 109 -34.76 14.82 -15.05
C TYR J 109 -35.81 13.98 -14.33
N PHE J 110 -35.97 14.23 -13.02
CA PHE J 110 -36.94 13.52 -12.21
C PHE J 110 -38.35 13.95 -12.57
N ASP J 111 -39.21 12.96 -12.78
CA ASP J 111 -40.61 13.18 -13.11
C ASP J 111 -41.39 13.63 -11.88
N ARG J 112 -41.12 12.98 -10.72
CA ARG J 112 -41.76 13.26 -9.45
C ARG J 112 -40.74 13.31 -8.38
N VAL J 113 -40.96 14.21 -7.39
CA VAL J 113 -40.10 14.38 -6.20
C VAL J 113 -41.00 14.38 -4.96
N PHE J 114 -40.72 13.50 -4.00
CA PHE J 114 -41.49 13.38 -2.78
C PHE J 114 -40.64 13.58 -1.54
N THR J 115 -41.17 14.32 -0.54
CA THR J 115 -40.50 14.42 0.76
C THR J 115 -41.45 13.89 1.81
N ILE J 116 -41.06 12.75 2.41
CA ILE J 116 -41.79 12.08 3.47
C ILE J 116 -41.12 12.56 4.76
N SER J 117 -41.88 13.24 5.61
CA SER J 117 -41.32 13.82 6.82
C SER J 117 -42.09 13.41 8.04
N GLU J 118 -41.41 13.44 9.19
CA GLU J 118 -42.01 13.12 10.48
C GLU J 118 -42.96 14.22 10.89
N THR J 119 -44.01 13.84 11.62
CA THR J 119 -44.99 14.79 12.13
C THR J 119 -44.34 15.56 13.29
N ALA J 120 -44.83 16.77 13.55
CA ALA J 120 -44.30 17.63 14.61
C ALA J 120 -44.34 16.97 15.98
N ARG J 121 -43.21 17.08 16.68
CA ARG J 121 -42.98 16.53 18.02
C ARG J 121 -42.33 17.58 18.91
N ILE J 122 -42.59 17.48 20.22
CA ILE J 122 -41.93 18.33 21.21
C ILE J 122 -41.07 17.43 22.09
N PRO J 123 -39.83 17.18 21.62
CA PRO J 123 -38.96 16.23 22.32
C PRO J 123 -38.63 16.58 23.76
N ARG K 8 4.33 -46.62 -31.98
CA ARG K 8 5.48 -46.04 -32.71
C ARG K 8 5.26 -44.63 -33.30
N SER K 9 5.83 -43.62 -32.62
CA SER K 9 5.76 -42.21 -32.99
C SER K 9 7.05 -41.84 -33.77
N ILE K 10 6.92 -41.27 -34.99
CA ILE K 10 8.05 -40.90 -35.84
C ILE K 10 8.65 -39.60 -35.33
N ALA K 11 9.93 -39.66 -34.95
CA ALA K 11 10.65 -38.50 -34.42
C ALA K 11 11.20 -37.63 -35.53
N ILE K 12 11.05 -36.30 -35.39
CA ILE K 12 11.61 -35.36 -36.34
C ILE K 12 13.02 -35.04 -35.86
N ASP K 13 14.01 -35.63 -36.53
CA ASP K 13 15.44 -35.51 -36.25
C ASP K 13 15.98 -34.14 -36.67
N SER K 14 15.53 -33.64 -37.83
CA SER K 14 15.92 -32.38 -38.43
C SER K 14 14.85 -31.83 -39.40
N TYR K 15 14.77 -30.50 -39.45
CA TYR K 15 13.86 -29.80 -40.35
C TYR K 15 14.65 -28.68 -41.04
N GLN K 16 14.72 -28.72 -42.38
CA GLN K 16 15.41 -27.72 -43.17
C GLN K 16 14.39 -26.88 -43.91
N GLU K 17 14.33 -25.58 -43.57
CA GLU K 17 13.36 -24.65 -44.18
C GLU K 17 13.91 -23.98 -45.42
N ASP K 18 15.24 -23.75 -45.48
CA ASP K 18 15.91 -23.10 -46.60
C ASP K 18 16.03 -24.01 -47.86
N PRO K 19 16.16 -23.46 -49.10
CA PRO K 19 16.24 -24.31 -50.30
C PRO K 19 17.36 -25.32 -50.30
N SER K 20 17.03 -26.55 -50.73
CA SER K 20 17.95 -27.68 -50.87
C SER K 20 17.54 -28.47 -52.10
N VAL K 21 16.41 -29.18 -52.00
CA VAL K 21 15.84 -30.02 -53.06
C VAL K 21 14.73 -29.34 -53.82
N VAL K 22 14.39 -29.82 -54.99
CA VAL K 22 13.29 -29.38 -55.85
C VAL K 22 12.56 -30.66 -56.34
N VAL K 23 11.24 -30.65 -56.25
CA VAL K 23 10.42 -31.72 -56.77
C VAL K 23 9.89 -31.18 -58.12
N SER K 24 10.39 -31.69 -59.21
CA SER K 24 9.88 -31.23 -60.51
C SER K 24 8.77 -32.13 -60.99
N ASN K 25 7.78 -31.58 -61.66
CA ASN K 25 6.70 -32.40 -62.20
C ASN K 25 6.67 -32.26 -63.72
N PHE K 26 7.03 -33.32 -64.41
CA PHE K 26 6.98 -33.36 -65.88
C PHE K 26 5.76 -34.20 -66.30
N PHE K 27 6.01 -35.42 -66.79
CA PHE K 27 5.03 -36.36 -67.28
C PHE K 27 5.47 -37.77 -66.85
N LYS K 28 4.54 -38.73 -66.88
CA LYS K 28 4.82 -40.13 -66.52
C LYS K 28 5.84 -40.72 -67.48
N GLY K 29 6.90 -41.29 -66.91
CA GLY K 29 7.98 -41.92 -67.64
C GLY K 29 9.09 -40.99 -68.08
N VAL K 30 9.15 -39.76 -67.51
CA VAL K 30 10.18 -38.76 -67.82
C VAL K 30 11.59 -39.34 -67.58
N ARG K 31 12.50 -39.09 -68.53
CA ARG K 31 13.88 -39.51 -68.44
C ARG K 31 14.74 -38.26 -68.57
N VAL K 32 15.42 -37.90 -67.48
CA VAL K 32 16.31 -36.75 -67.49
C VAL K 32 17.76 -37.28 -67.43
N PRO K 33 18.61 -36.98 -68.45
CA PRO K 33 20.00 -37.47 -68.43
C PRO K 33 20.75 -37.07 -67.16
N LYS K 34 21.50 -38.03 -66.57
CA LYS K 34 22.27 -37.87 -65.34
C LYS K 34 23.17 -36.59 -65.31
N ASP K 35 23.74 -36.24 -66.49
CA ASP K 35 24.61 -35.07 -66.69
C ASP K 35 23.89 -33.70 -66.67
N THR K 36 22.56 -33.65 -66.93
CA THR K 36 21.77 -32.41 -66.98
C THR K 36 21.91 -31.60 -65.71
N GLU K 37 22.29 -30.33 -65.87
CA GLU K 37 22.49 -29.39 -64.78
C GLU K 37 21.34 -28.37 -64.76
N PHE K 38 20.79 -28.13 -63.56
CA PHE K 38 19.65 -27.23 -63.31
C PHE K 38 20.06 -26.14 -62.34
N GLN K 39 19.35 -25.00 -62.40
CA GLN K 39 19.52 -23.87 -61.49
C GLN K 39 18.17 -23.52 -60.91
N LEU K 40 18.13 -23.04 -59.65
CA LEU K 40 16.89 -22.62 -59.00
C LEU K 40 16.91 -21.12 -58.79
N TYR K 41 15.80 -20.45 -59.09
CA TYR K 41 15.63 -19.02 -58.97
C TYR K 41 14.41 -18.76 -58.14
N LYS K 42 14.57 -17.86 -57.13
CA LYS K 42 13.55 -17.48 -56.16
C LYS K 42 13.08 -16.07 -56.45
N LYS K 43 11.74 -15.85 -56.38
CA LYS K 43 11.15 -14.52 -56.58
C LYS K 43 11.51 -13.68 -55.39
N ARG K 44 11.94 -12.44 -55.65
CA ARG K 44 12.30 -11.45 -54.64
C ARG K 44 11.07 -11.01 -53.86
N LYS K 45 11.18 -11.07 -52.51
CA LYS K 45 10.07 -10.82 -51.60
C LYS K 45 10.45 -10.16 -50.29
N GLN K 46 9.97 -8.92 -50.02
CA GLN K 46 10.22 -8.26 -48.74
C GLN K 46 9.24 -8.86 -47.70
N ASP K 47 9.71 -9.01 -46.45
CA ASP K 47 8.93 -9.58 -45.36
C ASP K 47 7.99 -8.57 -44.69
N GLN K 48 7.03 -9.04 -43.92
CA GLN K 48 6.08 -8.24 -43.17
C GLN K 48 6.40 -8.50 -41.70
N PHE K 49 6.43 -7.43 -40.89
CA PHE K 49 6.77 -7.51 -39.48
C PHE K 49 5.82 -6.80 -38.57
N VAL K 50 5.79 -7.28 -37.32
CA VAL K 50 5.06 -6.70 -36.19
C VAL K 50 6.09 -6.39 -35.08
N LEU K 51 5.97 -5.19 -34.51
CA LEU K 51 6.84 -4.70 -33.45
C LEU K 51 6.06 -4.44 -32.16
N HIS K 52 6.52 -5.03 -31.06
CA HIS K 52 5.92 -4.81 -29.73
C HIS K 52 7.00 -4.43 -28.70
N GLY K 53 6.71 -3.38 -27.93
CA GLY K 53 7.56 -2.88 -26.86
C GLY K 53 6.76 -2.56 -25.61
N GLU K 54 7.42 -2.66 -24.46
CA GLU K 54 6.76 -2.39 -23.18
C GLU K 54 7.63 -1.59 -22.22
N ASN K 55 6.95 -0.80 -21.38
CA ASN K 55 7.50 0.00 -20.29
C ASN K 55 6.61 -0.43 -19.16
N GLU K 56 6.58 0.41 -18.14
CA GLU K 56 5.82 0.24 -16.91
C GLU K 56 4.47 0.91 -16.99
N ARG K 57 4.39 2.08 -17.69
CA ARG K 57 3.15 2.81 -17.94
C ARG K 57 2.74 2.68 -19.40
N LEU K 58 3.70 2.56 -20.33
CA LEU K 58 3.37 2.56 -21.75
C LEU K 58 3.64 1.29 -22.51
N GLU K 59 2.82 1.05 -23.55
CA GLU K 59 2.90 -0.08 -24.51
C GLU K 59 3.11 0.50 -25.92
N TYR K 60 4.03 -0.12 -26.67
CA TYR K 60 4.41 0.30 -28.02
C TYR K 60 4.04 -0.81 -29.00
N ASP K 61 3.20 -0.49 -30.01
CA ASP K 61 2.75 -1.46 -30.99
C ASP K 61 2.75 -0.91 -32.41
N GLY K 62 3.40 -1.64 -33.32
CA GLY K 62 3.48 -1.27 -34.72
C GLY K 62 3.65 -2.39 -35.74
N GLU K 63 3.40 -2.07 -37.01
CA GLU K 63 3.51 -3.02 -38.14
C GLU K 63 4.06 -2.35 -39.42
N THR K 64 4.53 -3.15 -40.36
CA THR K 64 5.02 -2.67 -41.66
C THR K 64 3.79 -2.34 -42.50
N ASP K 65 3.88 -1.48 -43.54
CA ASP K 65 2.78 -1.23 -44.48
C ASP K 65 2.96 -2.24 -45.64
N GLU K 66 1.95 -3.12 -45.86
CA GLU K 66 1.98 -4.19 -46.87
C GLU K 66 2.43 -3.71 -48.27
N LEU K 67 1.91 -2.54 -48.74
CA LEU K 67 2.24 -1.99 -50.04
C LEU K 67 3.67 -1.50 -50.18
N THR K 68 4.18 -0.68 -49.26
CA THR K 68 5.56 -0.16 -49.35
C THR K 68 6.52 -1.35 -49.34
N THR K 69 6.11 -2.46 -48.66
CA THR K 69 6.78 -3.78 -48.58
C THR K 69 7.01 -4.35 -49.99
N LYS K 70 6.07 -4.14 -50.88
CA LYS K 70 6.09 -4.60 -52.26
C LYS K 70 6.80 -3.61 -53.21
N THR K 71 6.78 -2.31 -52.89
CA THR K 71 7.33 -1.23 -53.70
C THR K 71 8.74 -0.82 -53.32
N ASN K 72 9.04 -0.76 -52.00
CA ASN K 72 10.32 -0.25 -51.57
C ASN K 72 11.04 -1.06 -50.52
N GLN K 73 12.35 -0.88 -50.49
CA GLN K 73 13.21 -1.40 -49.47
C GLN K 73 13.92 -0.24 -48.76
N TYR K 74 14.10 -0.38 -47.43
CA TYR K 74 14.78 0.61 -46.61
C TYR K 74 16.11 0.10 -46.12
N MSE K 75 17.11 0.96 -46.11
CA MSE K 75 18.45 0.62 -45.65
C MSE K 75 18.91 1.58 -44.60
O MSE K 75 18.84 2.80 -44.80
CB MSE K 75 19.47 0.81 -46.78
CG MSE K 75 18.98 0.54 -48.16
SE MSE K 75 19.93 -1.02 -48.70
CE MSE K 75 18.58 -2.45 -48.13
N VAL K 76 19.50 1.04 -43.52
CA VAL K 76 20.18 1.87 -42.53
C VAL K 76 21.67 1.75 -42.88
N GLY K 77 22.33 2.88 -43.02
CA GLY K 77 23.73 2.88 -43.40
C GLY K 77 24.65 3.60 -42.44
N LEU K 78 25.86 3.06 -42.27
CA LEU K 78 26.91 3.65 -41.46
C LEU K 78 27.97 4.07 -42.44
N TYR K 79 28.07 5.36 -42.68
CA TYR K 79 28.99 5.95 -43.64
C TYR K 79 30.22 6.51 -42.95
N ASP K 80 31.39 6.29 -43.56
CA ASP K 80 32.68 6.78 -43.06
C ASP K 80 33.19 7.92 -43.96
N LYS K 81 33.04 9.17 -43.49
CA LYS K 81 33.42 10.42 -44.17
C LYS K 81 34.84 10.30 -44.74
N GLN K 82 35.79 9.81 -43.91
CA GLN K 82 37.20 9.63 -44.21
C GLN K 82 37.48 8.57 -45.26
N SER K 83 37.07 7.30 -45.01
CA SER K 83 37.33 6.18 -45.94
C SER K 83 36.46 6.14 -47.18
N GLY K 84 35.31 6.82 -47.14
CA GLY K 84 34.35 6.82 -48.24
C GLY K 84 33.68 5.46 -48.40
N LYS K 85 33.45 4.77 -47.28
CA LYS K 85 32.87 3.43 -47.23
C LYS K 85 31.55 3.46 -46.46
N ILE K 86 30.58 2.64 -46.92
CA ILE K 86 29.27 2.48 -46.28
C ILE K 86 29.02 1.00 -45.90
N ASN K 87 28.33 0.80 -44.77
CA ASN K 87 27.91 -0.52 -44.28
C ASN K 87 26.37 -0.46 -44.29
N LEU K 88 25.76 -1.27 -45.17
CA LEU K 88 24.30 -1.31 -45.34
C LEU K 88 23.61 -2.40 -44.55
N TYR K 89 22.44 -2.08 -44.01
CA TYR K 89 21.62 -2.98 -43.22
C TYR K 89 20.19 -2.81 -43.65
N ARG K 90 19.58 -3.88 -44.16
CA ARG K 90 18.18 -3.89 -44.58
C ARG K 90 17.32 -3.78 -43.33
N ALA K 91 16.33 -2.90 -43.39
CA ALA K 91 15.48 -2.68 -42.24
C ALA K 91 14.02 -2.56 -42.57
N PRO K 92 13.12 -3.17 -41.74
CA PRO K 92 11.70 -2.85 -41.88
C PRO K 92 11.42 -1.43 -41.32
N VAL K 93 10.44 -0.73 -41.93
CA VAL K 93 9.93 0.53 -41.42
C VAL K 93 8.54 0.27 -40.86
N VAL K 94 8.42 0.39 -39.56
CA VAL K 94 7.20 0.05 -38.85
C VAL K 94 6.49 1.34 -38.37
N THR K 95 5.18 1.50 -38.66
CA THR K 95 4.43 2.64 -38.17
C THR K 95 3.85 2.21 -36.82
N SER K 96 4.26 2.86 -35.74
CA SER K 96 3.89 2.50 -34.38
C SER K 96 3.03 3.47 -33.62
N LYS K 97 2.30 2.97 -32.62
CA LYS K 97 1.40 3.68 -31.75
C LYS K 97 1.84 3.51 -30.29
N ILE K 98 1.63 4.56 -29.47
CA ILE K 98 1.92 4.50 -28.03
C ILE K 98 0.60 4.57 -27.28
N VAL K 99 0.42 3.65 -26.34
CA VAL K 99 -0.77 3.54 -25.51
C VAL K 99 -0.36 3.36 -24.04
N SER K 100 -0.93 4.23 -23.16
CA SER K 100 -0.70 4.16 -21.71
C SER K 100 -1.74 3.18 -21.18
N LYS K 101 -1.27 2.02 -20.69
CA LYS K 101 -2.19 1.02 -20.17
C LYS K 101 -2.08 0.85 -18.64
N PHE K 102 -1.88 2.00 -17.94
CA PHE K 102 -1.73 2.11 -16.47
C PHE K 102 -3.06 1.86 -15.76
N GLY L 4 21.31 -17.45 -74.63
CA GLY L 4 21.60 -17.31 -73.21
C GLY L 4 20.35 -17.13 -72.37
N TYR L 5 20.09 -18.09 -71.44
CA TYR L 5 18.93 -18.04 -70.55
C TYR L 5 19.01 -16.89 -69.58
N GLN L 6 17.87 -16.20 -69.37
CA GLN L 6 17.74 -15.11 -68.41
C GLN L 6 16.46 -15.36 -67.58
N PRO L 7 16.54 -15.46 -66.24
CA PRO L 7 15.31 -15.71 -65.45
C PRO L 7 14.37 -14.49 -65.45
N PRO L 8 13.14 -14.61 -64.97
CA PRO L 8 12.30 -13.42 -64.84
C PRO L 8 13.07 -12.25 -64.21
N SER L 9 12.68 -11.02 -64.53
CA SER L 9 13.31 -9.81 -64.04
C SER L 9 13.47 -9.68 -62.51
N ASP L 10 12.60 -10.34 -61.75
CA ASP L 10 12.55 -10.26 -60.30
C ASP L 10 12.91 -11.58 -59.55
N TYR L 11 13.58 -12.50 -60.25
CA TYR L 11 14.03 -13.79 -59.73
C TYR L 11 15.55 -13.79 -59.61
N LYS L 12 16.07 -14.28 -58.50
CA LYS L 12 17.50 -14.31 -58.24
C LYS L 12 17.90 -15.77 -58.06
N GLN L 13 19.10 -16.17 -58.58
CA GLN L 13 19.60 -17.56 -58.44
C GLN L 13 19.82 -17.96 -56.99
N CYS L 14 19.48 -19.21 -56.65
CA CYS L 14 19.75 -19.71 -55.31
C CYS L 14 21.13 -20.38 -55.41
N LYS L 15 22.17 -19.69 -54.96
CA LYS L 15 23.51 -20.25 -54.81
C LYS L 15 23.47 -20.51 -53.30
N HIS L 16 24.29 -21.43 -52.78
CA HIS L 16 24.28 -21.78 -51.34
C HIS L 16 23.08 -22.67 -50.93
N LEU L 17 22.76 -23.65 -51.79
CA LEU L 17 21.71 -24.61 -51.51
C LEU L 17 22.20 -25.51 -50.38
N LYS L 18 21.30 -25.78 -49.41
CA LYS L 18 21.61 -26.58 -48.24
C LYS L 18 21.73 -28.02 -48.62
N SER L 19 22.53 -28.78 -47.83
CA SER L 19 22.82 -30.18 -48.08
C SER L 19 21.63 -31.12 -47.96
N PHE L 20 21.64 -32.16 -48.81
CA PHE L 20 20.70 -33.27 -48.80
C PHE L 20 21.49 -34.58 -48.82
N PRO L 21 21.28 -35.46 -47.85
CA PRO L 21 22.06 -36.69 -47.73
C PRO L 21 21.62 -37.83 -48.63
N VAL L 22 22.08 -37.84 -49.86
CA VAL L 22 21.74 -38.91 -50.80
C VAL L 22 22.18 -40.25 -50.23
N SER L 23 23.42 -40.32 -49.80
CA SER L 23 23.97 -41.55 -49.25
C SER L 23 22.95 -42.30 -48.38
N GLU L 24 22.11 -41.59 -47.59
CA GLU L 24 21.08 -42.18 -46.73
C GLU L 24 20.02 -42.99 -47.48
N LEU L 25 19.85 -42.75 -48.79
CA LEU L 25 18.90 -43.48 -49.64
C LEU L 25 19.59 -44.72 -50.26
N LYS L 26 20.77 -44.49 -50.90
CA LYS L 26 21.66 -45.47 -51.54
C LYS L 26 22.20 -46.46 -50.48
N GLY L 27 21.34 -47.41 -50.11
CA GLY L 27 21.59 -48.44 -49.11
C GLY L 27 20.17 -48.64 -48.61
N ASP L 28 19.81 -49.92 -48.40
CA ASP L 28 18.54 -50.53 -47.93
C ASP L 28 17.79 -49.99 -46.67
N ASN L 29 18.43 -49.15 -45.84
CA ASN L 29 17.90 -48.63 -44.56
C ASN L 29 16.79 -47.56 -44.60
N LYS L 30 16.89 -46.55 -45.50
CA LYS L 30 15.90 -45.46 -45.54
C LYS L 30 14.84 -45.50 -46.64
N GLU L 31 13.68 -44.83 -46.39
CA GLU L 31 12.52 -44.62 -47.27
C GLU L 31 12.47 -43.13 -47.67
N LEU L 32 12.19 -42.84 -48.96
CA LEU L 32 12.05 -41.47 -49.47
C LEU L 32 10.55 -41.10 -49.53
N TRP L 33 10.16 -40.03 -48.82
CA TRP L 33 8.78 -39.58 -48.72
C TRP L 33 8.56 -38.20 -49.33
N LEU L 34 7.31 -37.97 -49.85
CA LEU L 34 6.78 -36.69 -50.23
C LEU L 34 5.55 -36.43 -49.32
N MSE L 35 5.42 -35.23 -48.72
CA MSE L 35 4.26 -34.89 -47.91
C MSE L 35 3.69 -33.58 -48.34
O MSE L 35 4.43 -32.62 -48.40
CB MSE L 35 4.64 -34.79 -46.43
CG MSE L 35 4.61 -36.12 -45.70
SE MSE L 35 5.79 -36.00 -44.10
CE MSE L 35 7.56 -36.08 -45.20
N LYS L 36 2.37 -33.55 -48.62
CA LYS L 36 1.63 -32.31 -48.94
C LYS L 36 0.87 -31.94 -47.66
N VAL L 37 1.19 -30.77 -47.07
CA VAL L 37 0.69 -30.38 -45.75
C VAL L 37 0.15 -28.96 -45.82
N PRO L 38 -0.87 -28.57 -45.00
CA PRO L 38 -1.32 -27.16 -45.03
C PRO L 38 -0.18 -26.17 -44.70
N ALA L 39 -0.19 -24.98 -45.38
CA ALA L 39 0.85 -23.94 -45.18
C ALA L 39 0.82 -23.29 -43.81
N ASN L 40 -0.35 -23.33 -43.13
CA ASN L 40 -0.50 -22.80 -41.78
C ASN L 40 0.19 -23.63 -40.67
N ILE L 41 0.70 -24.86 -40.96
CA ILE L 41 1.37 -25.66 -39.94
C ILE L 41 2.84 -25.27 -39.84
N ASP L 42 3.34 -24.92 -38.63
CA ASP L 42 4.76 -24.65 -38.44
C ASP L 42 5.47 -25.95 -38.04
N ILE L 43 6.08 -26.61 -39.04
CA ILE L 43 6.83 -27.87 -38.93
C ILE L 43 8.03 -27.77 -37.95
N SER L 44 8.71 -26.61 -37.89
CA SER L 44 9.86 -26.38 -37.01
C SER L 44 9.51 -26.50 -35.51
N GLN L 45 8.24 -26.29 -35.15
CA GLN L 45 7.74 -26.39 -33.78
C GLN L 45 7.39 -27.85 -33.43
N LEU L 46 7.27 -28.73 -34.43
CA LEU L 46 6.96 -30.14 -34.20
C LEU L 46 8.20 -30.94 -33.87
N LYS L 47 8.05 -31.87 -32.91
CA LYS L 47 9.14 -32.75 -32.45
C LYS L 47 8.92 -34.18 -32.95
N SER L 48 7.65 -34.51 -33.26
CA SER L 48 7.23 -35.84 -33.73
C SER L 48 6.01 -35.79 -34.67
N LEU L 49 5.84 -36.88 -35.47
CA LEU L 49 4.70 -37.09 -36.37
C LEU L 49 3.99 -38.34 -35.90
N PRO L 50 2.89 -38.26 -35.12
CA PRO L 50 2.19 -39.51 -34.72
C PRO L 50 1.27 -40.10 -35.82
N LEU L 51 1.90 -40.46 -36.96
CA LEU L 51 1.37 -40.87 -38.27
C LEU L 51 1.17 -42.35 -38.45
N ASP L 52 0.05 -42.74 -39.08
CA ASP L 52 -0.25 -44.16 -39.33
C ASP L 52 0.26 -44.51 -40.76
N THR L 53 1.43 -45.18 -40.80
CA THR L 53 2.13 -45.61 -42.01
C THR L 53 1.48 -46.82 -42.70
N ASP L 54 0.68 -47.60 -41.97
CA ASP L 54 0.04 -48.77 -42.56
C ASP L 54 -1.30 -48.43 -43.27
N ALA L 55 -2.09 -47.50 -42.69
CA ALA L 55 -3.39 -47.13 -43.21
C ALA L 55 -3.34 -46.29 -44.50
N THR L 56 -4.40 -46.42 -45.29
CA THR L 56 -4.57 -45.66 -46.52
C THR L 56 -5.19 -44.31 -46.15
N VAL L 57 -6.19 -44.35 -45.26
CA VAL L 57 -6.86 -43.16 -44.75
C VAL L 57 -6.74 -43.23 -43.22
N SER L 58 -6.27 -42.17 -42.58
CA SER L 58 -6.09 -42.11 -41.13
C SER L 58 -6.24 -40.66 -40.61
N THR L 59 -5.75 -40.39 -39.38
CA THR L 59 -5.75 -39.06 -38.74
C THR L 59 -4.39 -38.78 -38.05
N VAL L 60 -4.06 -37.47 -37.81
CA VAL L 60 -2.84 -37.01 -37.10
C VAL L 60 -3.10 -35.90 -36.11
N GLU L 61 -2.67 -36.11 -34.87
CA GLU L 61 -2.72 -35.05 -33.87
C GLU L 61 -1.36 -34.34 -34.06
N LEU L 62 -1.43 -33.11 -34.56
CA LEU L 62 -0.25 -32.30 -34.75
C LEU L 62 -0.53 -31.08 -33.94
N GLY L 63 0.38 -30.75 -33.02
CA GLY L 63 0.13 -29.66 -32.09
C GLY L 63 -0.97 -30.24 -31.22
N SER L 64 -2.13 -29.56 -31.18
CA SER L 64 -3.21 -30.22 -30.44
C SER L 64 -4.50 -30.34 -31.28
N LYS L 65 -4.30 -30.43 -32.60
CA LYS L 65 -5.34 -30.39 -33.61
C LYS L 65 -5.31 -31.63 -34.47
N ASN L 66 -6.48 -32.08 -34.89
CA ASN L 66 -6.59 -33.25 -35.75
C ASN L 66 -6.76 -32.90 -37.20
N PHE L 67 -6.04 -33.65 -38.04
CA PHE L 67 -6.01 -33.56 -39.49
C PHE L 67 -6.26 -34.90 -40.15
N ASN L 68 -6.81 -34.90 -41.38
CA ASN L 68 -6.96 -36.13 -42.14
C ASN L 68 -5.70 -36.45 -42.83
N VAL L 69 -5.39 -37.74 -42.91
CA VAL L 69 -4.21 -38.25 -43.63
C VAL L 69 -4.73 -39.17 -44.68
N LEU L 70 -4.12 -39.11 -45.86
CA LEU L 70 -4.34 -39.97 -47.01
C LEU L 70 -2.97 -40.39 -47.52
N GLN L 71 -2.75 -41.71 -47.66
CA GLN L 71 -1.51 -42.23 -48.20
C GLN L 71 -1.80 -42.53 -49.67
N ASN L 72 -1.52 -41.55 -50.55
CA ASN L 72 -1.80 -41.65 -51.99
C ASN L 72 -1.16 -42.85 -52.57
N THR L 73 0.09 -43.12 -52.15
CA THR L 73 0.81 -44.27 -52.64
C THR L 73 0.10 -45.58 -52.32
N SER L 74 -0.76 -45.62 -51.27
CA SER L 74 -1.50 -46.84 -50.92
C SER L 74 -2.68 -47.12 -51.84
N THR L 75 -3.12 -46.12 -52.61
CA THR L 75 -4.22 -46.22 -53.58
C THR L 75 -3.69 -46.51 -54.98
N GLN L 76 -4.41 -47.26 -55.80
CA GLN L 76 -3.98 -47.60 -57.18
C GLN L 76 -3.76 -46.34 -58.02
N GLU L 77 -4.58 -45.32 -57.79
CA GLU L 77 -4.56 -44.01 -58.43
C GLU L 77 -3.31 -43.18 -58.07
N GLY L 78 -2.82 -43.36 -56.85
CA GLY L 78 -1.66 -42.61 -56.34
C GLY L 78 -0.36 -43.36 -56.30
N SER L 79 -0.33 -44.58 -56.85
CA SER L 79 0.83 -45.48 -56.86
C SER L 79 1.99 -45.08 -57.76
N ASP L 80 1.66 -44.49 -58.90
CA ASP L 80 2.61 -44.08 -59.91
C ASP L 80 2.90 -42.60 -59.78
N ASN L 81 4.16 -42.28 -59.43
CA ASN L 81 4.64 -40.92 -59.26
C ASN L 81 5.91 -40.68 -60.07
N THR L 82 6.05 -41.41 -61.20
CA THR L 82 7.19 -41.37 -62.13
C THR L 82 7.27 -40.07 -62.90
N ASN L 83 6.30 -39.20 -62.70
CA ASN L 83 6.21 -37.88 -63.31
C ASN L 83 7.00 -36.86 -62.42
N LEU L 84 7.29 -37.26 -61.16
CA LEU L 84 8.00 -36.47 -60.17
C LEU L 84 9.47 -36.84 -60.07
N SER L 85 10.32 -35.87 -60.36
CA SER L 85 11.75 -36.06 -60.25
C SER L 85 12.34 -35.18 -59.17
N LEU L 86 13.15 -35.77 -58.29
CA LEU L 86 13.80 -35.09 -57.18
C LEU L 86 15.15 -34.53 -57.68
N LEU L 87 15.32 -33.20 -57.66
CA LEU L 87 16.58 -32.60 -58.08
C LEU L 87 17.32 -32.22 -56.79
N ILE L 88 18.57 -32.63 -56.69
CA ILE L 88 19.38 -32.42 -55.49
C ILE L 88 20.62 -31.56 -55.80
N PRO L 89 21.10 -30.76 -54.85
CA PRO L 89 22.32 -29.98 -55.10
C PRO L 89 23.57 -30.86 -55.08
N SER L 90 24.44 -30.72 -56.10
CA SER L 90 25.70 -31.48 -56.21
C SER L 90 26.70 -31.13 -55.11
N GLU L 91 27.34 -32.15 -54.53
CA GLU L 91 28.26 -32.06 -53.39
C GLU L 91 29.48 -31.11 -53.54
N LYS L 92 29.95 -30.86 -54.78
CA LYS L 92 31.05 -29.92 -55.01
C LYS L 92 30.59 -28.44 -55.10
N LYS L 93 29.89 -28.08 -56.20
CA LYS L 93 29.33 -26.73 -56.42
C LYS L 93 27.85 -26.83 -56.01
N LYS L 94 27.47 -26.09 -54.93
CA LYS L 94 26.11 -26.13 -54.38
C LYS L 94 25.12 -25.07 -54.93
N GLU L 95 25.34 -24.62 -56.17
CA GLU L 95 24.54 -23.64 -56.92
C GLU L 95 23.74 -24.31 -58.04
N THR L 96 24.22 -25.49 -58.46
CA THR L 96 23.58 -26.29 -59.50
C THR L 96 22.94 -27.55 -58.94
N LEU L 97 21.85 -28.01 -59.55
CA LEU L 97 21.11 -29.23 -59.18
C LEU L 97 21.17 -30.29 -60.30
N LYS L 98 21.09 -31.56 -59.92
CA LYS L 98 21.07 -32.72 -60.84
C LYS L 98 19.98 -33.68 -60.34
N VAL L 99 19.47 -34.59 -61.21
CA VAL L 99 18.45 -35.60 -60.84
C VAL L 99 19.07 -36.63 -59.90
N ALA L 100 18.37 -36.93 -58.79
CA ALA L 100 18.79 -37.91 -57.81
C ALA L 100 18.80 -39.30 -58.45
N THR L 101 19.93 -40.00 -58.33
CA THR L 101 20.13 -41.35 -58.87
C THR L 101 20.70 -42.28 -57.79
N SER L 102 20.42 -43.59 -57.90
CA SER L 102 20.87 -44.65 -56.98
C SER L 102 22.24 -45.25 -57.37
N LYS L 103 22.64 -46.33 -56.67
CA LYS L 103 23.84 -47.14 -56.84
C LYS L 103 24.11 -47.48 -58.32
N ASP L 104 23.08 -47.97 -59.04
CA ASP L 104 23.13 -48.38 -60.45
C ASP L 104 22.64 -47.24 -61.41
N ASN L 105 22.89 -45.94 -61.06
CA ASN L 105 22.46 -44.75 -61.84
C ASN L 105 20.96 -44.78 -62.14
N LYS L 106 20.26 -45.72 -61.49
CA LYS L 106 18.83 -45.97 -61.63
C LYS L 106 18.02 -44.80 -61.06
N SER L 107 16.81 -44.69 -61.56
CA SER L 107 15.93 -43.63 -61.15
C SER L 107 15.62 -43.64 -59.62
N VAL L 108 15.39 -42.42 -59.04
CA VAL L 108 14.90 -42.32 -57.66
C VAL L 108 13.42 -41.84 -57.64
N TYR L 109 12.55 -42.70 -57.09
CA TYR L 109 11.12 -42.41 -56.93
C TYR L 109 10.73 -42.39 -55.47
N PHE L 110 9.66 -41.65 -55.13
CA PHE L 110 9.16 -41.61 -53.76
C PHE L 110 8.55 -42.93 -53.37
N ASP L 111 8.97 -43.44 -52.21
CA ASP L 111 8.48 -44.69 -51.66
C ASP L 111 7.07 -44.53 -51.13
N ARG L 112 6.80 -43.44 -50.42
CA ARG L 112 5.50 -43.09 -49.85
C ARG L 112 5.19 -41.61 -50.11
N VAL L 113 3.89 -41.25 -50.26
CA VAL L 113 3.41 -39.90 -50.43
C VAL L 113 2.21 -39.75 -49.46
N PHE L 114 2.10 -38.59 -48.77
CA PHE L 114 1.04 -38.37 -47.80
C PHE L 114 0.41 -37.03 -47.94
N THR L 115 -0.92 -36.98 -47.81
CA THR L 115 -1.57 -35.67 -47.84
C THR L 115 -2.21 -35.43 -46.46
N ILE L 116 -1.75 -34.37 -45.79
CA ILE L 116 -2.30 -33.94 -44.51
C ILE L 116 -3.22 -32.76 -44.86
N SER L 117 -4.50 -32.87 -44.52
CA SER L 117 -5.52 -31.90 -44.85
C SER L 117 -6.41 -31.59 -43.65
N GLU L 118 -6.98 -30.41 -43.61
CA GLU L 118 -7.87 -30.01 -42.54
C GLU L 118 -9.21 -30.74 -42.69
N THR L 119 -9.86 -31.01 -41.55
CA THR L 119 -11.15 -31.69 -41.51
C THR L 119 -12.20 -30.72 -41.99
N ALA L 120 -13.31 -31.23 -42.56
CA ALA L 120 -14.35 -30.34 -43.06
C ALA L 120 -15.06 -29.68 -41.91
N ARG L 121 -15.10 -28.35 -41.93
CA ARG L 121 -15.76 -27.49 -40.95
C ARG L 121 -16.67 -26.51 -41.69
N ILE L 122 -17.61 -25.89 -40.99
CA ILE L 122 -18.44 -24.90 -41.63
C ILE L 122 -18.13 -23.53 -41.06
N PRO L 123 -17.07 -22.87 -41.62
CA PRO L 123 -16.61 -21.59 -41.10
C PRO L 123 -17.66 -20.49 -41.01
N ARG M 8 34.58 10.70 -56.71
CA ARG M 8 33.23 10.82 -56.15
C ARG M 8 32.47 9.48 -56.29
N SER M 9 32.77 8.51 -55.38
CA SER M 9 32.12 7.18 -55.35
C SER M 9 32.15 6.51 -53.96
N ILE M 10 30.94 6.32 -53.34
CA ILE M 10 30.81 5.68 -52.03
C ILE M 10 30.93 4.15 -52.20
N ALA M 11 31.89 3.54 -51.50
CA ALA M 11 32.11 2.10 -51.59
C ALA M 11 31.22 1.33 -50.63
N ILE M 12 30.63 0.22 -51.11
CA ILE M 12 29.79 -0.64 -50.27
C ILE M 12 30.70 -1.66 -49.64
N ASP M 13 31.01 -1.44 -48.34
CA ASP M 13 31.91 -2.28 -47.55
C ASP M 13 31.27 -3.60 -47.18
N SER M 14 29.99 -3.58 -46.79
CA SER M 14 29.19 -4.73 -46.40
C SER M 14 27.68 -4.46 -46.56
N TYR M 15 26.92 -5.49 -46.88
CA TYR M 15 25.46 -5.43 -47.03
C TYR M 15 24.81 -6.53 -46.21
N GLN M 16 23.88 -6.16 -45.34
CA GLN M 16 23.20 -7.10 -44.45
C GLN M 16 21.74 -7.25 -44.82
N GLU M 17 21.36 -8.43 -45.36
CA GLU M 17 19.99 -8.69 -45.80
C GLU M 17 19.09 -9.25 -44.71
N ASP M 18 19.65 -9.95 -43.72
CA ASP M 18 18.87 -10.53 -42.62
C ASP M 18 18.44 -9.46 -41.57
N PRO M 19 17.35 -9.67 -40.77
CA PRO M 19 16.95 -8.64 -39.78
C PRO M 19 18.01 -8.31 -38.77
N SER M 20 18.20 -7.01 -38.47
CA SER M 20 19.14 -6.53 -37.45
C SER M 20 18.46 -5.40 -36.71
N VAL M 21 18.33 -4.25 -37.38
CA VAL M 21 17.70 -3.04 -36.83
C VAL M 21 16.27 -2.84 -37.32
N VAL M 22 15.50 -2.00 -36.65
CA VAL M 22 14.12 -1.64 -37.00
C VAL M 22 13.99 -0.10 -36.96
N VAL M 23 13.38 0.48 -38.00
CA VAL M 23 13.14 1.91 -38.03
C VAL M 23 11.67 2.08 -37.63
N SER M 24 11.45 2.66 -36.45
CA SER M 24 10.09 2.87 -35.97
C SER M 24 9.60 4.26 -36.36
N ASN M 25 8.33 4.37 -36.70
CA ASN M 25 7.74 5.65 -37.04
C ASN M 25 6.60 5.96 -36.10
N PHE M 26 6.82 6.93 -35.21
CA PHE M 26 5.78 7.40 -34.31
C PHE M 26 5.25 8.73 -34.82
N PHE M 27 5.63 9.82 -34.17
CA PHE M 27 5.25 11.20 -34.47
C PHE M 27 6.45 12.07 -34.20
N LYS M 28 6.46 13.32 -34.71
CA LYS M 28 7.59 14.25 -34.51
C LYS M 28 7.71 14.61 -33.05
N GLY M 29 8.93 14.40 -32.53
CA GLY M 29 9.29 14.70 -31.14
C GLY M 29 9.06 13.56 -30.16
N VAL M 30 8.89 12.33 -30.69
CA VAL M 30 8.67 11.11 -29.90
C VAL M 30 9.78 10.87 -28.87
N ARG M 31 9.38 10.51 -27.63
CA ARG M 31 10.35 10.17 -26.60
C ARG M 31 10.12 8.73 -26.12
N VAL M 32 11.09 7.86 -26.41
CA VAL M 32 11.03 6.48 -25.96
C VAL M 32 12.11 6.30 -24.88
N PRO M 33 11.73 5.90 -23.63
CA PRO M 33 12.74 5.73 -22.56
C PRO M 33 13.85 4.75 -22.95
N LYS M 34 15.12 5.09 -22.69
CA LYS M 34 16.29 4.29 -23.06
C LYS M 34 16.20 2.77 -22.64
N ASP M 35 15.55 2.51 -21.51
CA ASP M 35 15.33 1.19 -20.90
C ASP M 35 14.30 0.31 -21.63
N THR M 36 13.32 0.91 -22.35
CA THR M 36 12.26 0.19 -23.09
C THR M 36 12.82 -0.91 -23.99
N GLU M 37 12.30 -2.13 -23.81
CA GLU M 37 12.70 -3.34 -24.56
C GLU M 37 11.62 -3.74 -25.58
N PHE M 38 12.01 -4.00 -26.82
CA PHE M 38 11.11 -4.36 -27.92
C PHE M 38 11.45 -5.73 -28.48
N GLN M 39 10.46 -6.38 -29.15
CA GLN M 39 10.60 -7.67 -29.89
C GLN M 39 10.05 -7.49 -31.27
N LEU M 40 10.65 -8.18 -32.24
CA LEU M 40 10.28 -8.13 -33.65
C LEU M 40 9.72 -9.49 -34.07
N TYR M 41 8.60 -9.47 -34.78
CA TYR M 41 7.92 -10.69 -35.26
C TYR M 41 7.78 -10.61 -36.78
N LYS M 42 8.08 -11.70 -37.47
CA LYS M 42 8.03 -11.77 -38.93
C LYS M 42 6.92 -12.69 -39.39
N LYS M 43 6.14 -12.24 -40.40
CA LYS M 43 5.02 -13.02 -40.94
C LYS M 43 5.57 -14.19 -41.66
N ARG M 44 4.92 -15.37 -41.47
CA ARG M 44 5.26 -16.61 -42.15
C ARG M 44 5.00 -16.46 -43.65
N LYS M 45 5.98 -16.84 -44.45
CA LYS M 45 5.91 -16.66 -45.89
C LYS M 45 6.46 -17.84 -46.62
N GLN M 46 5.93 -18.03 -47.81
CA GLN M 46 6.40 -19.13 -48.62
C GLN M 46 6.81 -18.54 -49.96
N ASP M 47 7.93 -19.00 -50.46
CA ASP M 47 8.51 -18.46 -51.67
C ASP M 47 7.96 -19.02 -52.99
N GLN M 48 8.15 -18.29 -54.06
CA GLN M 48 7.78 -18.66 -55.42
C GLN M 48 9.09 -18.89 -56.20
N PHE M 49 9.15 -19.95 -57.00
CA PHE M 49 10.36 -20.29 -57.73
C PHE M 49 10.17 -20.55 -59.22
N VAL M 50 11.27 -20.35 -59.96
CA VAL M 50 11.44 -20.67 -61.37
C VAL M 50 12.63 -21.65 -61.47
N LEU M 51 12.44 -22.71 -62.27
CA LEU M 51 13.47 -23.74 -62.50
C LEU M 51 13.86 -23.80 -63.96
N HIS M 52 15.17 -23.71 -64.24
CA HIS M 52 15.70 -23.85 -65.60
C HIS M 52 16.83 -24.89 -65.64
N GLY M 53 16.80 -25.73 -66.66
CA GLY M 53 17.81 -26.77 -66.91
C GLY M 53 18.14 -26.87 -68.39
N GLU M 54 19.35 -27.31 -68.71
CA GLU M 54 19.80 -27.42 -70.11
C GLU M 54 20.59 -28.69 -70.43
N ASN M 55 20.52 -29.11 -71.68
CA ASN M 55 21.21 -30.27 -72.21
C ASN M 55 21.94 -29.88 -73.48
N GLU M 56 22.21 -30.91 -74.27
CA GLU M 56 22.82 -30.86 -75.59
C GLU M 56 21.68 -30.67 -76.60
N ARG M 57 20.58 -31.46 -76.43
CA ARG M 57 19.36 -31.49 -77.25
C ARG M 57 18.11 -30.84 -76.60
N LEU M 58 18.11 -30.61 -75.25
CA LEU M 58 16.88 -30.16 -74.58
C LEU M 58 17.01 -29.08 -73.56
N GLU M 59 15.92 -28.30 -73.40
CA GLU M 59 15.75 -27.22 -72.42
C GLU M 59 14.60 -27.61 -71.49
N TYR M 60 14.80 -27.41 -70.18
CA TYR M 60 13.85 -27.73 -69.11
C TYR M 60 13.45 -26.44 -68.41
N ASP M 61 12.14 -26.13 -68.40
CA ASP M 61 11.61 -24.90 -67.80
C ASP M 61 10.35 -25.12 -66.98
N GLY M 62 10.37 -24.68 -65.72
CA GLY M 62 9.25 -24.83 -64.80
C GLY M 62 9.10 -23.76 -63.72
N GLU M 63 7.92 -23.69 -63.11
CA GLU M 63 7.57 -22.70 -62.09
C GLU M 63 6.64 -23.29 -61.02
N THR M 64 6.52 -22.57 -59.89
CA THR M 64 5.61 -22.96 -58.80
C THR M 64 4.23 -22.42 -59.16
N ASP M 65 3.17 -22.89 -58.48
CA ASP M 65 1.83 -22.32 -58.67
C ASP M 65 1.60 -21.33 -57.48
N GLU M 66 1.32 -20.04 -57.81
CA GLU M 66 1.10 -18.98 -56.83
C GLU M 66 0.14 -19.34 -55.69
N LEU M 67 -1.04 -19.90 -56.04
CA LEU M 67 -2.05 -20.29 -55.06
C LEU M 67 -1.58 -21.42 -54.14
N THR M 68 -0.95 -22.46 -54.73
CA THR M 68 -0.43 -23.61 -53.99
C THR M 68 0.55 -23.15 -52.92
N THR M 69 1.44 -22.19 -53.28
CA THR M 69 2.44 -21.64 -52.34
C THR M 69 1.80 -20.95 -51.14
N LYS M 70 0.55 -20.50 -51.29
CA LYS M 70 -0.21 -19.84 -50.23
C LYS M 70 -0.99 -20.81 -49.37
N THR M 71 -1.45 -21.93 -49.96
CA THR M 71 -2.29 -22.93 -49.29
C THR M 71 -1.54 -24.09 -48.72
N ASN M 72 -0.54 -24.60 -49.45
CA ASN M 72 0.18 -25.80 -49.02
C ASN M 72 1.69 -25.70 -49.02
N GLN M 73 2.32 -26.55 -48.20
CA GLN M 73 3.74 -26.76 -48.14
C GLN M 73 4.06 -28.22 -48.41
N TYR M 74 5.14 -28.48 -49.15
CA TYR M 74 5.64 -29.82 -49.48
C TYR M 74 6.92 -30.12 -48.73
N MSE M 75 7.07 -31.34 -48.31
CA MSE M 75 8.28 -31.80 -47.58
C MSE M 75 8.84 -33.04 -48.22
O MSE M 75 8.09 -33.97 -48.51
CB MSE M 75 7.91 -32.25 -46.16
CG MSE M 75 6.82 -31.47 -45.49
SE MSE M 75 7.68 -30.55 -44.08
CE MSE M 75 7.92 -28.80 -45.00
N VAL M 76 10.15 -33.10 -48.34
CA VAL M 76 10.84 -34.31 -48.77
C VAL M 76 11.43 -34.84 -47.48
N GLY M 77 11.20 -36.11 -47.21
CA GLY M 77 11.65 -36.75 -45.98
C GLY M 77 12.47 -37.98 -46.19
N LEU M 78 13.43 -38.18 -45.29
CA LEU M 78 14.25 -39.40 -45.23
C LEU M 78 13.87 -40.12 -43.97
N TYR M 79 13.07 -41.19 -44.12
CA TYR M 79 12.51 -41.98 -43.03
C TYR M 79 13.28 -43.26 -42.84
N ASP M 80 13.55 -43.56 -41.56
CA ASP M 80 14.26 -44.75 -41.12
C ASP M 80 13.25 -45.71 -40.47
N LYS M 81 12.85 -46.78 -41.22
CA LYS M 81 11.91 -47.83 -40.80
C LYS M 81 12.26 -48.34 -39.40
N GLN M 82 13.55 -48.65 -39.20
CA GLN M 82 14.12 -49.19 -37.96
C GLN M 82 14.11 -48.24 -36.79
N SER M 83 14.78 -47.06 -36.91
CA SER M 83 14.85 -46.09 -35.81
C SER M 83 13.56 -45.28 -35.54
N GLY M 84 12.67 -45.22 -36.55
CA GLY M 84 11.42 -44.47 -36.48
C GLY M 84 11.71 -42.99 -36.44
N LYS M 85 12.72 -42.57 -37.21
CA LYS M 85 13.15 -41.18 -37.29
C LYS M 85 13.01 -40.66 -38.71
N ILE M 86 12.63 -39.38 -38.84
CA ILE M 86 12.51 -38.69 -40.13
C ILE M 86 13.36 -37.40 -40.15
N ASN M 87 13.94 -37.09 -41.31
CA ASN M 87 14.70 -35.86 -41.58
C ASN M 87 13.91 -35.10 -42.67
N LEU M 88 13.33 -33.95 -42.32
CA LEU M 88 12.48 -33.19 -43.24
C LEU M 88 13.18 -32.06 -43.95
N TYR M 89 12.81 -31.85 -45.21
CA TYR M 89 13.36 -30.82 -46.07
C TYR M 89 12.23 -30.15 -46.81
N ARG M 90 12.03 -28.84 -46.57
CA ARG M 90 10.98 -28.08 -47.27
C ARG M 90 11.37 -27.95 -48.73
N ALA M 91 10.42 -28.17 -49.63
CA ALA M 91 10.71 -28.15 -51.04
C ALA M 91 9.65 -27.48 -51.90
N PRO M 92 10.08 -26.68 -52.92
CA PRO M 92 9.12 -26.21 -53.92
C PRO M 92 8.67 -27.37 -54.85
N VAL M 93 7.45 -27.31 -55.33
CA VAL M 93 6.96 -28.19 -56.35
C VAL M 93 6.78 -27.37 -57.63
N VAL M 94 7.61 -27.67 -58.60
CA VAL M 94 7.63 -26.96 -59.84
C VAL M 94 7.02 -27.83 -60.99
N THR M 95 6.02 -27.29 -61.75
CA THR M 95 5.53 -28.05 -62.90
C THR M 95 6.33 -27.60 -64.12
N SER M 96 7.08 -28.55 -64.71
CA SER M 96 8.02 -28.27 -65.79
C SER M 96 7.67 -28.83 -67.16
N LYS M 97 8.24 -28.17 -68.19
CA LYS M 97 8.09 -28.51 -69.60
C LYS M 97 9.45 -28.78 -70.25
N ILE M 98 9.48 -29.73 -71.20
CA ILE M 98 10.71 -30.06 -71.94
C ILE M 98 10.48 -29.60 -73.39
N VAL M 99 11.46 -28.88 -73.91
CA VAL M 99 11.44 -28.29 -75.26
C VAL M 99 12.81 -28.58 -75.94
N SER M 100 12.79 -29.00 -77.21
CA SER M 100 14.00 -29.22 -78.02
C SER M 100 14.62 -27.84 -78.39
N LYS M 101 15.97 -27.76 -78.55
CA LYS M 101 16.61 -26.48 -78.90
C LYS M 101 16.90 -26.29 -80.39
N GLY N 4 0.24 -11.18 -20.65
CA GLY N 4 1.41 -11.07 -21.51
C GLY N 4 1.07 -10.99 -23.00
N TYR N 5 1.82 -10.14 -23.74
CA TYR N 5 1.66 -9.91 -25.17
C TYR N 5 1.79 -11.17 -26.00
N GLN N 6 0.91 -11.31 -27.00
CA GLN N 6 0.92 -12.42 -27.96
C GLN N 6 0.82 -11.87 -29.40
N PRO N 7 1.81 -12.16 -30.29
CA PRO N 7 1.75 -11.63 -31.67
C PRO N 7 0.62 -12.25 -32.51
N PRO N 8 0.32 -11.71 -33.67
CA PRO N 8 -0.66 -12.36 -34.55
C PRO N 8 -0.42 -13.87 -34.67
N SER N 9 -1.48 -14.63 -34.90
CA SER N 9 -1.42 -16.09 -35.03
C SER N 9 -0.39 -16.68 -35.99
N ASP N 10 0.00 -15.91 -37.03
CA ASP N 10 0.91 -16.35 -38.09
C ASP N 10 2.26 -15.60 -38.13
N TYR N 11 2.62 -14.98 -37.00
CA TYR N 11 3.87 -14.22 -36.85
C TYR N 11 4.77 -14.94 -35.84
N LYS N 12 6.04 -15.04 -36.19
CA LYS N 12 7.03 -15.73 -35.39
C LYS N 12 8.11 -14.75 -35.03
N GLN N 13 8.53 -14.75 -33.77
CA GLN N 13 9.55 -13.85 -33.24
C GLN N 13 10.91 -14.02 -33.89
N CYS N 14 11.61 -12.91 -34.09
CA CYS N 14 12.96 -12.92 -34.63
C CYS N 14 13.87 -13.02 -33.39
N LYS N 15 14.46 -14.20 -33.18
CA LYS N 15 15.28 -14.53 -32.01
C LYS N 15 16.81 -14.53 -32.24
N HIS N 16 17.24 -14.42 -33.52
CA HIS N 16 18.66 -14.41 -33.88
C HIS N 16 19.00 -13.17 -34.71
N LEU N 17 18.75 -11.98 -34.11
CA LEU N 17 19.00 -10.70 -34.77
C LEU N 17 20.48 -10.51 -34.98
N LYS N 18 20.87 -10.11 -36.21
CA LYS N 18 22.27 -9.89 -36.57
C LYS N 18 22.82 -8.63 -35.91
N SER N 19 24.14 -8.55 -35.80
CA SER N 19 24.83 -7.48 -35.11
C SER N 19 24.88 -6.19 -35.91
N PHE N 20 24.79 -5.07 -35.17
CA PHE N 20 24.89 -3.70 -35.63
C PHE N 20 25.90 -2.97 -34.74
N PRO N 21 26.96 -2.34 -35.31
CA PRO N 21 27.98 -1.70 -34.45
C PRO N 21 27.55 -0.40 -33.79
N VAL N 22 26.93 -0.55 -32.62
CA VAL N 22 26.39 0.48 -31.73
C VAL N 22 27.44 1.57 -31.48
N SER N 23 28.68 1.15 -31.16
CA SER N 23 29.83 1.99 -30.85
C SER N 23 30.18 3.00 -31.95
N GLU N 24 30.08 2.59 -33.24
CA GLU N 24 30.40 3.43 -34.40
C GLU N 24 29.50 4.67 -34.53
N LEU N 25 28.32 4.64 -33.85
CA LEU N 25 27.28 5.68 -33.78
C LEU N 25 27.74 6.95 -33.02
N LYS N 26 28.57 6.77 -31.97
CA LYS N 26 29.09 7.77 -31.03
C LYS N 26 30.24 8.62 -31.56
N GLY N 27 31.12 8.01 -32.35
CA GLY N 27 32.30 8.65 -32.93
C GLY N 27 32.02 9.65 -34.04
N ASP N 28 32.79 10.77 -34.02
CA ASP N 28 32.78 11.92 -34.96
C ASP N 28 32.92 11.48 -36.44
N ASN N 29 33.80 10.48 -36.70
CA ASN N 29 34.14 9.89 -37.99
C ASN N 29 32.95 9.38 -38.84
N LYS N 30 31.87 8.95 -38.18
CA LYS N 30 30.74 8.36 -38.91
C LYS N 30 29.38 9.11 -38.97
N GLU N 31 28.64 8.86 -40.09
CA GLU N 31 27.30 9.41 -40.39
C GLU N 31 26.27 8.26 -40.46
N LEU N 32 25.09 8.47 -39.85
CA LEU N 32 23.96 7.53 -39.87
C LEU N 32 23.00 7.96 -40.99
N TRP N 33 22.78 7.06 -41.96
CA TRP N 33 21.91 7.29 -43.12
C TRP N 33 20.70 6.37 -43.16
N LEU N 34 19.66 6.83 -43.88
CA LEU N 34 18.44 6.08 -44.18
C LEU N 34 18.17 6.17 -45.69
N MSE N 35 17.93 5.05 -46.33
CA MSE N 35 17.68 5.07 -47.76
C MSE N 35 16.40 4.35 -48.08
O MSE N 35 16.19 3.23 -47.65
CB MSE N 35 18.84 4.45 -48.51
CG MSE N 35 20.02 5.39 -48.68
SE MSE N 35 21.78 4.46 -48.66
CE MSE N 35 21.87 3.95 -46.77
N LYS N 36 15.50 5.04 -48.79
CA LYS N 36 14.26 4.50 -49.31
C LYS N 36 14.61 4.25 -50.81
N VAL N 37 14.55 2.97 -51.22
CA VAL N 37 14.99 2.56 -52.56
C VAL N 37 13.92 1.66 -53.18
N PRO N 38 13.75 1.60 -54.51
CA PRO N 38 12.76 0.67 -55.09
C PRO N 38 13.06 -0.78 -54.73
N ALA N 39 12.01 -1.61 -54.48
CA ALA N 39 12.17 -3.02 -54.10
C ALA N 39 12.79 -3.90 -55.21
N ASN N 40 12.63 -3.49 -56.46
CA ASN N 40 13.20 -4.21 -57.59
C ASN N 40 14.75 -4.10 -57.76
N ILE N 41 15.45 -3.27 -56.96
CA ILE N 41 16.90 -3.13 -57.07
C ILE N 41 17.56 -4.17 -56.20
N ASP N 42 18.49 -4.98 -56.78
CA ASP N 42 19.23 -5.94 -55.96
C ASP N 42 20.51 -5.28 -55.44
N ILE N 43 20.46 -4.75 -54.21
CA ILE N 43 21.55 -4.06 -53.52
C ILE N 43 22.80 -4.94 -53.35
N SER N 44 22.61 -6.25 -53.11
CA SER N 44 23.69 -7.21 -52.93
C SER N 44 24.64 -7.30 -54.13
N GLN N 45 24.13 -7.01 -55.34
CA GLN N 45 24.90 -7.06 -56.60
C GLN N 45 25.67 -5.78 -56.85
N LEU N 46 25.38 -4.74 -56.07
CA LEU N 46 26.00 -3.44 -56.19
C LEU N 46 27.31 -3.41 -55.38
N LYS N 47 28.35 -2.80 -55.95
CA LYS N 47 29.67 -2.70 -55.30
C LYS N 47 29.92 -1.27 -54.78
N SER N 48 29.24 -0.29 -55.41
CA SER N 48 29.36 1.13 -55.04
C SER N 48 28.05 1.90 -55.24
N LEU N 49 27.88 2.99 -54.48
CA LEU N 49 26.75 3.90 -54.59
C LEU N 49 27.31 5.25 -55.05
N PRO N 50 27.26 5.62 -56.35
CA PRO N 50 27.83 6.93 -56.75
C PRO N 50 26.90 8.14 -56.44
N LEU N 51 26.38 8.20 -55.19
CA LEU N 51 25.48 9.27 -54.72
C LEU N 51 26.23 10.56 -54.58
N ASP N 52 25.62 11.66 -55.02
CA ASP N 52 26.19 12.98 -54.84
C ASP N 52 25.61 13.49 -53.53
N THR N 53 26.45 13.53 -52.48
CA THR N 53 26.05 13.96 -51.15
C THR N 53 25.79 15.45 -51.04
N ASP N 54 26.26 16.26 -52.02
CA ASP N 54 26.08 17.71 -51.98
C ASP N 54 24.75 18.16 -52.60
N ALA N 55 24.31 17.48 -53.67
CA ALA N 55 23.06 17.76 -54.39
C ALA N 55 21.79 17.42 -53.63
N THR N 56 20.74 18.20 -53.82
CA THR N 56 19.44 17.93 -53.19
C THR N 56 18.67 16.97 -54.11
N VAL N 57 18.73 17.25 -55.41
CA VAL N 57 18.12 16.46 -56.46
C VAL N 57 19.24 16.06 -57.39
N SER N 58 19.41 14.75 -57.63
CA SER N 58 20.44 14.24 -58.50
C SER N 58 19.97 13.03 -59.27
N THR N 59 20.90 12.32 -59.92
CA THR N 59 20.68 11.07 -60.67
C THR N 59 21.77 10.09 -60.23
N VAL N 60 21.46 8.81 -60.14
CA VAL N 60 22.44 7.79 -59.77
C VAL N 60 22.39 6.63 -60.72
N GLU N 61 23.57 6.28 -61.25
CA GLU N 61 23.80 5.17 -62.15
C GLU N 61 24.17 3.95 -61.29
N LEU N 62 23.15 3.18 -60.91
CA LEU N 62 23.39 1.94 -60.17
C LEU N 62 22.90 0.74 -60.94
N GLY N 63 23.83 -0.18 -61.20
CA GLY N 63 23.63 -1.33 -62.06
C GLY N 63 23.68 -0.81 -63.48
N SER N 64 22.83 -1.36 -64.35
CA SER N 64 22.72 -0.89 -65.74
C SER N 64 21.52 0.11 -65.87
N LYS N 65 20.99 0.56 -64.71
CA LYS N 65 19.83 1.45 -64.66
C LYS N 65 20.14 2.81 -64.02
N ASN N 66 19.49 3.88 -64.53
CA ASN N 66 19.61 5.22 -63.97
C ASN N 66 18.28 5.61 -63.24
N PHE N 67 18.40 6.28 -62.07
CA PHE N 67 17.32 6.65 -61.15
C PHE N 67 17.42 8.07 -60.64
N ASN N 68 16.29 8.64 -60.19
CA ASN N 68 16.29 9.96 -59.59
C ASN N 68 16.61 9.83 -58.10
N VAL N 69 17.35 10.78 -57.56
CA VAL N 69 17.71 10.77 -56.13
C VAL N 69 17.29 12.09 -55.50
N LEU N 70 16.62 12.01 -54.34
CA LEU N 70 16.25 13.20 -53.58
C LEU N 70 16.85 13.12 -52.17
N GLN N 71 17.70 14.06 -51.83
CA GLN N 71 18.24 14.10 -50.46
C GLN N 71 17.23 14.90 -49.66
N ASN N 72 16.32 14.17 -48.99
CA ASN N 72 15.18 14.67 -48.21
C ASN N 72 15.58 15.63 -47.16
N THR N 73 16.70 15.33 -46.47
CA THR N 73 17.26 16.11 -45.38
C THR N 73 17.85 17.46 -45.85
N SER N 74 17.83 17.71 -47.18
CA SER N 74 18.31 18.94 -47.78
C SER N 74 17.12 19.85 -48.18
N THR N 75 15.88 19.38 -47.89
CA THR N 75 14.64 20.14 -48.13
C THR N 75 14.08 20.57 -46.76
N GLN N 76 13.43 21.74 -46.67
CA GLN N 76 12.81 22.21 -45.42
C GLN N 76 11.70 21.18 -45.03
N GLU N 77 11.03 20.65 -46.06
CA GLU N 77 9.99 19.62 -46.01
C GLU N 77 10.42 18.34 -45.27
N GLY N 78 11.68 17.91 -45.46
CA GLY N 78 12.22 16.68 -44.86
C GLY N 78 13.45 16.76 -43.98
N SER N 79 13.84 17.94 -43.49
CA SER N 79 15.01 17.97 -42.60
C SER N 79 14.71 17.48 -41.17
N ASP N 80 13.41 17.54 -40.76
CA ASP N 80 12.90 17.04 -39.47
C ASP N 80 12.49 15.59 -39.65
N ASN N 81 13.24 14.68 -39.00
CA ASN N 81 12.98 13.21 -39.04
C ASN N 81 12.93 12.66 -37.62
N THR N 82 12.54 13.53 -36.67
CA THR N 82 12.42 13.23 -35.25
C THR N 82 11.23 12.29 -34.94
N ASN N 83 10.52 11.88 -35.98
CA ASN N 83 9.41 10.94 -35.90
C ASN N 83 9.95 9.50 -35.99
N LEU N 84 11.20 9.36 -36.46
CA LEU N 84 11.89 8.10 -36.69
C LEU N 84 12.86 7.74 -35.56
N SER N 85 12.61 6.63 -34.87
CA SER N 85 13.53 6.07 -33.88
C SER N 85 14.13 4.74 -34.35
N LEU N 86 15.45 4.60 -34.29
CA LEU N 86 16.20 3.38 -34.69
C LEU N 86 16.32 2.46 -33.47
N LEU N 87 15.80 1.24 -33.61
CA LEU N 87 15.87 0.25 -32.54
C LEU N 87 16.98 -0.75 -32.91
N ILE N 88 17.88 -0.99 -31.97
CA ILE N 88 19.04 -1.86 -32.20
C ILE N 88 19.01 -3.09 -31.28
N PRO N 89 19.52 -4.27 -31.73
CA PRO N 89 19.54 -5.44 -30.82
C PRO N 89 20.61 -5.31 -29.75
N SER N 90 20.25 -5.55 -28.47
CA SER N 90 21.18 -5.48 -27.34
C SER N 90 22.28 -6.54 -27.39
N GLU N 91 23.45 -6.22 -26.78
CA GLU N 91 24.62 -7.13 -26.74
C GLU N 91 24.35 -8.41 -25.91
N LYS N 92 23.72 -8.23 -24.74
CA LYS N 92 23.32 -9.25 -23.76
C LYS N 92 22.36 -10.35 -24.29
N LYS N 93 21.42 -10.00 -25.20
CA LYS N 93 20.39 -10.88 -25.77
C LYS N 93 20.01 -10.45 -27.19
N LYS N 94 19.99 -11.39 -28.17
CA LYS N 94 19.66 -11.05 -29.57
C LYS N 94 18.18 -11.27 -29.98
N GLU N 95 17.27 -11.28 -28.98
CA GLU N 95 15.83 -11.40 -29.21
C GLU N 95 15.10 -10.08 -28.92
N THR N 96 15.70 -9.20 -28.10
CA THR N 96 15.11 -7.91 -27.73
C THR N 96 15.86 -6.69 -28.30
N LEU N 97 15.12 -5.63 -28.62
CA LEU N 97 15.67 -4.40 -29.16
C LEU N 97 15.46 -3.23 -28.18
N LYS N 98 16.34 -2.24 -28.23
CA LYS N 98 16.28 -1.02 -27.42
C LYS N 98 16.54 0.17 -28.34
N VAL N 99 16.11 1.40 -27.95
CA VAL N 99 16.33 2.60 -28.75
C VAL N 99 17.81 2.98 -28.74
N ALA N 100 18.37 3.24 -29.95
CA ALA N 100 19.75 3.71 -30.12
C ALA N 100 19.91 5.08 -29.45
N THR N 101 20.90 5.17 -28.56
CA THR N 101 21.30 6.37 -27.83
C THR N 101 22.79 6.68 -28.10
N SER N 102 23.11 7.98 -28.23
CA SER N 102 24.41 8.55 -28.58
C SER N 102 25.40 8.59 -27.38
N LYS N 103 26.67 9.00 -27.67
CA LYS N 103 27.75 9.18 -26.71
C LYS N 103 27.28 9.89 -25.42
N ASP N 104 26.47 10.96 -25.61
CA ASP N 104 25.84 11.79 -24.56
C ASP N 104 24.59 11.14 -23.92
N ASN N 105 24.20 9.93 -24.40
CA ASN N 105 23.02 9.15 -23.99
C ASN N 105 21.65 9.67 -24.47
N LYS N 106 21.67 10.75 -25.31
CA LYS N 106 20.51 11.40 -25.95
C LYS N 106 20.00 10.56 -27.16
N SER N 107 18.80 10.86 -27.69
CA SER N 107 18.26 10.13 -28.85
C SER N 107 19.08 10.29 -30.15
N VAL N 108 19.07 9.23 -31.02
CA VAL N 108 19.84 9.21 -32.27
C VAL N 108 18.93 9.46 -33.47
N TYR N 109 19.30 10.44 -34.28
CA TYR N 109 18.59 10.85 -35.50
C TYR N 109 19.47 10.65 -36.74
N PHE N 110 18.83 10.41 -37.89
CA PHE N 110 19.55 10.19 -39.14
C PHE N 110 20.20 11.47 -39.57
N ASP N 111 21.47 11.39 -39.94
CA ASP N 111 22.24 12.54 -40.40
C ASP N 111 21.82 12.93 -41.82
N ARG N 112 21.57 11.91 -42.68
CA ARG N 112 21.15 12.08 -44.07
C ARG N 112 20.07 11.08 -44.41
N VAL N 113 19.06 11.51 -45.23
CA VAL N 113 17.94 10.66 -45.73
C VAL N 113 17.86 10.81 -47.25
N PHE N 114 17.87 9.67 -47.97
CA PHE N 114 17.80 9.66 -49.44
C PHE N 114 16.63 8.89 -49.96
N THR N 115 16.07 9.35 -51.07
CA THR N 115 15.02 8.61 -51.74
C THR N 115 15.47 8.38 -53.16
N ILE N 116 15.61 7.09 -53.51
CA ILE N 116 15.96 6.66 -54.85
C ILE N 116 14.65 6.18 -55.48
N SER N 117 14.21 6.76 -56.58
CA SER N 117 12.99 6.32 -57.25
C SER N 117 13.18 6.40 -58.72
N GLU N 118 12.41 5.59 -59.42
CA GLU N 118 12.43 5.50 -60.88
C GLU N 118 11.76 6.77 -61.43
N THR N 119 11.95 7.07 -62.73
CA THR N 119 11.43 8.29 -63.36
C THR N 119 9.97 8.01 -63.71
N ALA N 120 9.05 8.93 -63.35
CA ALA N 120 7.64 8.68 -63.55
C ALA N 120 7.23 8.71 -64.96
N ARG N 121 6.71 7.56 -65.39
CA ARG N 121 6.23 7.32 -66.76
C ARG N 121 4.69 7.31 -66.83
N ILE N 122 4.12 7.61 -68.00
CA ILE N 122 2.70 7.44 -68.28
C ILE N 122 2.56 6.07 -68.96
N PRO N 123 2.43 5.00 -68.11
CA PRO N 123 2.46 3.65 -68.65
C PRO N 123 1.21 3.26 -69.35
N ARG O 8 26.71 25.51 12.44
CA ARG O 8 26.18 24.19 12.10
C ARG O 8 26.55 23.09 13.14
N SER O 9 26.01 21.87 12.97
CA SER O 9 26.19 20.63 13.75
C SER O 9 25.74 19.47 12.87
N ILE O 10 26.60 18.43 12.65
CA ILE O 10 26.23 17.28 11.79
C ILE O 10 25.24 16.36 12.52
N ALA O 11 24.01 16.20 11.97
CA ALA O 11 22.98 15.36 12.58
C ALA O 11 23.13 13.93 12.17
N ILE O 12 23.02 13.01 13.14
CA ILE O 12 23.07 11.58 12.86
C ILE O 12 21.64 11.12 12.57
N ASP O 13 21.34 10.95 11.26
CA ASP O 13 20.04 10.52 10.76
C ASP O 13 19.82 9.04 11.01
N SER O 14 20.87 8.22 10.78
CA SER O 14 20.85 6.78 10.95
C SER O 14 22.26 6.25 11.19
N TYR O 15 22.35 5.19 12.01
CA TYR O 15 23.59 4.49 12.31
C TYR O 15 23.28 3.00 12.22
N GLN O 16 24.01 2.32 11.32
CA GLN O 16 23.84 0.90 11.10
C GLN O 16 25.03 0.15 11.70
N GLU O 17 24.77 -0.67 12.74
CA GLU O 17 25.80 -1.42 13.44
C GLU O 17 26.09 -2.78 12.81
N ASP O 18 25.08 -3.41 12.17
CA ASP O 18 25.19 -4.71 11.49
C ASP O 18 25.89 -4.61 10.11
N PRO O 19 26.57 -5.67 9.59
CA PRO O 19 27.27 -5.55 8.29
C PRO O 19 26.40 -5.14 7.12
N SER O 20 26.94 -4.20 6.31
CA SER O 20 26.33 -3.64 5.11
C SER O 20 27.42 -3.47 4.06
N VAL O 21 28.33 -2.51 4.26
CA VAL O 21 29.44 -2.22 3.34
C VAL O 21 30.77 -2.77 3.84
N VAL O 22 31.75 -2.86 2.91
CA VAL O 22 33.11 -3.32 3.18
C VAL O 22 34.09 -2.37 2.53
N VAL O 23 35.14 -1.96 3.26
CA VAL O 23 36.16 -1.10 2.71
C VAL O 23 37.35 -2.04 2.45
N SER O 24 37.65 -2.26 1.16
CA SER O 24 38.78 -3.13 0.81
C SER O 24 40.00 -2.29 0.54
N ASN O 25 41.16 -2.79 0.94
CA ASN O 25 42.41 -2.08 0.73
C ASN O 25 43.35 -2.91 -0.15
N PHE O 26 43.56 -2.47 -1.39
CA PHE O 26 44.46 -3.14 -2.32
C PHE O 26 45.75 -2.29 -2.43
N PHE O 27 45.93 -1.63 -3.57
CA PHE O 27 47.06 -0.76 -3.87
C PHE O 27 46.53 0.46 -4.61
N LYS O 28 47.33 1.55 -4.65
CA LYS O 28 46.93 2.79 -5.33
C LYS O 28 46.74 2.55 -6.82
N GLY O 29 45.56 2.93 -7.33
CA GLY O 29 45.19 2.78 -8.74
C GLY O 29 44.57 1.46 -9.12
N VAL O 30 44.12 0.67 -8.13
CA VAL O 30 43.49 -0.62 -8.35
C VAL O 30 42.29 -0.53 -9.31
N ARG O 31 42.13 -1.56 -10.14
CA ARG O 31 41.02 -1.64 -11.08
C ARG O 31 40.30 -2.98 -10.87
N VAL O 32 39.06 -2.91 -10.39
CA VAL O 32 38.28 -4.13 -10.16
C VAL O 32 37.14 -4.16 -11.18
N PRO O 33 37.06 -5.21 -12.04
CA PRO O 33 35.98 -5.26 -13.05
C PRO O 33 34.60 -5.21 -12.43
N LYS O 34 33.67 -4.43 -13.04
CA LYS O 34 32.30 -4.24 -12.55
C LYS O 34 31.49 -5.51 -12.30
N ASP O 35 31.81 -6.59 -13.05
CA ASP O 35 31.19 -7.92 -12.95
C ASP O 35 31.62 -8.73 -11.73
N THR O 36 32.82 -8.42 -11.15
CA THR O 36 33.37 -9.13 -9.98
C THR O 36 32.41 -9.18 -8.80
N GLU O 37 32.13 -10.41 -8.34
CA GLU O 37 31.25 -10.73 -7.22
C GLU O 37 32.07 -11.17 -6.00
N PHE O 38 31.77 -10.58 -4.82
CA PHE O 38 32.45 -10.85 -3.56
C PHE O 38 31.48 -11.39 -2.52
N GLN O 39 32.02 -12.14 -1.54
CA GLN O 39 31.28 -12.66 -0.39
C GLN O 39 32.01 -12.24 0.88
N LEU O 40 31.26 -12.00 1.96
CA LEU O 40 31.80 -11.61 3.25
C LEU O 40 31.57 -12.72 4.25
N TYR O 41 32.58 -13.02 5.06
CA TYR O 41 32.54 -14.08 6.07
C TYR O 41 32.94 -13.48 7.40
N LYS O 42 32.17 -13.78 8.46
CA LYS O 42 32.37 -13.28 9.81
C LYS O 42 32.87 -14.40 10.73
N LYS O 43 33.88 -14.12 11.57
CA LYS O 43 34.42 -15.05 12.54
C LYS O 43 33.37 -15.24 13.64
N ARG O 44 33.11 -16.49 14.01
CA ARG O 44 32.15 -16.80 15.07
C ARG O 44 32.77 -16.36 16.37
N LYS O 45 32.24 -15.25 16.91
CA LYS O 45 32.63 -14.63 18.16
C LYS O 45 31.37 -14.37 18.95
N GLN O 46 31.14 -15.22 19.98
CA GLN O 46 30.00 -15.20 20.91
C GLN O 46 30.07 -14.08 21.98
N ASP O 47 28.92 -13.41 22.21
CA ASP O 47 28.78 -12.28 23.11
C ASP O 47 28.83 -12.59 24.61
N GLN O 48 29.25 -11.59 25.38
CA GLN O 48 29.33 -11.62 26.83
C GLN O 48 28.26 -10.64 27.35
N PHE O 49 27.56 -11.02 28.40
CA PHE O 49 26.47 -10.18 28.94
C PHE O 49 26.55 -9.90 30.41
N VAL O 50 25.96 -8.77 30.80
CA VAL O 50 25.71 -8.38 32.20
C VAL O 50 24.20 -8.20 32.35
N LEU O 51 23.65 -8.74 33.45
CA LEU O 51 22.23 -8.67 33.76
C LEU O 51 22.01 -7.90 35.04
N HIS O 52 21.16 -6.85 34.99
CA HIS O 52 20.78 -6.07 36.14
C HIS O 52 19.28 -6.04 36.32
N GLY O 53 18.86 -6.27 37.56
CA GLY O 53 17.47 -6.26 37.92
C GLY O 53 17.23 -5.51 39.20
N GLU O 54 16.06 -4.84 39.29
CA GLU O 54 15.69 -4.08 40.46
C GLU O 54 14.25 -4.33 40.82
N ASN O 55 14.07 -4.61 42.09
CA ASN O 55 12.79 -4.82 42.74
C ASN O 55 12.62 -3.48 43.51
N GLU O 56 11.71 -3.45 44.49
CA GLU O 56 11.44 -2.33 45.41
C GLU O 56 12.34 -2.48 46.64
N ARG O 57 12.56 -3.77 47.05
CA ARG O 57 13.36 -4.25 48.20
C ARG O 57 14.77 -4.70 47.80
N LEU O 58 14.89 -5.44 46.66
CA LEU O 58 16.15 -6.07 46.24
C LEU O 58 16.80 -5.59 44.91
N GLU O 59 18.07 -5.97 44.73
CA GLU O 59 18.86 -5.73 43.52
C GLU O 59 19.40 -7.07 43.02
N TYR O 60 19.30 -7.30 41.71
CA TYR O 60 19.73 -8.53 41.05
C TYR O 60 20.84 -8.20 40.07
N ASP O 61 22.00 -8.87 40.21
CA ASP O 61 23.19 -8.63 39.38
C ASP O 61 23.92 -9.90 38.98
N GLY O 62 24.13 -10.08 37.68
CA GLY O 62 24.79 -11.26 37.13
C GLY O 62 25.53 -11.08 35.82
N GLU O 63 26.41 -12.05 35.48
CA GLU O 63 27.22 -12.03 34.27
C GLU O 63 27.42 -13.41 33.65
N THR O 64 27.81 -13.44 32.37
CA THR O 64 28.14 -14.70 31.66
C THR O 64 29.60 -15.05 32.09
N ASP O 65 30.01 -16.32 31.96
CA ASP O 65 31.40 -16.71 32.26
C ASP O 65 32.20 -16.60 30.95
N GLU O 66 33.28 -15.78 30.95
CA GLU O 66 34.13 -15.52 29.80
C GLU O 66 34.58 -16.80 29.03
N LEU O 67 35.10 -17.81 29.78
CA LEU O 67 35.54 -19.08 29.19
C LEU O 67 34.40 -19.89 28.58
N THR O 68 33.24 -19.97 29.28
CA THR O 68 32.06 -20.70 28.83
C THR O 68 31.58 -20.14 27.50
N THR O 69 31.58 -18.80 27.39
CA THR O 69 31.25 -17.99 26.21
C THR O 69 32.11 -18.43 24.95
N LYS O 70 33.36 -18.94 25.19
CA LYS O 70 34.31 -19.39 24.19
C LYS O 70 34.15 -20.84 23.83
N THR O 71 33.79 -21.69 24.82
CA THR O 71 33.64 -23.15 24.71
C THR O 71 32.28 -23.63 24.30
N ASN O 72 31.22 -23.05 24.88
CA ASN O 72 29.85 -23.52 24.65
C ASN O 72 28.84 -22.45 24.28
N GLN O 73 27.76 -22.90 23.65
CA GLN O 73 26.59 -22.12 23.37
C GLN O 73 25.37 -22.84 24.03
N TYR O 74 24.43 -22.05 24.56
CA TYR O 74 23.20 -22.56 25.19
C TYR O 74 21.99 -22.26 24.32
N MSE O 75 21.10 -23.21 24.18
CA MSE O 75 19.89 -22.98 23.39
C MSE O 75 18.71 -23.23 24.24
O MSE O 75 18.68 -24.20 25.02
CB MSE O 75 19.73 -23.89 22.19
CG MSE O 75 20.98 -24.65 21.74
SE MSE O 75 21.23 -24.30 19.84
CE MSE O 75 22.19 -22.56 20.11
N VAL O 76 17.72 -22.34 24.13
CA VAL O 76 16.44 -22.58 24.77
C VAL O 76 15.59 -23.14 23.62
N GLY O 77 14.91 -24.23 23.90
CA GLY O 77 14.09 -24.91 22.91
C GLY O 77 12.65 -25.06 23.35
N LEU O 78 11.72 -24.88 22.39
CA LEU O 78 10.31 -25.14 22.57
C LEU O 78 10.02 -26.35 21.70
N TYR O 79 9.86 -27.49 22.36
CA TYR O 79 9.62 -28.77 21.71
C TYR O 79 8.15 -29.14 21.71
N ASP O 80 7.68 -29.68 20.58
CA ASP O 80 6.30 -30.14 20.43
C ASP O 80 6.28 -31.69 20.43
N LYS O 81 5.86 -32.28 21.57
CA LYS O 81 5.73 -33.73 21.82
C LYS O 81 5.00 -34.41 20.64
N GLN O 82 3.87 -33.81 20.21
CA GLN O 82 3.06 -34.32 19.11
C GLN O 82 3.71 -34.27 17.73
N SER O 83 4.11 -33.08 17.26
CA SER O 83 4.69 -32.90 15.93
C SER O 83 6.15 -33.36 15.78
N GLY O 84 6.85 -33.47 16.90
CA GLY O 84 8.26 -33.82 16.91
C GLY O 84 9.13 -32.71 16.34
N LYS O 85 8.73 -31.47 16.58
CA LYS O 85 9.41 -30.30 16.07
C LYS O 85 9.93 -29.43 17.22
N ILE O 86 11.09 -28.81 17.01
CA ILE O 86 11.71 -27.90 18.00
C ILE O 86 11.95 -26.51 17.39
N ASN O 87 11.82 -25.48 18.22
CA ASN O 87 12.13 -24.09 17.88
C ASN O 87 13.29 -23.71 18.79
N LEU O 88 14.46 -23.45 18.20
CA LEU O 88 15.68 -23.12 18.94
C LEU O 88 15.96 -21.63 19.02
N TYR O 89 16.49 -21.21 20.14
CA TYR O 89 16.80 -19.80 20.47
C TYR O 89 18.11 -19.78 21.25
N ARG O 90 19.14 -19.15 20.66
CA ARG O 90 20.41 -19.00 21.37
C ARG O 90 20.21 -18.04 22.54
N ALA O 91 20.74 -18.43 23.70
CA ALA O 91 20.58 -17.64 24.90
C ALA O 91 21.79 -17.57 25.78
N PRO O 92 22.08 -16.39 26.39
CA PRO O 92 23.16 -16.34 27.39
C PRO O 92 22.70 -16.98 28.72
N VAL O 93 23.65 -17.55 29.45
CA VAL O 93 23.38 -18.09 30.78
C VAL O 93 24.19 -17.24 31.74
N VAL O 94 23.47 -16.47 32.54
CA VAL O 94 24.06 -15.51 33.46
C VAL O 94 23.97 -16.02 34.89
N THR O 95 25.12 -16.10 35.65
CA THR O 95 25.03 -16.53 37.05
C THR O 95 24.90 -15.27 37.91
N SER O 96 23.83 -15.17 38.69
CA SER O 96 23.46 -13.95 39.40
C SER O 96 23.49 -13.98 40.90
N LYS O 97 23.51 -12.79 41.51
CA LYS O 97 23.49 -12.60 42.95
C LYS O 97 22.32 -11.70 43.35
N ILE O 98 21.75 -11.93 44.53
CA ILE O 98 20.69 -11.06 45.07
C ILE O 98 21.26 -10.33 46.29
N VAL O 99 21.09 -9.00 46.30
CA VAL O 99 21.56 -8.11 47.35
C VAL O 99 20.43 -7.17 47.77
N SER O 100 20.25 -7.01 49.09
CA SER O 100 19.24 -6.14 49.67
C SER O 100 19.60 -4.63 49.45
N LYS O 101 18.58 -3.73 49.50
CA LYS O 101 18.72 -2.26 49.41
C LYS O 101 18.69 -1.64 50.83
N TYR P 5 36.46 -22.71 -3.35
CA TYR P 5 36.90 -21.92 -2.20
C TYR P 5 36.20 -22.35 -0.91
N GLN P 6 36.96 -22.42 0.19
CA GLN P 6 36.46 -22.73 1.52
C GLN P 6 36.99 -21.70 2.52
N PRO P 7 36.12 -20.95 3.25
CA PRO P 7 36.64 -19.96 4.22
C PRO P 7 37.28 -20.65 5.43
N PRO P 8 38.04 -19.93 6.26
CA PRO P 8 38.60 -20.52 7.47
C PRO P 8 37.56 -21.34 8.25
N SER P 9 38.01 -22.39 8.94
CA SER P 9 37.17 -23.28 9.74
C SER P 9 36.12 -22.62 10.66
N ASP P 10 36.41 -21.40 11.16
CA ASP P 10 35.57 -20.69 12.12
C ASP P 10 34.91 -19.40 11.58
N TYR P 11 34.81 -19.29 10.26
CA TYR P 11 34.19 -18.15 9.59
C TYR P 11 32.90 -18.57 8.91
N LYS P 12 31.85 -17.78 9.09
CA LYS P 12 30.55 -18.06 8.50
C LYS P 12 30.19 -16.88 7.61
N GLN P 13 29.64 -17.15 6.41
CA GLN P 13 29.25 -16.12 5.45
C GLN P 13 28.14 -15.22 5.96
N CYS P 14 28.24 -13.92 5.66
CA CYS P 14 27.24 -12.93 5.99
C CYS P 14 26.28 -12.93 4.80
N LYS P 15 25.09 -13.52 5.00
CA LYS P 15 24.07 -13.70 3.97
C LYS P 15 22.88 -12.72 4.06
N HIS P 16 22.84 -11.88 5.12
CA HIS P 16 21.76 -10.91 5.33
C HIS P 16 22.29 -9.48 5.42
N LEU P 17 22.98 -9.06 4.34
CA LEU P 17 23.62 -7.76 4.19
C LEU P 17 22.60 -6.63 4.10
N LYS P 18 22.70 -5.67 5.03
CA LYS P 18 21.78 -4.53 5.10
C LYS P 18 21.96 -3.60 3.90
N SER P 19 20.91 -2.86 3.54
CA SER P 19 20.89 -1.97 2.39
C SER P 19 21.75 -0.73 2.54
N PHE P 20 22.33 -0.27 1.41
CA PHE P 20 23.14 0.93 1.30
C PHE P 20 22.67 1.71 0.06
N PRO P 21 22.28 3.00 0.19
CA PRO P 21 21.78 3.72 -0.99
C PRO P 21 22.83 4.16 -2.00
N VAL P 22 23.13 3.25 -2.92
CA VAL P 22 24.06 3.36 -4.05
C VAL P 22 23.78 4.63 -4.86
N SER P 23 22.49 4.85 -5.19
CA SER P 23 21.95 5.97 -5.97
C SER P 23 22.33 7.34 -5.43
N GLU P 24 22.32 7.51 -4.09
CA GLU P 24 22.65 8.78 -3.40
C GLU P 24 24.08 9.28 -3.67
N LEU P 25 24.93 8.40 -4.24
CA LEU P 25 26.35 8.66 -4.54
C LEU P 25 26.73 9.44 -5.81
N LYS P 26 26.02 9.20 -6.93
CA LYS P 26 26.35 9.88 -8.19
C LYS P 26 26.01 11.37 -8.21
N GLY P 27 24.96 11.75 -7.48
CA GLY P 27 24.45 13.12 -7.35
C GLY P 27 25.41 14.10 -6.70
N ASP P 28 25.53 15.29 -7.30
CA ASP P 28 26.40 16.37 -6.83
C ASP P 28 26.31 16.78 -5.34
N ASN P 29 25.09 16.66 -4.79
CA ASN P 29 24.74 16.98 -3.41
C ASN P 29 25.22 16.20 -2.19
N LYS P 30 25.48 14.90 -2.37
CA LYS P 30 25.98 14.04 -1.30
C LYS P 30 27.51 13.82 -1.35
N GLU P 31 28.11 13.73 -0.17
CA GLU P 31 29.53 13.48 0.02
C GLU P 31 29.69 12.12 0.65
N LEU P 32 30.66 11.32 0.16
CA LEU P 32 30.99 10.01 0.71
C LEU P 32 32.20 10.16 1.64
N TRP P 33 32.00 9.79 2.92
CA TRP P 33 32.99 9.90 4.01
C TRP P 33 33.48 8.57 4.57
N LEU P 34 34.69 8.62 5.18
CA LEU P 34 35.34 7.55 5.94
C LEU P 34 35.83 8.19 7.24
N MSE P 35 35.50 7.54 8.37
CA MSE P 35 35.85 7.95 9.72
C MSE P 35 36.52 6.85 10.48
O MSE P 35 35.97 5.75 10.59
CB MSE P 35 34.62 8.41 10.50
CG MSE P 35 34.21 9.81 10.21
SE MSE P 35 32.28 10.03 10.36
CE MSE P 35 31.69 9.03 8.74
N LYS P 36 37.72 7.15 11.00
CA LYS P 36 38.50 6.29 11.87
C LYS P 36 38.25 6.86 13.29
N VAL P 37 37.63 6.07 14.15
CA VAL P 37 37.22 6.54 15.49
C VAL P 37 37.67 5.53 16.55
N PRO P 38 37.99 5.96 17.82
CA PRO P 38 38.34 4.97 18.85
C PRO P 38 37.21 3.98 19.08
N ALA P 39 37.55 2.69 19.32
CA ALA P 39 36.56 1.63 19.55
C ALA P 39 35.73 1.82 20.81
N ASN P 40 36.26 2.58 21.79
CA ASN P 40 35.55 2.83 23.03
C ASN P 40 34.41 3.84 22.97
N ILE P 41 34.22 4.51 21.82
CA ILE P 41 33.13 5.48 21.68
C ILE P 41 31.88 4.76 21.22
N ASP P 42 30.77 4.92 21.93
CA ASP P 42 29.51 4.29 21.55
C ASP P 42 28.74 5.26 20.67
N ILE P 43 28.90 5.09 19.35
CA ILE P 43 28.25 5.92 18.31
C ILE P 43 26.70 5.90 18.41
N SER P 44 26.12 4.75 18.80
CA SER P 44 24.66 4.59 18.94
C SER P 44 24.02 5.57 19.95
N GLN P 45 24.80 6.00 20.97
CA GLN P 45 24.35 6.93 22.00
C GLN P 45 24.45 8.39 21.55
N LEU P 46 25.18 8.64 20.44
CA LEU P 46 25.37 9.98 19.92
C LEU P 46 24.23 10.39 19.03
N LYS P 47 23.85 11.67 19.14
CA LYS P 47 22.78 12.27 18.34
C LYS P 47 23.39 13.17 17.25
N SER P 48 24.60 13.70 17.53
CA SER P 48 25.33 14.56 16.62
C SER P 48 26.86 14.37 16.70
N LEU P 49 27.57 14.68 15.60
CA LEU P 49 29.03 14.68 15.51
C LEU P 49 29.41 16.14 15.26
N PRO P 50 29.87 16.92 16.28
CA PRO P 50 30.20 18.34 16.02
C PRO P 50 31.57 18.54 15.31
N LEU P 51 31.85 17.75 14.22
CA LEU P 51 33.04 17.84 13.38
C LEU P 51 32.99 19.17 12.60
N ASP P 52 34.13 19.87 12.55
CA ASP P 52 34.24 21.11 11.79
C ASP P 52 34.77 20.67 10.43
N THR P 53 33.92 20.75 9.40
CA THR P 53 34.23 20.31 8.03
C THR P 53 35.17 21.26 7.23
N ASP P 54 35.56 22.40 7.81
CA ASP P 54 36.51 23.33 7.19
C ASP P 54 37.94 23.14 7.75
N ALA P 55 38.06 22.79 9.05
CA ALA P 55 39.34 22.55 9.74
C ALA P 55 40.04 21.25 9.35
N THR P 56 41.37 21.32 9.28
CA THR P 56 42.22 20.17 9.01
C THR P 56 42.48 19.48 10.34
N VAL P 57 42.70 20.28 11.39
CA VAL P 57 42.93 19.82 12.75
C VAL P 57 41.92 20.55 13.63
N SER P 58 41.19 19.84 14.45
CA SER P 58 40.21 20.41 15.37
C SER P 58 40.12 19.56 16.67
N THR P 59 39.12 19.84 17.52
CA THR P 59 38.83 19.10 18.75
C THR P 59 37.33 18.86 18.77
N VAL P 60 36.89 17.78 19.39
CA VAL P 60 35.48 17.48 19.43
C VAL P 60 35.10 16.90 20.78
N GLU P 61 33.93 17.31 21.27
CA GLU P 61 33.38 16.83 22.53
C GLU P 61 32.54 15.59 22.24
N LEU P 62 32.77 14.49 22.97
CA LEU P 62 31.97 13.26 22.88
C LEU P 62 31.84 12.77 24.31
N GLY P 63 30.60 12.49 24.73
CA GLY P 63 30.27 12.10 26.10
C GLY P 63 30.68 13.25 26.99
N SER P 64 31.83 13.07 27.65
CA SER P 64 32.47 14.07 28.50
C SER P 64 33.99 13.86 28.37
N LYS P 65 34.46 13.53 27.15
CA LYS P 65 35.88 13.26 26.88
C LYS P 65 36.47 14.13 25.73
N ASN P 66 37.83 14.32 25.76
CA ASN P 66 38.63 15.14 24.84
C ASN P 66 39.24 14.36 23.68
N PHE P 67 38.80 14.65 22.43
CA PHE P 67 39.31 13.96 21.25
C PHE P 67 39.88 14.91 20.20
N ASN P 68 41.06 14.59 19.68
CA ASN P 68 41.63 15.38 18.58
C ASN P 68 40.97 14.91 17.30
N VAL P 69 40.78 15.82 16.34
CA VAL P 69 40.18 15.49 15.04
C VAL P 69 41.10 15.88 13.89
N LEU P 70 41.34 14.98 12.93
CA LEU P 70 42.20 15.28 11.79
C LEU P 70 41.49 14.93 10.49
N GLN P 71 41.28 15.93 9.63
CA GLN P 71 40.64 15.73 8.32
C GLN P 71 41.78 15.30 7.40
N ASN P 72 42.04 14.00 7.37
CA ASN P 72 43.10 13.38 6.58
C ASN P 72 43.13 13.87 5.14
N THR P 73 41.93 14.02 4.50
CA THR P 73 41.76 14.47 3.11
C THR P 73 42.23 15.92 2.85
N SER P 74 42.58 16.64 3.92
CA SER P 74 43.11 17.99 3.86
C SER P 74 44.69 18.04 3.96
N THR P 75 45.37 16.85 4.06
CA THR P 75 46.85 16.71 4.14
C THR P 75 47.35 16.06 2.81
N GLN P 76 48.67 16.14 2.48
CA GLN P 76 49.16 15.51 1.25
C GLN P 76 49.21 13.97 1.31
N GLU P 77 49.29 13.42 2.54
CA GLU P 77 49.32 11.99 2.84
C GLU P 77 47.96 11.33 2.66
N GLY P 78 46.89 12.05 3.02
CA GLY P 78 45.52 11.57 2.96
C GLY P 78 44.70 12.07 1.77
N SER P 79 45.32 12.75 0.80
CA SER P 79 44.64 13.30 -0.37
C SER P 79 44.29 12.21 -1.38
N ASP P 80 45.15 11.19 -1.51
CA ASP P 80 44.98 10.09 -2.44
C ASP P 80 44.50 8.87 -1.67
N ASN P 81 43.29 8.38 -1.97
CA ASN P 81 42.76 7.19 -1.30
C ASN P 81 42.26 6.17 -2.34
N THR P 82 42.87 6.20 -3.54
CA THR P 82 42.55 5.33 -4.69
C THR P 82 42.93 3.87 -4.47
N ASN P 83 43.52 3.57 -3.30
CA ASN P 83 43.89 2.23 -2.87
C ASN P 83 42.68 1.58 -2.17
N LEU P 84 41.68 2.40 -1.77
CA LEU P 84 40.48 1.98 -1.04
C LEU P 84 39.27 1.83 -1.93
N SER P 85 38.74 0.60 -2.02
CA SER P 85 37.52 0.35 -2.80
C SER P 85 36.34 -0.02 -1.91
N LEU P 86 35.20 0.65 -2.12
CA LEU P 86 33.96 0.41 -1.37
C LEU P 86 33.15 -0.69 -2.06
N LEU P 87 32.90 -1.79 -1.36
CA LEU P 87 32.09 -2.88 -1.89
C LEU P 87 30.72 -2.79 -1.26
N ILE P 88 29.68 -2.80 -2.12
CA ILE P 88 28.28 -2.62 -1.73
C ILE P 88 27.43 -3.85 -2.06
N PRO P 89 26.40 -4.18 -1.24
CA PRO P 89 25.54 -5.32 -1.59
C PRO P 89 24.62 -4.98 -2.76
N SER P 90 24.54 -5.85 -3.78
CA SER P 90 23.67 -5.67 -4.95
C SER P 90 22.18 -5.82 -4.55
N GLU P 91 21.30 -4.98 -5.14
CA GLU P 91 19.86 -5.00 -4.84
C GLU P 91 19.14 -6.31 -5.22
N LYS P 92 19.77 -7.11 -6.10
CA LYS P 92 19.29 -8.39 -6.60
C LYS P 92 19.36 -9.44 -5.47
N LYS P 93 20.60 -9.80 -5.07
CA LYS P 93 20.89 -10.74 -4.00
C LYS P 93 21.83 -10.09 -2.99
N LYS P 94 21.27 -9.63 -1.85
CA LYS P 94 22.02 -8.99 -0.76
C LYS P 94 22.72 -10.13 0.05
N GLU P 95 23.51 -10.93 -0.69
CA GLU P 95 24.27 -12.12 -0.30
C GLU P 95 25.67 -12.02 -0.93
N THR P 96 25.77 -11.20 -1.98
CA THR P 96 27.00 -10.92 -2.74
C THR P 96 27.24 -9.40 -2.85
N LEU P 97 28.52 -9.01 -2.91
CA LEU P 97 28.93 -7.61 -3.01
C LEU P 97 29.65 -7.33 -4.32
N LYS P 98 29.59 -6.09 -4.79
CA LYS P 98 30.26 -5.62 -6.01
C LYS P 98 30.87 -4.26 -5.71
N VAL P 99 31.87 -3.83 -6.49
CA VAL P 99 32.55 -2.53 -6.32
C VAL P 99 31.60 -1.40 -6.73
N ALA P 100 31.48 -0.37 -5.89
CA ALA P 100 30.66 0.80 -6.19
C ALA P 100 31.33 1.62 -7.30
N THR P 101 30.57 1.89 -8.37
CA THR P 101 31.05 2.65 -9.53
C THR P 101 30.09 3.79 -9.92
N SER P 102 30.61 4.76 -10.68
CA SER P 102 29.88 5.93 -11.19
C SER P 102 29.50 5.73 -12.67
N LYS P 103 29.03 6.81 -13.32
CA LYS P 103 28.69 6.86 -14.76
C LYS P 103 29.98 6.83 -15.61
N ASP P 104 31.11 7.21 -14.97
CA ASP P 104 32.48 7.27 -15.48
C ASP P 104 33.15 5.86 -15.43
N ASN P 105 32.46 4.88 -14.80
CA ASN P 105 32.85 3.48 -14.64
C ASN P 105 34.18 3.22 -13.93
N LYS P 106 34.73 4.26 -13.28
CA LYS P 106 35.97 4.16 -12.51
C LYS P 106 35.56 4.23 -11.02
N SER P 107 36.08 3.31 -10.20
CA SER P 107 35.71 3.15 -8.79
C SER P 107 35.45 4.42 -7.95
N VAL P 108 34.38 4.36 -7.15
CA VAL P 108 33.92 5.41 -6.22
C VAL P 108 35.02 5.64 -5.19
N TYR P 109 35.30 6.93 -4.87
CA TYR P 109 36.33 7.33 -3.92
C TYR P 109 35.76 8.22 -2.84
N PHE P 110 36.41 8.20 -1.66
CA PHE P 110 35.98 9.00 -0.51
C PHE P 110 36.26 10.46 -0.76
N ASP P 111 35.25 11.29 -0.52
CA ASP P 111 35.34 12.74 -0.68
C ASP P 111 36.08 13.30 0.53
N ARG P 112 35.77 12.76 1.73
CA ARG P 112 36.39 13.12 3.01
C ARG P 112 36.77 11.88 3.84
N VAL P 113 37.87 11.99 4.60
CA VAL P 113 38.37 10.98 5.52
C VAL P 113 38.73 11.72 6.82
N PHE P 114 38.10 11.34 7.95
CA PHE P 114 38.29 11.96 9.28
C PHE P 114 38.81 10.96 10.28
N THR P 115 39.72 11.42 11.18
CA THR P 115 40.26 10.57 12.25
C THR P 115 40.06 11.23 13.57
N ILE P 116 39.43 10.50 14.46
CA ILE P 116 39.14 10.95 15.81
C ILE P 116 40.03 10.13 16.71
N SER P 117 40.90 10.79 17.46
CA SER P 117 41.85 10.14 18.34
C SER P 117 41.82 10.71 19.76
N GLU P 118 42.20 9.90 20.73
CA GLU P 118 42.26 10.32 22.13
C GLU P 118 43.45 11.24 22.35
N THR P 119 43.36 12.09 23.35
CA THR P 119 44.44 12.99 23.66
C THR P 119 45.49 12.18 24.45
N ALA P 120 46.75 12.60 24.42
CA ALA P 120 47.82 11.94 25.12
C ALA P 120 47.59 11.92 26.62
N ARG P 121 47.78 10.73 27.26
CA ARG P 121 47.67 10.52 28.70
C ARG P 121 48.80 9.66 29.18
N ILE P 122 49.07 9.68 30.48
CA ILE P 122 50.05 8.85 31.07
C ILE P 122 49.41 7.82 32.00
N PRO P 123 48.87 6.71 31.40
CA PRO P 123 48.24 5.66 32.20
C PRO P 123 49.34 5.12 33.01
#